data_2AWO
#
_entry.id   2AWO
#
_cell.length_a   70.213
_cell.length_b   101.975
_cell.length_c   131.503
_cell.angle_alpha   90.00
_cell.angle_beta   90.73
_cell.angle_gamma   90.00
#
_symmetry.space_group_name_H-M   'P 1 21 1'
#
loop_
_entity.id
_entity.type
_entity.pdbx_description
1 polymer 'Maltose/maltodextrin import ATP-binding protein malK'
2 non-polymer 'MAGNESIUM ION'
3 non-polymer "ADENOSINE-5'-DIPHOSPHATE"
#
_entity_poly.entity_id   1
_entity_poly.type   'polypeptide(L)'
_entity_poly.pdbx_seq_one_letter_code
;MASVQLQNVTKAWGEVVVSKDINLDIHEGEFVVFVGPSGCGKSTLLRMIAGLETITSGDLFIGEKRMNDTPPAERGVGMV
FQSYALYPHLSVAENMSFGLKLAGAKKEVINQRVNQVAEVLQLAHLLDRKPKALSGGQRQRVAIGRTLVAEPSVFLLDEP
LSNLDAALRVQMRIEISRLHKRLGRTMIYVTHDQVEAMTLADKIVVLDAGRVAQVGKPLELYHYPADRFVAGFIGSPKMN
FLPVKVTATAIDQVQVELPMPNRQQVWLPVESRDVQVGANMSLGIRPEHLLPSDIADVILEGEVQVVEQLGNETQIHIQI
PSIRQNLVYRQNDVVLVEEGATFAIGLPPERCHLFREDGTACRRLHKEPGVASASHHHHHH
;
_entity_poly.pdbx_strand_id   A,B,C,D
#
loop_
_chem_comp.id
_chem_comp.type
_chem_comp.name
_chem_comp.formula
ADP non-polymer ADENOSINE-5'-DIPHOSPHATE 'C10 H15 N5 O10 P2'
MG non-polymer 'MAGNESIUM ION' 'Mg 2'
#
# COMPACT_ATOMS: atom_id res chain seq x y z
N ALA A 2 -7.10 -5.72 25.53
CA ALA A 2 -7.75 -4.83 26.52
C ALA A 2 -7.51 -5.35 27.93
N SER A 3 -6.31 -5.88 28.15
CA SER A 3 -5.91 -6.42 29.45
C SER A 3 -6.67 -7.69 29.85
N VAL A 4 -5.94 -8.79 29.97
CA VAL A 4 -6.55 -10.05 30.36
C VAL A 4 -5.73 -10.66 31.47
N GLN A 5 -6.41 -11.08 32.53
CA GLN A 5 -5.69 -11.66 33.64
C GLN A 5 -6.30 -12.95 34.12
N LEU A 6 -5.45 -13.95 34.29
CA LEU A 6 -5.88 -15.24 34.79
C LEU A 6 -5.21 -15.45 36.12
N GLN A 7 -6.01 -15.68 37.17
CA GLN A 7 -5.50 -15.88 38.52
C GLN A 7 -5.88 -17.25 39.04
N ASN A 8 -4.88 -18.13 39.13
CA ASN A 8 -5.10 -19.48 39.60
C ASN A 8 -6.24 -20.16 38.85
N VAL A 9 -6.35 -19.88 37.56
CA VAL A 9 -7.39 -20.48 36.75
C VAL A 9 -7.09 -21.96 36.61
N THR A 10 -8.12 -22.78 36.74
CA THR A 10 -7.98 -24.22 36.67
C THR A 10 -9.19 -24.83 36.01
N LYS A 11 -8.95 -25.83 35.16
CA LYS A 11 -10.03 -26.50 34.47
C LYS A 11 -9.93 -28.00 34.70
N ALA A 12 -11.05 -28.60 35.05
CA ALA A 12 -11.10 -30.03 35.32
C ALA A 12 -12.29 -30.70 34.65
N TRP A 13 -12.02 -31.82 33.97
CA TRP A 13 -13.05 -32.60 33.30
C TRP A 13 -13.14 -33.91 34.05
N GLY A 14 -14.00 -33.93 35.06
CA GLY A 14 -14.13 -35.12 35.87
C GLY A 14 -13.06 -35.03 36.94
N GLU A 15 -12.04 -35.88 36.83
CA GLU A 15 -10.95 -35.89 37.80
C GLU A 15 -9.61 -35.50 37.16
N VAL A 16 -9.60 -35.28 35.85
CA VAL A 16 -8.37 -34.88 35.16
C VAL A 16 -8.27 -33.36 35.15
N VAL A 17 -7.04 -32.86 35.12
CA VAL A 17 -6.81 -31.42 35.10
C VAL A 17 -6.11 -31.04 33.81
N VAL A 18 -6.82 -30.33 32.96
CA VAL A 18 -6.27 -29.88 31.69
C VAL A 18 -5.54 -28.56 31.85
N SER A 19 -5.99 -27.77 32.81
CA SER A 19 -5.38 -26.49 33.11
C SER A 19 -5.14 -26.46 34.61
N LYS A 20 -3.87 -26.37 34.99
CA LYS A 20 -3.51 -26.37 36.40
C LYS A 20 -3.04 -25.04 36.96
N ASP A 21 -3.83 -24.48 37.86
CA ASP A 21 -3.47 -23.23 38.53
C ASP A 21 -2.68 -22.25 37.66
N ILE A 22 -3.21 -21.88 36.50
CA ILE A 22 -2.48 -20.98 35.64
C ILE A 22 -2.63 -19.49 35.99
N ASN A 23 -1.49 -18.79 36.04
CA ASN A 23 -1.44 -17.36 36.35
C ASN A 23 -0.79 -16.61 35.21
N LEU A 24 -1.55 -15.75 34.54
CA LEU A 24 -1.05 -14.99 33.40
C LEU A 24 -1.50 -13.54 33.51
N ASP A 25 -0.61 -12.63 33.18
CA ASP A 25 -0.95 -11.21 33.20
C ASP A 25 -0.66 -10.63 31.80
N ILE A 26 -1.71 -10.51 30.99
CA ILE A 26 -1.59 -9.98 29.65
C ILE A 26 -1.97 -8.49 29.62
N HIS A 27 -1.00 -7.66 29.25
CA HIS A 27 -1.22 -6.21 29.19
C HIS A 27 -1.85 -5.71 27.89
N GLU A 28 -2.37 -4.49 27.95
CA GLU A 28 -3.00 -3.86 26.80
C GLU A 28 -2.09 -3.83 25.58
N GLY A 29 -2.65 -4.18 24.43
CA GLY A 29 -1.89 -4.17 23.19
C GLY A 29 -0.86 -5.26 23.05
N GLU A 30 -0.66 -6.03 24.11
CA GLU A 30 0.32 -7.10 24.09
C GLU A 30 -0.09 -8.22 23.13
N PHE A 31 0.88 -8.79 22.44
CA PHE A 31 0.62 -9.90 21.54
C PHE A 31 1.20 -11.12 22.28
N VAL A 32 0.32 -11.94 22.82
CA VAL A 32 0.73 -13.12 23.57
C VAL A 32 0.46 -14.43 22.85
N VAL A 33 1.42 -15.34 22.90
CA VAL A 33 1.23 -16.64 22.27
C VAL A 33 1.33 -17.81 23.26
N PHE A 34 0.34 -18.68 23.22
CA PHE A 34 0.36 -19.87 24.06
C PHE A 34 0.97 -20.94 23.14
N VAL A 35 2.07 -21.52 23.57
CA VAL A 35 2.72 -22.57 22.77
C VAL A 35 2.85 -23.86 23.55
N GLY A 36 2.66 -24.97 22.86
CA GLY A 36 2.79 -26.25 23.51
C GLY A 36 2.44 -27.34 22.55
N PRO A 37 2.81 -28.58 22.88
CA PRO A 37 2.53 -29.74 22.03
C PRO A 37 1.03 -30.08 21.92
N SER A 38 0.72 -30.95 20.97
CA SER A 38 -0.65 -31.42 20.71
C SER A 38 -1.68 -30.93 21.71
N GLY A 39 -2.16 -31.81 22.57
CA GLY A 39 -3.18 -31.43 23.55
C GLY A 39 -2.68 -30.92 24.89
N CYS A 40 -1.82 -29.91 24.87
CA CYS A 40 -1.28 -29.36 26.11
C CYS A 40 -2.29 -28.46 26.82
N GLY A 41 -3.39 -28.14 26.14
CA GLY A 41 -4.42 -27.31 26.74
C GLY A 41 -4.58 -25.91 26.20
N LYS A 42 -3.98 -25.63 25.05
CA LYS A 42 -4.08 -24.30 24.45
C LYS A 42 -5.52 -23.88 24.14
N SER A 43 -6.26 -24.74 23.44
CA SER A 43 -7.63 -24.42 23.10
C SER A 43 -8.51 -24.25 24.33
N THR A 44 -8.36 -25.14 25.32
CA THR A 44 -9.15 -25.02 26.53
C THR A 44 -8.99 -23.64 27.14
N LEU A 45 -7.75 -23.14 27.21
CA LEU A 45 -7.50 -21.83 27.76
C LEU A 45 -8.26 -20.75 27.00
N LEU A 46 -8.09 -20.72 25.68
CA LEU A 46 -8.79 -19.73 24.88
C LEU A 46 -10.27 -19.79 25.13
N ARG A 47 -10.82 -21.01 25.11
CA ARG A 47 -12.25 -21.19 25.35
C ARG A 47 -12.70 -20.65 26.70
N MET A 48 -11.89 -20.85 27.75
CA MET A 48 -12.27 -20.35 29.06
C MET A 48 -12.28 -18.82 29.04
N ILE A 49 -11.33 -18.22 28.33
CA ILE A 49 -11.27 -16.77 28.25
C ILE A 49 -12.46 -16.24 27.46
N ALA A 50 -12.86 -16.98 26.44
CA ALA A 50 -13.98 -16.59 25.59
C ALA A 50 -15.32 -16.85 26.27
N GLY A 51 -15.34 -17.82 27.18
CA GLY A 51 -16.58 -18.13 27.86
C GLY A 51 -17.30 -19.30 27.25
N LEU A 52 -16.62 -20.00 26.33
CA LEU A 52 -17.20 -21.17 25.68
C LEU A 52 -16.93 -22.42 26.51
N GLU A 53 -16.35 -22.19 27.69
CA GLU A 53 -16.02 -23.25 28.62
C GLU A 53 -16.00 -22.60 29.99
N THR A 54 -16.32 -23.36 31.03
CA THR A 54 -16.34 -22.80 32.38
C THR A 54 -15.01 -22.99 33.09
N ILE A 55 -14.73 -22.05 33.99
CA ILE A 55 -13.51 -22.05 34.79
C ILE A 55 -13.86 -22.72 36.11
N THR A 56 -13.46 -23.99 36.26
CA THR A 56 -13.78 -24.71 37.48
C THR A 56 -13.25 -24.05 38.75
N SER A 57 -12.28 -23.15 38.59
CA SER A 57 -11.72 -22.47 39.75
C SER A 57 -10.77 -21.35 39.36
N GLY A 58 -10.69 -20.33 40.19
CA GLY A 58 -9.81 -19.21 39.90
C GLY A 58 -10.58 -18.07 39.26
N ASP A 59 -9.91 -16.95 39.04
CA ASP A 59 -10.60 -15.80 38.46
C ASP A 59 -10.02 -15.33 37.15
N LEU A 60 -10.93 -14.91 36.28
CA LEU A 60 -10.62 -14.39 34.96
C LEU A 60 -11.03 -12.94 35.03
N PHE A 61 -10.25 -12.11 34.37
CA PHE A 61 -10.42 -10.70 34.50
C PHE A 61 -10.09 -9.99 33.17
N ILE A 62 -11.13 -9.61 32.42
CA ILE A 62 -10.95 -8.92 31.14
C ILE A 62 -11.20 -7.42 31.36
N GLY A 63 -10.13 -6.66 31.28
CA GLY A 63 -10.23 -5.23 31.48
C GLY A 63 -10.07 -4.89 32.94
N GLU A 64 -11.13 -5.11 33.71
CA GLU A 64 -11.11 -4.83 35.14
C GLU A 64 -12.24 -5.57 35.82
N LYS A 65 -13.04 -6.27 35.01
CA LYS A 65 -14.17 -7.01 35.55
C LYS A 65 -13.98 -8.51 35.47
N ARG A 66 -14.48 -9.21 36.49
CA ARG A 66 -14.42 -10.67 36.58
C ARG A 66 -15.41 -11.26 35.57
N MET A 67 -14.87 -11.87 34.52
CA MET A 67 -15.69 -12.43 33.46
C MET A 67 -16.16 -13.87 33.67
N ASN A 68 -15.61 -14.55 34.68
CA ASN A 68 -16.00 -15.93 34.92
C ASN A 68 -17.46 -16.17 34.55
N ASP A 69 -18.35 -15.47 35.24
CA ASP A 69 -19.78 -15.60 34.98
C ASP A 69 -20.27 -14.43 34.13
N THR A 70 -20.05 -14.54 32.83
CA THR A 70 -20.45 -13.51 31.87
C THR A 70 -20.64 -14.15 30.50
N PRO A 71 -21.78 -13.87 29.84
CA PRO A 71 -22.01 -14.48 28.52
C PRO A 71 -20.93 -14.09 27.52
N PRO A 72 -20.45 -15.07 26.75
CA PRO A 72 -19.40 -14.91 25.73
C PRO A 72 -19.49 -13.64 24.89
N ALA A 73 -20.71 -13.29 24.47
CA ALA A 73 -20.94 -12.12 23.64
C ALA A 73 -20.78 -10.77 24.36
N GLU A 74 -20.71 -10.80 25.68
CA GLU A 74 -20.57 -9.57 26.44
C GLU A 74 -19.19 -9.39 27.04
N ARG A 75 -18.20 -10.11 26.53
CA ARG A 75 -16.85 -10.02 27.08
C ARG A 75 -15.91 -9.08 26.34
N GLY A 76 -16.25 -8.72 25.11
CA GLY A 76 -15.39 -7.83 24.34
C GLY A 76 -14.28 -8.59 23.64
N VAL A 77 -14.55 -9.85 23.35
CA VAL A 77 -13.55 -10.68 22.68
C VAL A 77 -14.05 -11.16 21.32
N GLY A 78 -13.10 -11.33 20.41
CA GLY A 78 -13.40 -11.81 19.09
C GLY A 78 -12.55 -13.05 18.93
N MET A 79 -13.09 -14.10 18.34
CA MET A 79 -12.30 -15.31 18.19
C MET A 79 -12.31 -15.87 16.79
N VAL A 80 -11.11 -16.19 16.31
CA VAL A 80 -10.87 -16.73 14.97
C VAL A 80 -10.16 -18.09 15.02
N PHE A 81 -10.57 -19.02 14.17
CA PHE A 81 -9.93 -20.33 14.12
C PHE A 81 -10.08 -21.08 12.79
N GLN A 82 -8.94 -21.20 12.10
CA GLN A 82 -8.82 -21.87 10.79
C GLN A 82 -10.10 -22.17 10.02
N SER A 83 -10.88 -21.11 9.77
CA SER A 83 -12.28 -21.60 9.21
C SER A 83 -12.81 -20.34 8.54
N TYR A 84 -11.95 -19.68 7.77
CA TYR A 84 -12.37 -18.45 7.10
C TYR A 84 -13.51 -18.65 6.12
N ALA A 85 -14.61 -17.94 6.36
CA ALA A 85 -15.80 -18.01 5.53
C ALA A 85 -16.32 -16.59 5.31
N LEU A 86 -16.95 -16.36 4.17
CA LEU A 86 -17.51 -15.06 3.86
C LEU A 86 -18.97 -15.24 3.44
N TYR A 87 -19.41 -14.46 2.46
CA TYR A 87 -20.77 -14.58 1.99
C TYR A 87 -20.83 -14.90 0.50
N PRO A 88 -21.76 -15.81 0.11
CA PRO A 88 -21.91 -16.21 -1.30
C PRO A 88 -22.24 -15.04 -2.22
N HIS A 89 -22.73 -13.93 -1.64
CA HIS A 89 -23.06 -12.74 -2.40
C HIS A 89 -21.74 -11.99 -2.60
N LEU A 90 -20.70 -12.53 -1.97
CA LEU A 90 -19.34 -12.00 -2.00
C LEU A 90 -19.26 -10.49 -1.74
N SER A 91 -18.10 -9.91 -2.08
CA SER A 91 -17.81 -8.48 -1.90
C SER A 91 -17.09 -8.23 -0.57
N VAL A 92 -15.79 -7.92 -0.65
CA VAL A 92 -15.09 -7.37 0.55
C VAL A 92 -15.76 -6.33 1.46
N ALA A 93 -16.19 -5.21 0.88
CA ALA A 93 -16.85 -4.15 1.65
C ALA A 93 -18.12 -4.69 2.32
N GLU A 94 -18.93 -5.39 1.54
CA GLU A 94 -20.16 -5.98 2.05
C GLU A 94 -19.83 -6.92 3.21
N ASN A 95 -18.83 -7.77 3.02
CA ASN A 95 -18.40 -8.68 4.09
C ASN A 95 -17.81 -7.72 5.12
N MET A 96 -16.92 -8.20 5.98
CA MET A 96 -16.32 -7.32 6.98
C MET A 96 -17.39 -6.57 7.78
N SER A 97 -18.64 -6.98 7.62
CA SER A 97 -19.73 -6.30 8.31
C SER A 97 -20.82 -7.27 8.75
N PHE A 98 -20.41 -8.49 9.08
CA PHE A 98 -21.36 -9.51 9.53
C PHE A 98 -22.11 -8.97 10.74
N GLY A 99 -21.44 -8.16 11.53
CA GLY A 99 -22.05 -7.61 12.72
C GLY A 99 -22.57 -6.19 12.56
N LEU A 100 -21.70 -5.29 12.10
CA LEU A 100 -22.07 -3.89 11.92
C LEU A 100 -23.41 -3.63 11.24
N LYS A 101 -23.59 -4.16 10.04
CA LYS A 101 -24.85 -3.96 9.30
C LYS A 101 -26.06 -4.48 10.08
N LEU A 102 -26.08 -5.79 10.42
CA LEU A 102 -27.20 -6.37 11.17
C LEU A 102 -27.65 -5.63 12.42
N ALA A 103 -26.83 -4.70 12.92
CA ALA A 103 -27.17 -3.94 14.11
C ALA A 103 -27.16 -2.42 13.90
N GLY A 104 -27.68 -1.98 12.76
CA GLY A 104 -27.73 -0.56 12.47
C GLY A 104 -26.34 0.06 12.54
N ALA A 105 -25.98 0.55 13.72
CA ALA A 105 -24.68 1.18 13.93
C ALA A 105 -24.39 2.26 12.88
N LYS A 106 -25.44 2.76 12.25
CA LYS A 106 -25.32 3.80 11.22
C LYS A 106 -24.51 3.40 9.99
N LYS A 107 -24.40 4.34 9.06
CA LYS A 107 -24.19 3.74 7.59
C LYS A 107 -22.92 4.60 7.39
N GLU A 108 -22.70 5.55 8.29
CA GLU A 108 -21.52 6.41 8.21
C GLU A 108 -20.42 5.72 9.02
N VAL A 109 -20.84 5.01 10.06
CA VAL A 109 -19.94 4.29 10.95
C VAL A 109 -19.45 3.00 10.31
N ILE A 110 -20.37 2.21 9.75
CA ILE A 110 -20.00 0.94 9.14
C ILE A 110 -19.02 1.17 7.98
N ASN A 111 -19.02 2.39 7.46
CA ASN A 111 -18.13 2.75 6.35
C ASN A 111 -16.74 3.10 6.86
N GLN A 112 -16.68 3.85 7.96
CA GLN A 112 -15.41 4.26 8.55
C GLN A 112 -14.65 3.07 9.14
N ARG A 113 -15.37 2.12 9.72
CA ARG A 113 -14.74 0.93 10.30
C ARG A 113 -14.18 0.12 9.14
N VAL A 114 -15.05 -0.24 8.19
CA VAL A 114 -14.65 -1.03 7.03
C VAL A 114 -13.56 -0.34 6.20
N ASN A 115 -13.64 0.97 6.08
CA ASN A 115 -12.65 1.72 5.31
C ASN A 115 -11.39 1.93 6.12
N GLN A 116 -11.49 1.74 7.43
CA GLN A 116 -10.35 1.92 8.31
C GLN A 116 -9.57 0.62 8.48
N VAL A 117 -10.11 -0.46 7.92
CA VAL A 117 -9.44 -1.76 8.01
C VAL A 117 -9.11 -2.18 6.58
N ALA A 118 -9.35 -1.27 5.65
CA ALA A 118 -9.10 -1.51 4.23
C ALA A 118 -7.62 -1.22 3.90
N GLU A 119 -7.35 -0.01 3.39
CA GLU A 119 -5.99 0.40 3.05
C GLU A 119 -5.20 0.24 4.33
N VAL A 120 -5.94 0.28 5.43
CA VAL A 120 -5.40 0.12 6.76
C VAL A 120 -5.50 -1.37 7.04
N LEU A 121 -4.74 -2.15 6.28
CA LEU A 121 -4.70 -3.62 6.38
C LEU A 121 -4.22 -4.14 5.03
N GLN A 122 -3.81 -3.21 4.16
CA GLN A 122 -3.72 -3.54 2.70
C GLN A 122 -4.90 -4.17 1.99
N LEU A 123 -6.06 -3.51 2.06
CA LEU A 123 -7.26 -4.06 1.42
C LEU A 123 -8.21 -3.01 0.84
N ALA A 124 -7.77 -1.75 0.77
CA ALA A 124 -8.61 -0.67 0.25
C ALA A 124 -8.79 -0.74 -1.26
N HIS A 125 -7.77 -1.26 -1.93
CA HIS A 125 -7.80 -1.39 -3.39
C HIS A 125 -8.53 -2.64 -3.81
N LEU A 126 -9.19 -3.29 -2.84
CA LEU A 126 -9.94 -4.51 -3.13
C LEU A 126 -11.23 -4.52 -2.33
N LEU A 127 -11.50 -3.41 -1.65
CA LEU A 127 -12.71 -3.25 -0.82
C LEU A 127 -13.94 -3.67 -1.61
N ASP A 128 -14.00 -3.27 -2.87
CA ASP A 128 -15.12 -3.60 -3.73
C ASP A 128 -14.78 -4.79 -4.63
N ARG A 129 -13.95 -5.68 -4.11
CA ARG A 129 -13.54 -6.86 -4.84
C ARG A 129 -14.15 -8.06 -4.13
N LYS A 130 -14.47 -9.11 -4.89
CA LYS A 130 -15.07 -10.31 -4.32
C LYS A 130 -14.02 -11.41 -4.13
N PRO A 131 -14.32 -12.41 -3.27
CA PRO A 131 -13.39 -13.51 -3.04
C PRO A 131 -13.31 -14.39 -4.27
N LYS A 132 -13.92 -13.91 -5.35
CA LYS A 132 -13.96 -14.60 -6.62
C LYS A 132 -12.59 -14.42 -7.30
N ALA A 133 -11.84 -13.46 -6.78
CA ALA A 133 -10.49 -13.18 -7.28
C ALA A 133 -9.54 -13.97 -6.39
N LEU A 134 -9.74 -15.29 -6.35
CA LEU A 134 -8.95 -16.22 -5.55
C LEU A 134 -8.37 -15.57 -4.28
N SER A 135 -7.23 -14.89 -4.42
CA SER A 135 -6.51 -14.19 -3.33
C SER A 135 -6.29 -14.94 -2.01
N GLY A 136 -6.57 -16.22 -1.89
CA GLY A 136 -6.36 -17.06 -0.67
C GLY A 136 -5.81 -16.42 0.65
N GLY A 137 -4.67 -15.72 0.60
CA GLY A 137 -4.08 -15.17 1.80
C GLY A 137 -4.74 -13.86 2.18
N GLN A 138 -5.24 -13.12 1.19
CA GLN A 138 -5.92 -11.87 1.45
C GLN A 138 -7.31 -12.18 1.97
N ARG A 139 -7.89 -13.29 1.49
CA ARG A 139 -9.21 -13.71 1.92
C ARG A 139 -9.15 -14.13 3.38
N GLN A 140 -7.93 -14.21 3.89
CA GLN A 140 -7.69 -14.55 5.28
C GLN A 140 -7.72 -13.22 6.03
N ARG A 141 -7.27 -12.16 5.36
CA ARG A 141 -7.21 -10.81 5.92
C ARG A 141 -8.57 -10.13 6.04
N VAL A 142 -9.53 -10.57 5.23
CA VAL A 142 -10.88 -9.99 5.27
C VAL A 142 -11.68 -10.72 6.35
N ALA A 143 -11.36 -12.00 6.54
CA ALA A 143 -12.02 -12.80 7.57
C ALA A 143 -11.60 -12.15 8.88
N ILE A 144 -10.30 -11.86 8.98
CA ILE A 144 -9.71 -11.21 10.14
C ILE A 144 -10.28 -9.80 10.26
N GLY A 145 -10.33 -9.12 9.12
CA GLY A 145 -10.86 -7.77 9.07
C GLY A 145 -12.25 -7.67 9.64
N ARG A 146 -13.07 -8.68 9.36
CA ARG A 146 -14.43 -8.70 9.88
C ARG A 146 -14.38 -8.78 11.40
N THR A 147 -13.50 -9.65 11.91
CA THR A 147 -13.36 -9.79 13.35
C THR A 147 -12.87 -8.46 13.93
N LEU A 148 -11.96 -7.81 13.21
CA LEU A 148 -11.42 -6.53 13.64
C LEU A 148 -12.51 -5.45 13.72
N VAL A 149 -13.17 -5.18 12.59
CA VAL A 149 -14.23 -4.15 12.57
C VAL A 149 -15.23 -4.40 13.68
N ALA A 150 -15.13 -5.57 14.31
CA ALA A 150 -16.00 -5.89 15.40
C ALA A 150 -15.55 -5.07 16.60
N GLU A 151 -14.33 -4.54 16.50
CA GLU A 151 -13.74 -3.70 17.53
C GLU A 151 -13.54 -4.41 18.88
N PRO A 152 -13.39 -5.75 18.88
CA PRO A 152 -13.20 -6.48 20.14
C PRO A 152 -12.07 -5.95 21.01
N SER A 153 -12.28 -5.97 22.32
CA SER A 153 -11.25 -5.49 23.26
C SER A 153 -10.03 -6.39 23.13
N VAL A 154 -10.25 -7.70 23.11
CA VAL A 154 -9.14 -8.65 22.96
C VAL A 154 -9.36 -9.54 21.73
N PHE A 155 -8.25 -10.01 21.17
CA PHE A 155 -8.26 -10.83 19.97
C PHE A 155 -7.73 -12.26 20.16
N LEU A 156 -8.60 -13.23 19.93
CA LEU A 156 -8.27 -14.65 20.06
C LEU A 156 -8.03 -15.30 18.68
N LEU A 157 -7.10 -16.24 18.61
CA LEU A 157 -6.79 -16.94 17.38
C LEU A 157 -6.21 -18.31 17.72
N ASP A 158 -6.85 -19.38 17.26
CA ASP A 158 -6.39 -20.74 17.53
C ASP A 158 -5.81 -21.38 16.27
N GLU A 159 -4.48 -21.46 16.21
CA GLU A 159 -3.79 -22.06 15.06
C GLU A 159 -4.39 -21.67 13.72
N PRO A 160 -4.54 -20.36 13.47
CA PRO A 160 -5.12 -19.85 12.22
C PRO A 160 -4.42 -20.23 10.92
N LEU A 161 -3.10 -20.44 10.97
CA LEU A 161 -2.34 -20.77 9.78
C LEU A 161 -2.23 -22.26 9.47
N SER A 162 -2.92 -23.07 10.26
CA SER A 162 -2.90 -24.52 10.13
C SER A 162 -3.20 -25.12 8.74
N ASN A 163 -4.13 -24.52 8.01
CA ASN A 163 -4.53 -25.04 6.71
C ASN A 163 -3.77 -24.48 5.51
N LEU A 164 -2.65 -23.81 5.74
CA LEU A 164 -1.91 -23.20 4.64
C LEU A 164 -0.62 -23.90 4.24
N ASP A 165 -0.17 -23.62 3.02
CA ASP A 165 1.09 -24.18 2.54
C ASP A 165 2.18 -23.42 3.28
N ALA A 166 3.33 -24.06 3.46
CA ALA A 166 4.45 -23.44 4.15
C ALA A 166 4.70 -22.02 3.65
N ALA A 167 4.71 -21.84 2.33
CA ALA A 167 4.95 -20.53 1.74
C ALA A 167 3.94 -19.49 2.22
N LEU A 168 2.66 -19.87 2.19
CA LEU A 168 1.58 -18.98 2.62
C LEU A 168 1.69 -18.75 4.10
N ARG A 169 1.89 -19.84 4.83
CA ARG A 169 2.02 -19.79 6.29
C ARG A 169 3.04 -18.73 6.67
N VAL A 170 4.13 -18.66 5.92
CA VAL A 170 5.20 -17.69 6.14
C VAL A 170 4.77 -16.24 5.90
N GLN A 171 4.10 -15.99 4.78
CA GLN A 171 3.65 -14.65 4.45
C GLN A 171 2.58 -14.17 5.42
N MET A 172 1.72 -15.09 5.82
CA MET A 172 0.64 -14.77 6.74
C MET A 172 1.17 -14.26 8.08
N ARG A 173 2.26 -14.85 8.54
CA ARG A 173 2.88 -14.44 9.80
C ARG A 173 3.25 -12.97 9.72
N ILE A 174 3.99 -12.61 8.67
CA ILE A 174 4.41 -11.24 8.46
C ILE A 174 3.19 -10.32 8.42
N GLU A 175 2.16 -10.79 7.75
CA GLU A 175 0.92 -10.05 7.61
C GLU A 175 0.28 -9.81 8.97
N ILE A 176 0.18 -10.86 9.77
CA ILE A 176 -0.40 -10.76 11.09
C ILE A 176 0.44 -9.86 12.00
N SER A 177 1.74 -9.85 11.77
CA SER A 177 2.62 -9.00 12.56
C SER A 177 2.33 -7.55 12.24
N ARG A 178 2.34 -7.23 10.95
CA ARG A 178 2.07 -5.88 10.51
C ARG A 178 0.71 -5.47 11.03
N LEU A 179 -0.30 -6.32 10.81
CA LEU A 179 -1.64 -6.04 11.26
C LEU A 179 -1.63 -5.62 12.72
N HIS A 180 -0.83 -6.32 13.53
CA HIS A 180 -0.73 -6.04 14.96
C HIS A 180 -0.06 -4.70 15.22
N LYS A 181 0.86 -4.31 14.34
CA LYS A 181 1.54 -3.03 14.50
C LYS A 181 0.54 -1.90 14.24
N ARG A 182 -0.21 -1.98 13.16
CA ARG A 182 -1.19 -0.94 12.86
C ARG A 182 -2.13 -0.82 14.05
N LEU A 183 -3.15 -1.66 14.12
CA LEU A 183 -4.06 -1.62 15.25
C LEU A 183 -3.29 -2.23 16.40
N GLY A 184 -3.31 -1.58 17.57
CA GLY A 184 -2.58 -2.10 18.70
C GLY A 184 -3.46 -2.73 19.76
N ARG A 185 -4.27 -3.70 19.38
CA ARG A 185 -5.15 -4.36 20.32
C ARG A 185 -4.48 -5.58 20.94
N THR A 186 -5.09 -6.10 22.00
CA THR A 186 -4.56 -7.28 22.68
C THR A 186 -4.87 -8.53 21.87
N MET A 187 -3.88 -9.40 21.72
CA MET A 187 -4.08 -10.62 20.96
C MET A 187 -3.44 -11.82 21.62
N ILE A 188 -4.24 -12.86 21.78
CA ILE A 188 -3.75 -14.09 22.37
C ILE A 188 -3.81 -15.11 21.23
N TYR A 189 -2.62 -15.55 20.81
CA TYR A 189 -2.43 -16.48 19.70
C TYR A 189 -1.98 -17.86 20.20
N VAL A 190 -2.45 -18.91 19.56
CA VAL A 190 -2.11 -20.28 19.94
C VAL A 190 -1.55 -21.12 18.78
N THR A 191 -0.42 -21.80 19.04
CA THR A 191 0.23 -22.67 18.04
C THR A 191 0.90 -23.83 18.75
N HIS A 192 1.44 -24.74 17.95
CA HIS A 192 2.16 -25.88 18.47
C HIS A 192 3.55 -25.70 17.88
N ASP A 193 3.66 -24.71 17.01
CA ASP A 193 4.92 -24.40 16.31
C ASP A 193 5.76 -23.32 16.99
N GLN A 194 6.84 -23.72 17.64
CA GLN A 194 7.71 -22.76 18.31
C GLN A 194 8.15 -21.60 17.42
N VAL A 195 8.37 -21.86 16.13
CA VAL A 195 8.77 -20.79 15.21
C VAL A 195 7.73 -19.66 15.12
N GLU A 196 6.45 -20.02 15.01
CA GLU A 196 5.41 -19.00 14.92
C GLU A 196 5.44 -18.16 16.20
N ALA A 197 5.66 -18.83 17.32
CA ALA A 197 5.74 -18.18 18.62
C ALA A 197 6.86 -17.15 18.59
N MET A 198 8.07 -17.63 18.35
CA MET A 198 9.25 -16.77 18.30
C MET A 198 9.07 -15.57 17.38
N THR A 199 8.36 -15.79 16.28
CA THR A 199 8.17 -14.77 15.27
C THR A 199 7.09 -13.73 15.54
N LEU A 200 6.02 -14.16 16.21
CA LEU A 200 4.90 -13.26 16.45
C LEU A 200 4.79 -12.55 17.78
N ALA A 201 5.08 -13.27 18.85
CA ALA A 201 4.90 -12.75 20.21
C ALA A 201 5.77 -11.65 20.81
N ASP A 202 5.16 -10.95 21.78
CA ASP A 202 5.86 -9.92 22.54
C ASP A 202 6.20 -10.73 23.78
N LYS A 203 5.30 -11.66 24.08
CA LYS A 203 5.43 -12.52 25.24
C LYS A 203 4.94 -13.92 24.90
N ILE A 204 5.74 -14.92 25.22
CA ILE A 204 5.33 -16.30 24.95
C ILE A 204 5.06 -17.03 26.25
N VAL A 205 4.06 -17.87 26.24
CA VAL A 205 3.77 -18.67 27.42
C VAL A 205 3.78 -20.12 26.93
N VAL A 206 4.72 -20.88 27.48
CA VAL A 206 4.91 -22.29 27.14
C VAL A 206 4.08 -23.19 28.05
N LEU A 207 3.24 -24.03 27.45
CA LEU A 207 2.40 -24.94 28.22
C LEU A 207 2.85 -26.38 28.12
N ASP A 208 2.87 -27.07 29.25
CA ASP A 208 3.27 -28.46 29.29
C ASP A 208 2.27 -29.21 30.15
N ALA A 209 1.56 -30.14 29.52
CA ALA A 209 0.56 -30.95 30.19
C ALA A 209 -0.36 -30.11 31.08
N GLY A 210 -0.75 -28.93 30.61
CA GLY A 210 -1.65 -28.10 31.40
C GLY A 210 -1.02 -27.12 32.34
N ARG A 211 0.28 -27.25 32.61
CA ARG A 211 0.94 -26.31 33.50
C ARG A 211 1.70 -25.26 32.68
N VAL A 212 1.96 -24.12 33.29
CA VAL A 212 2.73 -23.09 32.60
C VAL A 212 4.18 -23.37 32.93
N ALA A 213 4.92 -23.89 31.96
CA ALA A 213 6.34 -24.17 32.15
C ALA A 213 7.15 -22.88 32.31
N GLN A 214 6.74 -21.83 31.59
CA GLN A 214 7.44 -20.55 31.64
C GLN A 214 6.78 -19.45 30.83
N VAL A 215 6.99 -18.20 31.25
CA VAL A 215 6.46 -17.06 30.53
C VAL A 215 7.59 -16.06 30.30
N GLY A 216 7.65 -15.46 29.12
CA GLY A 216 8.70 -14.50 28.86
C GLY A 216 8.91 -14.15 27.41
N LYS A 217 9.76 -13.17 27.18
CA LYS A 217 10.08 -12.74 25.83
C LYS A 217 10.78 -13.89 25.11
N PRO A 218 10.63 -13.96 23.79
CA PRO A 218 11.26 -15.01 23.00
C PRO A 218 12.72 -15.26 23.35
N LEU A 219 13.53 -14.21 23.36
CA LEU A 219 14.93 -14.41 23.68
C LEU A 219 15.16 -14.89 25.10
N GLU A 220 14.24 -14.57 26.01
CA GLU A 220 14.34 -15.00 27.40
C GLU A 220 14.18 -16.52 27.42
N LEU A 221 13.15 -17.00 26.73
CA LEU A 221 12.89 -18.42 26.64
C LEU A 221 14.00 -19.14 25.91
N TYR A 222 14.61 -18.47 24.95
CA TYR A 222 15.67 -19.05 24.15
C TYR A 222 17.02 -19.12 24.85
N HIS A 223 17.40 -18.04 25.53
CA HIS A 223 18.68 -17.99 26.22
C HIS A 223 18.60 -18.62 27.59
N TYR A 224 17.42 -18.49 28.20
CA TYR A 224 17.24 -18.99 29.55
C TYR A 224 15.99 -19.83 29.77
N PRO A 225 15.97 -21.04 29.22
CA PRO A 225 14.76 -21.84 29.48
C PRO A 225 14.74 -22.22 30.97
N ALA A 226 13.58 -22.18 31.60
CA ALA A 226 13.47 -22.49 33.02
C ALA A 226 13.72 -23.96 33.33
N ASP A 227 13.39 -24.85 32.40
CA ASP A 227 13.62 -26.27 32.59
C ASP A 227 13.88 -27.02 31.29
N ARG A 228 14.19 -28.30 31.41
CA ARG A 228 14.45 -29.12 30.25
C ARG A 228 13.33 -29.05 29.20
N PHE A 229 12.07 -29.06 29.65
CA PHE A 229 10.95 -29.00 28.72
C PHE A 229 11.02 -27.78 27.81
N VAL A 230 11.12 -26.61 28.40
CA VAL A 230 11.19 -25.40 27.62
C VAL A 230 12.42 -25.41 26.73
N ALA A 231 13.52 -25.90 27.28
CA ALA A 231 14.79 -25.96 26.56
C ALA A 231 14.73 -26.82 25.31
N GLY A 232 13.88 -27.84 25.31
CA GLY A 232 13.80 -28.70 24.14
C GLY A 232 12.60 -28.39 23.26
N PHE A 233 11.87 -27.35 23.60
CA PHE A 233 10.70 -27.00 22.83
C PHE A 233 10.96 -25.79 21.94
N ILE A 234 11.80 -24.89 22.43
CA ILE A 234 12.12 -23.71 21.67
C ILE A 234 13.48 -23.90 21.03
N GLY A 235 13.49 -23.87 19.70
CA GLY A 235 14.72 -24.07 18.96
C GLY A 235 14.51 -25.04 17.81
N SER A 236 14.45 -24.50 16.59
CA SER A 236 14.25 -25.28 15.37
C SER A 236 14.82 -26.68 15.50
N PRO A 237 16.15 -26.87 15.30
CA PRO A 237 16.61 -28.26 15.49
C PRO A 237 16.87 -28.33 16.99
N LYS A 238 16.27 -29.31 17.67
CA LYS A 238 16.39 -29.45 19.13
C LYS A 238 17.78 -29.30 19.75
N MET A 239 17.82 -28.76 20.97
CA MET A 239 19.06 -28.58 21.71
C MET A 239 19.70 -29.92 22.06
N ASN A 240 21.02 -29.98 22.05
CA ASN A 240 21.70 -31.22 22.39
C ASN A 240 21.71 -31.37 23.90
N PHE A 241 21.67 -32.63 24.34
CA PHE A 241 21.70 -32.94 25.76
C PHE A 241 22.73 -34.01 26.10
N LEU A 242 23.72 -33.63 26.89
CA LEU A 242 24.74 -34.59 27.28
C LEU A 242 24.61 -34.90 28.75
N PRO A 243 24.55 -36.20 29.10
CA PRO A 243 24.43 -36.60 30.50
C PRO A 243 25.80 -36.35 31.15
N VAL A 244 25.83 -35.53 32.19
CA VAL A 244 27.08 -35.23 32.86
C VAL A 244 26.99 -35.45 34.38
N LYS A 245 28.15 -35.45 35.01
CA LYS A 245 28.25 -35.66 36.45
C LYS A 245 28.98 -34.46 37.06
N VAL A 246 28.35 -33.78 38.02
CA VAL A 246 29.00 -32.62 38.62
C VAL A 246 30.14 -33.05 39.53
N THR A 247 31.30 -32.45 39.31
CA THR A 247 32.50 -32.78 40.06
C THR A 247 32.99 -31.67 40.98
N ALA A 248 32.30 -30.54 40.99
CA ALA A 248 32.72 -29.42 41.84
C ALA A 248 31.82 -28.21 41.68
N THR A 249 31.65 -27.45 42.75
CA THR A 249 30.83 -26.25 42.68
C THR A 249 31.59 -25.08 43.26
N ALA A 250 30.99 -23.90 43.08
CA ALA A 250 31.56 -22.66 43.56
C ALA A 250 30.46 -21.64 43.49
N ILE A 251 30.81 -20.38 43.70
CA ILE A 251 29.81 -19.34 43.62
C ILE A 251 29.72 -18.91 42.17
N ASP A 252 28.49 -18.95 41.64
CA ASP A 252 28.26 -18.58 40.26
C ASP A 252 29.14 -19.39 39.32
N GLN A 253 29.27 -20.69 39.61
CA GLN A 253 30.09 -21.56 38.77
C GLN A 253 29.98 -23.01 39.19
N VAL A 254 29.77 -23.90 38.22
CA VAL A 254 29.65 -25.32 38.48
C VAL A 254 30.57 -26.08 37.52
N GLN A 255 31.25 -27.10 38.03
CA GLN A 255 32.13 -27.87 37.18
C GLN A 255 31.53 -29.25 37.02
N VAL A 256 31.56 -29.77 35.80
CA VAL A 256 31.00 -31.09 35.53
C VAL A 256 31.95 -31.88 34.64
N GLU A 257 31.79 -33.20 34.60
CA GLU A 257 32.64 -33.99 33.75
C GLU A 257 31.81 -34.60 32.63
N LEU A 258 32.33 -34.49 31.41
CA LEU A 258 31.65 -34.98 30.23
C LEU A 258 31.67 -36.50 30.21
N PRO A 259 30.57 -37.12 29.75
CA PRO A 259 30.41 -38.58 29.66
C PRO A 259 31.50 -39.23 28.85
N MET A 260 32.37 -38.40 28.28
CA MET A 260 33.48 -38.89 27.46
C MET A 260 34.35 -39.82 28.28
N PRO A 261 34.76 -40.97 27.71
CA PRO A 261 35.61 -41.83 28.52
C PRO A 261 36.91 -41.06 28.78
N ASN A 262 36.91 -39.81 28.31
CA ASN A 262 38.01 -38.87 28.48
C ASN A 262 37.66 -38.03 29.72
N ARG A 263 36.40 -38.16 30.14
CA ARG A 263 35.86 -37.48 31.30
C ARG A 263 36.39 -36.07 31.53
N GLN A 264 36.56 -35.30 30.46
CA GLN A 264 37.07 -33.95 30.57
C GLN A 264 36.16 -33.13 31.47
N GLN A 265 36.77 -32.33 32.35
CA GLN A 265 35.99 -31.53 33.28
C GLN A 265 35.93 -30.08 32.81
N VAL A 266 34.74 -29.48 32.86
CA VAL A 266 34.53 -28.12 32.41
C VAL A 266 33.72 -27.29 33.38
N TRP A 267 34.14 -26.05 33.59
CA TRP A 267 33.41 -25.16 34.47
C TRP A 267 32.35 -24.44 33.65
N LEU A 268 31.14 -24.37 34.20
CA LEU A 268 30.03 -23.72 33.53
C LEU A 268 29.53 -22.54 34.36
N PRO A 269 29.50 -21.34 33.77
CA PRO A 269 29.01 -20.18 34.52
C PRO A 269 27.52 -20.27 34.84
N VAL A 270 27.14 -21.29 35.59
CA VAL A 270 25.74 -21.46 35.96
C VAL A 270 25.47 -21.29 37.44
N GLU A 271 24.26 -20.84 37.74
CA GLU A 271 23.74 -20.58 39.08
C GLU A 271 24.44 -21.27 40.25
N SER A 272 24.49 -22.60 40.22
CA SER A 272 25.14 -23.34 41.31
C SER A 272 24.30 -23.48 42.56
N ARG A 273 23.04 -23.07 42.50
CA ARG A 273 22.13 -23.17 43.64
C ARG A 273 22.01 -24.63 44.05
N ASP A 274 20.79 -25.13 44.17
CA ASP A 274 20.54 -26.51 44.56
C ASP A 274 21.32 -27.52 43.70
N VAL A 275 22.63 -27.65 43.95
CA VAL A 275 23.46 -28.58 43.18
C VAL A 275 24.63 -29.15 43.99
N GLN A 276 24.63 -30.46 44.18
CA GLN A 276 25.69 -31.11 44.95
C GLN A 276 26.62 -31.96 44.11
N VAL A 277 27.87 -32.02 44.54
CA VAL A 277 28.88 -32.79 43.84
C VAL A 277 28.43 -34.25 43.69
N GLY A 278 28.76 -34.85 42.55
CA GLY A 278 28.38 -36.23 42.31
C GLY A 278 27.01 -36.39 41.68
N ALA A 279 26.22 -35.32 41.67
CA ALA A 279 24.88 -35.37 41.08
C ALA A 279 24.97 -35.56 39.57
N ASN A 280 23.98 -36.27 39.03
CA ASN A 280 23.91 -36.50 37.60
C ASN A 280 23.05 -35.42 37.01
N MET A 281 23.57 -34.76 35.98
CA MET A 281 22.82 -33.70 35.35
C MET A 281 22.84 -33.75 33.83
N SER A 282 22.11 -32.83 33.22
CA SER A 282 22.01 -32.78 31.77
C SER A 282 22.65 -31.50 31.26
N LEU A 283 23.67 -31.64 30.42
CA LEU A 283 24.33 -30.48 29.84
C LEU A 283 23.61 -30.21 28.53
N GLY A 284 23.17 -28.96 28.35
CA GLY A 284 22.48 -28.55 27.13
C GLY A 284 23.24 -27.56 26.27
N ILE A 285 23.38 -27.88 24.99
CA ILE A 285 24.06 -27.01 24.04
C ILE A 285 23.32 -27.00 22.69
N ARG A 286 22.92 -25.82 22.23
CA ARG A 286 22.23 -25.69 20.95
C ARG A 286 23.14 -25.95 19.76
N PRO A 287 22.59 -26.58 18.71
CA PRO A 287 23.38 -26.88 17.51
C PRO A 287 24.10 -25.65 16.97
N GLU A 288 23.42 -24.50 16.94
CA GLU A 288 24.01 -23.24 16.42
C GLU A 288 25.13 -22.73 17.28
N HIS A 289 25.18 -23.17 18.52
CA HIS A 289 26.21 -22.68 19.40
C HIS A 289 27.47 -23.51 19.56
N LEU A 290 27.51 -24.66 18.91
CA LEU A 290 28.72 -25.46 18.95
C LEU A 290 29.70 -24.71 18.06
N LEU A 291 31.00 -24.85 18.34
CA LEU A 291 32.01 -24.13 17.58
C LEU A 291 32.74 -24.94 16.53
N PRO A 292 33.24 -24.27 15.48
CA PRO A 292 33.97 -24.89 14.38
C PRO A 292 35.09 -25.86 14.76
N SER A 293 35.69 -25.66 15.93
CA SER A 293 36.78 -26.52 16.42
C SER A 293 38.13 -25.83 16.35
N ASP A 294 38.27 -24.90 15.41
CA ASP A 294 39.50 -24.14 15.28
C ASP A 294 39.71 -23.56 16.66
N ILE A 295 38.58 -23.39 17.36
CA ILE A 295 38.57 -22.89 18.73
C ILE A 295 38.66 -24.12 19.65
N ALA A 296 39.86 -24.41 20.13
CA ALA A 296 40.10 -25.54 21.01
C ALA A 296 39.26 -25.41 22.28
N ASP A 297 39.83 -25.85 23.41
CA ASP A 297 39.14 -25.79 24.69
C ASP A 297 37.85 -26.60 24.62
N VAL A 298 37.92 -27.84 25.12
CA VAL A 298 36.76 -28.72 25.10
C VAL A 298 36.34 -29.03 23.68
N ILE A 299 36.85 -30.15 23.17
CA ILE A 299 36.55 -30.56 21.82
C ILE A 299 35.86 -31.91 21.81
N LEU A 300 34.94 -32.09 20.86
CA LEU A 300 34.24 -33.35 20.72
C LEU A 300 34.47 -33.75 19.28
N GLU A 301 34.93 -34.97 19.07
CA GLU A 301 35.20 -35.48 17.73
C GLU A 301 34.36 -36.74 17.55
N GLY A 302 33.89 -36.99 16.32
CA GLY A 302 33.06 -38.15 16.09
C GLY A 302 32.86 -38.49 14.61
N GLU A 303 31.96 -39.43 14.35
CA GLU A 303 31.70 -39.85 12.98
C GLU A 303 30.39 -39.29 12.45
N VAL A 304 30.47 -38.68 11.29
CA VAL A 304 29.29 -38.09 10.66
C VAL A 304 28.25 -39.16 10.29
N GLN A 305 27.04 -38.99 10.79
CA GLN A 305 25.97 -39.93 10.50
C GLN A 305 25.10 -39.39 9.40
N VAL A 306 24.82 -38.09 9.48
CA VAL A 306 23.95 -37.42 8.52
C VAL A 306 24.43 -36.02 8.21
N VAL A 307 24.24 -35.60 6.97
CA VAL A 307 24.63 -34.25 6.55
C VAL A 307 23.49 -33.66 5.75
N GLU A 308 22.94 -32.55 6.23
CA GLU A 308 21.84 -31.92 5.53
C GLU A 308 22.25 -30.59 4.90
N GLN A 309 22.39 -30.58 3.58
CA GLN A 309 22.74 -29.36 2.86
C GLN A 309 21.43 -28.60 2.66
N LEU A 310 21.34 -27.37 3.14
CA LEU A 310 20.11 -26.61 3.01
C LEU A 310 20.35 -25.28 2.30
N GLY A 311 21.52 -25.14 1.71
CA GLY A 311 21.81 -23.92 0.99
C GLY A 311 22.24 -22.80 1.89
N ASN A 312 21.36 -22.40 2.79
CA ASN A 312 21.68 -21.31 3.70
C ASN A 312 22.55 -21.78 4.83
N GLU A 313 22.46 -23.05 5.16
CA GLU A 313 23.25 -23.62 6.25
C GLU A 313 23.42 -25.12 6.03
N THR A 314 24.20 -25.76 6.89
CA THR A 314 24.42 -27.21 6.83
C THR A 314 24.24 -27.81 8.22
N GLN A 315 23.36 -28.80 8.33
CA GLN A 315 23.16 -29.46 9.60
C GLN A 315 23.89 -30.80 9.56
N ILE A 316 24.83 -30.99 10.47
CA ILE A 316 25.64 -32.20 10.53
C ILE A 316 25.36 -33.02 11.79
N HIS A 317 24.97 -34.27 11.60
CA HIS A 317 24.70 -35.17 12.75
C HIS A 317 25.97 -35.97 13.02
N ILE A 318 26.47 -35.92 14.23
CA ILE A 318 27.68 -36.63 14.56
C ILE A 318 27.55 -37.65 15.69
N GLN A 319 28.29 -38.75 15.55
CA GLN A 319 28.31 -39.81 16.54
C GLN A 319 29.58 -39.61 17.35
N ILE A 320 29.43 -39.15 18.58
CA ILE A 320 30.58 -38.96 19.43
C ILE A 320 30.83 -40.24 20.22
N PRO A 321 31.99 -40.87 20.02
CA PRO A 321 32.38 -42.12 20.68
C PRO A 321 31.88 -42.18 22.11
N SER A 322 32.14 -41.11 22.84
CA SER A 322 31.73 -41.01 24.23
C SER A 322 30.21 -41.04 24.37
N ILE A 323 29.65 -42.25 24.33
CA ILE A 323 28.20 -42.43 24.43
C ILE A 323 27.45 -41.87 23.22
N ARG A 324 26.75 -42.78 22.54
CA ARG A 324 25.96 -42.45 21.34
C ARG A 324 25.40 -41.04 21.35
N GLN A 325 24.11 -40.94 21.69
CA GLN A 325 23.41 -39.67 21.75
C GLN A 325 23.19 -39.10 20.36
N ASN A 326 23.83 -39.71 19.37
CA ASN A 326 24.26 -38.20 18.33
C ASN A 326 24.09 -36.68 18.45
N LEU A 327 25.21 -35.98 18.32
CA LEU A 327 25.26 -34.53 18.45
C LEU A 327 24.91 -33.81 17.15
N VAL A 328 23.90 -32.95 17.17
CA VAL A 328 23.52 -32.21 15.96
C VAL A 328 24.21 -30.84 15.91
N TYR A 329 24.89 -30.57 14.80
CA TYR A 329 25.61 -29.32 14.64
C TYR A 329 25.12 -28.48 13.46
N ARG A 330 25.07 -27.15 13.64
CA ARG A 330 24.63 -26.24 12.58
C ARG A 330 25.70 -25.21 12.26
N GLN A 331 26.20 -25.21 11.03
CA GLN A 331 27.18 -24.23 10.63
C GLN A 331 26.56 -23.49 9.46
N ASN A 332 26.82 -22.19 9.37
CA ASN A 332 26.23 -21.40 8.29
C ASN A 332 26.82 -21.67 6.91
N ASP A 333 25.98 -21.49 5.90
CA ASP A 333 26.32 -21.71 4.51
C ASP A 333 26.56 -23.19 4.25
N VAL A 334 27.24 -23.50 3.14
CA VAL A 334 27.53 -24.88 2.78
C VAL A 334 28.81 -25.40 3.42
N VAL A 335 28.74 -26.61 3.95
CA VAL A 335 29.88 -27.24 4.58
C VAL A 335 30.06 -28.59 3.91
N LEU A 336 31.21 -28.80 3.31
CA LEU A 336 31.46 -30.05 2.60
C LEU A 336 32.04 -31.19 3.40
N VAL A 337 31.18 -32.04 3.96
CA VAL A 337 31.62 -33.20 4.71
C VAL A 337 30.76 -34.37 4.28
N GLU A 338 31.37 -35.55 4.22
CA GLU A 338 30.66 -36.75 3.80
C GLU A 338 30.35 -37.62 5.03
N GLU A 339 29.23 -38.35 4.97
CA GLU A 339 28.87 -39.22 6.07
C GLU A 339 30.03 -40.18 6.25
N GLY A 340 30.29 -40.59 7.49
CA GLY A 340 31.39 -41.50 7.73
C GLY A 340 32.67 -40.78 8.04
N ALA A 341 32.73 -39.49 7.69
CA ALA A 341 33.91 -38.69 7.95
C ALA A 341 34.04 -38.42 9.44
N THR A 342 35.24 -38.08 9.89
CA THR A 342 35.44 -37.77 11.29
C THR A 342 35.45 -36.24 11.39
N PHE A 343 34.48 -35.71 12.14
CA PHE A 343 34.32 -34.27 12.28
C PHE A 343 34.46 -33.92 13.76
N ALA A 344 34.99 -32.74 14.04
CA ALA A 344 35.15 -32.29 15.41
C ALA A 344 34.51 -30.93 15.59
N ILE A 345 34.08 -30.64 16.82
CA ILE A 345 33.45 -29.36 17.14
C ILE A 345 33.85 -28.90 18.52
N GLY A 346 33.67 -27.62 18.80
CA GLY A 346 34.03 -27.08 20.10
C GLY A 346 32.82 -26.86 21.00
N LEU A 347 33.02 -27.07 22.30
CA LEU A 347 31.97 -26.90 23.28
C LEU A 347 32.22 -25.63 24.06
N PRO A 348 31.44 -24.59 23.81
CA PRO A 348 31.60 -23.30 24.51
C PRO A 348 30.88 -23.24 25.85
N PRO A 349 31.64 -23.19 26.94
CA PRO A 349 31.07 -23.13 28.29
C PRO A 349 30.03 -22.05 28.48
N GLU A 350 30.31 -20.82 28.06
CA GLU A 350 29.36 -19.72 28.24
C GLU A 350 28.03 -19.96 27.57
N ARG A 351 28.00 -20.95 26.68
CA ARG A 351 26.76 -21.21 25.97
C ARG A 351 25.99 -22.43 26.46
N CYS A 352 26.56 -23.19 27.39
CA CYS A 352 25.89 -24.39 27.92
C CYS A 352 24.78 -24.15 28.94
N HIS A 353 23.88 -25.12 29.03
CA HIS A 353 22.77 -25.10 29.97
C HIS A 353 22.98 -26.31 30.87
N LEU A 354 22.45 -26.26 32.08
CA LEU A 354 22.60 -27.38 33.00
C LEU A 354 21.32 -27.66 33.74
N PHE A 355 20.85 -28.89 33.64
CA PHE A 355 19.61 -29.24 34.31
C PHE A 355 19.80 -30.32 35.37
N ARG A 356 19.17 -30.08 36.52
CA ARG A 356 19.23 -31.00 37.64
C ARG A 356 18.38 -32.19 37.25
N GLU A 357 18.51 -33.28 37.98
CA GLU A 357 17.76 -34.49 37.70
C GLU A 357 16.26 -34.25 37.64
N ASP A 358 15.79 -33.28 38.41
CA ASP A 358 14.37 -32.96 38.42
C ASP A 358 14.00 -32.15 37.18
N GLY A 359 14.98 -31.96 36.30
CA GLY A 359 14.75 -31.21 35.08
C GLY A 359 14.83 -29.70 35.15
N THR A 360 14.93 -29.13 36.35
CA THR A 360 15.00 -27.68 36.46
C THR A 360 16.37 -27.18 36.05
N ALA A 361 16.43 -25.94 35.62
CA ALA A 361 17.69 -25.37 35.15
C ALA A 361 18.49 -24.57 36.17
N CYS A 362 19.81 -24.62 36.04
CA CYS A 362 20.68 -23.85 36.91
C CYS A 362 20.88 -22.55 36.14
N ARG A 363 20.12 -21.52 36.51
CA ARG A 363 20.20 -20.21 35.84
C ARG A 363 21.57 -19.85 35.27
N ARG A 364 21.60 -19.57 33.98
CA ARG A 364 22.84 -19.20 33.31
C ARG A 364 23.25 -17.81 33.77
N LEU A 365 24.54 -17.62 34.02
CA LEU A 365 25.02 -16.33 34.47
C LEU A 365 25.62 -15.51 33.33
N HIS A 366 25.94 -16.17 32.23
CA HIS A 366 26.50 -15.48 31.08
C HIS A 366 25.43 -14.55 30.50
N LYS A 367 25.75 -13.26 30.41
CA LYS A 367 24.83 -12.30 29.85
C LYS A 367 24.67 -12.51 28.34
N GLU A 368 23.43 -12.58 27.88
CA GLU A 368 23.15 -12.74 26.46
C GLU A 368 22.45 -11.48 25.93
N PRO A 369 22.76 -11.08 24.68
CA PRO A 369 22.16 -9.90 24.05
C PRO A 369 20.67 -10.03 23.73
N GLY A 370 19.92 -8.97 23.96
CA GLY A 370 18.49 -8.99 23.67
C GLY A 370 17.61 -9.29 24.86
N VAL A 371 18.22 -9.52 26.01
CA VAL A 371 17.48 -9.80 27.22
C VAL A 371 17.91 -8.84 28.32
N ALA A 372 16.94 -8.16 28.93
CA ALA A 372 17.28 -7.25 30.00
C ALA A 372 17.87 -8.03 31.17
N SER A 373 18.98 -7.57 31.75
CA SER A 373 19.57 -8.30 32.88
C SER A 373 20.09 -9.68 32.48
N ALA B 2 11.76 -48.92 -6.91
CA ALA B 2 11.95 -50.02 -7.89
C ALA B 2 11.91 -49.46 -9.29
N SER B 3 12.47 -48.27 -9.48
CA SER B 3 12.53 -47.63 -10.80
C SER B 3 11.18 -47.20 -11.33
N VAL B 4 11.01 -45.90 -11.50
CA VAL B 4 9.77 -45.36 -12.00
C VAL B 4 10.09 -44.38 -13.09
N GLN B 5 9.42 -44.50 -14.22
CA GLN B 5 9.68 -43.59 -15.31
C GLN B 5 8.41 -43.02 -15.91
N LEU B 6 8.42 -41.71 -16.09
CA LEU B 6 7.28 -41.04 -16.69
C LEU B 6 7.79 -40.45 -18.01
N GLN B 7 7.12 -40.80 -19.11
CA GLN B 7 7.50 -40.32 -20.42
C GLN B 7 6.35 -39.54 -21.05
N ASN B 8 6.52 -38.24 -21.13
CA ASN B 8 5.52 -37.37 -21.71
C ASN B 8 4.15 -37.63 -21.12
N VAL B 9 4.13 -37.89 -19.81
CA VAL B 9 2.88 -38.13 -19.12
C VAL B 9 2.12 -36.81 -19.06
N THR B 10 0.83 -36.90 -19.33
CA THR B 10 -0.04 -35.72 -19.34
C THR B 10 -1.40 -36.07 -18.79
N LYS B 11 -1.95 -35.16 -18.01
CA LYS B 11 -3.27 -35.36 -17.44
C LYS B 11 -4.15 -34.17 -17.77
N ALA B 12 -5.35 -34.46 -18.25
CA ALA B 12 -6.31 -33.42 -18.61
C ALA B 12 -7.71 -33.71 -18.08
N TRP B 13 -8.31 -32.70 -17.46
CA TRP B 13 -9.66 -32.80 -16.92
C TRP B 13 -10.51 -31.87 -17.76
N GLY B 14 -11.07 -32.43 -18.82
CA GLY B 14 -11.87 -31.63 -19.72
C GLY B 14 -10.91 -31.01 -20.70
N GLU B 15 -10.73 -29.70 -20.59
CA GLU B 15 -9.83 -28.96 -21.47
C GLU B 15 -8.64 -28.38 -20.73
N VAL B 16 -8.62 -28.52 -19.40
CA VAL B 16 -7.51 -28.01 -18.61
C VAL B 16 -6.42 -29.07 -18.48
N VAL B 17 -5.18 -28.62 -18.34
CA VAL B 17 -4.07 -29.55 -18.19
C VAL B 17 -3.42 -29.36 -16.83
N VAL B 18 -3.55 -30.37 -15.98
CA VAL B 18 -2.98 -30.32 -14.64
C VAL B 18 -1.55 -30.83 -14.66
N SER B 19 -1.28 -31.72 -15.60
CA SER B 19 0.05 -32.27 -15.77
C SER B 19 0.41 -32.15 -17.24
N LYS B 20 1.46 -31.37 -17.54
CA LYS B 20 1.86 -31.14 -18.92
C LYS B 20 3.14 -31.83 -19.34
N ASP B 21 3.01 -32.78 -20.26
CA ASP B 21 4.17 -33.48 -20.81
C ASP B 21 5.32 -33.68 -19.81
N ILE B 22 5.05 -34.29 -18.67
CA ILE B 22 6.12 -34.48 -17.70
C ILE B 22 7.02 -35.71 -17.96
N ASN B 23 8.34 -35.48 -17.88
CA ASN B 23 9.35 -36.51 -18.10
C ASN B 23 10.22 -36.64 -16.86
N LEU B 24 10.15 -37.79 -16.20
CA LEU B 24 10.91 -38.02 -14.99
C LEU B 24 11.54 -39.40 -15.04
N ASP B 25 12.76 -39.51 -14.55
CA ASP B 25 13.47 -40.79 -14.50
C ASP B 25 13.93 -41.04 -13.07
N ILE B 26 13.14 -41.81 -12.33
CA ILE B 26 13.45 -42.11 -10.94
C ILE B 26 14.16 -43.45 -10.82
N HIS B 27 15.38 -43.43 -10.31
CA HIS B 27 16.16 -44.66 -10.17
C HIS B 27 15.88 -45.46 -8.90
N GLU B 28 16.30 -46.71 -8.92
CA GLU B 28 16.14 -47.60 -7.77
C GLU B 28 16.72 -47.00 -6.50
N GLY B 29 15.97 -47.11 -5.40
CA GLY B 29 16.43 -46.60 -4.12
C GLY B 29 16.47 -45.10 -3.99
N GLU B 30 16.19 -44.40 -5.08
CA GLU B 30 16.20 -42.95 -5.06
C GLU B 30 15.07 -42.38 -4.23
N PHE B 31 15.36 -41.33 -3.48
CA PHE B 31 14.34 -40.65 -2.69
C PHE B 31 14.04 -39.37 -3.47
N VAL B 32 12.89 -39.32 -4.13
CA VAL B 32 12.51 -38.17 -4.93
C VAL B 32 11.35 -37.38 -4.35
N VAL B 33 11.47 -36.06 -4.38
CA VAL B 33 10.42 -35.20 -3.84
C VAL B 33 9.84 -34.27 -4.91
N PHE B 34 8.52 -34.25 -5.01
CA PHE B 34 7.82 -33.36 -5.93
C PHE B 34 7.46 -32.16 -5.06
N VAL B 35 7.95 -30.98 -5.43
CA VAL B 35 7.67 -29.78 -4.67
C VAL B 35 7.00 -28.73 -5.51
N GLY B 36 6.06 -28.03 -4.90
CA GLY B 36 5.37 -27.00 -5.64
C GLY B 36 4.29 -26.40 -4.77
N PRO B 37 3.77 -25.24 -5.17
CA PRO B 37 2.71 -24.54 -4.43
C PRO B 37 1.39 -25.28 -4.45
N SER B 38 0.48 -24.82 -3.57
CA SER B 38 -0.87 -25.38 -3.45
C SER B 38 -1.22 -26.43 -4.47
N GLY B 39 -2.08 -26.08 -5.43
CA GLY B 39 -2.49 -27.04 -6.46
C GLY B 39 -1.66 -27.11 -7.73
N CYS B 40 -0.35 -27.30 -7.58
CA CYS B 40 0.55 -27.36 -8.73
C CYS B 40 0.46 -28.72 -9.43
N GLY B 41 -0.22 -29.68 -8.81
CA GLY B 41 -0.38 -30.98 -9.43
C GLY B 41 0.38 -32.14 -8.79
N LYS B 42 0.87 -31.93 -7.59
CA LYS B 42 1.62 -32.99 -6.91
C LYS B 42 0.80 -34.27 -6.70
N SER B 43 -0.37 -34.11 -6.09
CA SER B 43 -1.24 -35.25 -5.82
C SER B 43 -1.68 -35.97 -7.09
N THR B 44 -2.04 -35.22 -8.14
CA THR B 44 -2.43 -35.86 -9.39
C THR B 44 -1.31 -36.78 -9.90
N LEU B 45 -0.06 -36.32 -9.82
CA LEU B 45 1.05 -37.14 -10.29
C LEU B 45 1.11 -38.45 -9.51
N LEU B 46 1.15 -38.36 -8.18
CA LEU B 46 1.20 -39.54 -7.35
C LEU B 46 0.05 -40.48 -7.71
N ARG B 47 -1.14 -39.92 -7.84
CA ARG B 47 -2.30 -40.75 -8.17
C ARG B 47 -2.15 -41.46 -9.50
N MET B 48 -1.58 -40.78 -10.50
CA MET B 48 -1.40 -41.41 -11.79
C MET B 48 -0.41 -42.55 -11.68
N ILE B 49 0.61 -42.37 -10.83
CA ILE B 49 1.61 -43.41 -10.65
C ILE B 49 1.00 -44.60 -9.94
N ALA B 50 0.10 -44.31 -8.98
CA ALA B 50 -0.54 -45.34 -8.20
C ALA B 50 -1.65 -46.05 -9.00
N GLY B 51 -2.20 -45.35 -9.97
CA GLY B 51 -3.27 -45.93 -10.76
C GLY B 51 -4.65 -45.52 -10.27
N LEU B 52 -4.70 -44.55 -9.37
CA LEU B 52 -5.96 -44.06 -8.84
C LEU B 52 -6.50 -42.94 -9.73
N GLU B 53 -5.80 -42.73 -10.84
CA GLU B 53 -6.16 -41.72 -11.82
C GLU B 53 -5.57 -42.20 -13.14
N THR B 54 -6.21 -41.86 -14.25
CA THR B 54 -5.73 -42.29 -15.55
C THR B 54 -4.81 -41.29 -16.18
N ILE B 55 -3.88 -41.81 -16.98
CA ILE B 55 -2.90 -41.02 -17.70
C ILE B 55 -3.46 -40.73 -19.08
N THR B 56 -3.98 -39.53 -19.29
CA THR B 56 -4.60 -39.20 -20.58
C THR B 56 -3.64 -39.36 -21.75
N SER B 57 -2.34 -39.40 -21.48
CA SER B 57 -1.35 -39.53 -22.54
C SER B 57 0.05 -39.73 -22.00
N GLY B 58 0.87 -40.45 -22.75
CA GLY B 58 2.23 -40.70 -22.31
C GLY B 58 2.34 -42.06 -21.67
N ASP B 59 3.54 -42.46 -21.31
CA ASP B 59 3.73 -43.76 -20.71
C ASP B 59 4.34 -43.72 -19.34
N LEU B 60 3.87 -44.64 -18.52
CA LEU B 60 4.31 -44.82 -17.13
C LEU B 60 4.96 -46.18 -17.13
N PHE B 61 6.04 -46.27 -16.38
CA PHE B 61 6.87 -47.44 -16.40
C PHE B 61 7.43 -47.74 -15.00
N ILE B 62 6.85 -48.72 -14.31
CA ILE B 62 7.32 -49.11 -12.98
C ILE B 62 8.13 -50.38 -13.12
N GLY B 63 9.43 -50.26 -12.91
CA GLY B 63 10.31 -51.42 -13.02
C GLY B 63 10.80 -51.57 -14.44
N GLU B 64 9.94 -52.10 -15.29
CA GLU B 64 10.29 -52.29 -16.69
C GLU B 64 9.02 -52.49 -17.50
N LYS B 65 7.89 -52.49 -16.81
CA LYS B 65 6.61 -52.68 -17.45
C LYS B 65 5.75 -51.44 -17.48
N ARG B 66 5.01 -51.26 -18.57
CA ARG B 66 4.12 -50.14 -18.75
C ARG B 66 2.89 -50.36 -17.84
N MET B 67 2.76 -49.52 -16.81
CA MET B 67 1.68 -49.65 -15.86
C MET B 67 0.43 -48.88 -16.21
N ASN B 68 0.49 -47.99 -17.21
CA ASN B 68 -0.70 -47.23 -17.57
C ASN B 68 -1.99 -48.03 -17.32
N ASP B 69 -2.12 -49.15 -18.03
CA ASP B 69 -3.30 -49.99 -17.88
C ASP B 69 -2.98 -51.17 -16.98
N THR B 70 -3.01 -50.93 -15.67
CA THR B 70 -2.72 -51.98 -14.68
C THR B 70 -3.42 -51.62 -13.37
N PRO B 71 -4.15 -52.58 -12.78
CA PRO B 71 -4.83 -52.27 -11.53
C PRO B 71 -3.88 -51.82 -10.43
N PRO B 72 -4.24 -50.77 -9.70
CA PRO B 72 -3.46 -50.20 -8.59
C PRO B 72 -2.77 -51.20 -7.67
N ALA B 73 -3.49 -52.26 -7.33
CA ALA B 73 -2.95 -53.30 -6.43
C ALA B 73 -1.88 -54.19 -7.04
N GLU B 74 -1.72 -54.12 -8.35
CA GLU B 74 -0.75 -54.97 -9.00
C GLU B 74 0.48 -54.20 -9.50
N ARG B 75 0.69 -53.00 -8.98
CA ARG B 75 1.80 -52.18 -9.42
C ARG B 75 3.05 -52.23 -8.54
N GLY B 76 2.92 -52.74 -7.33
CA GLY B 76 4.07 -52.82 -6.45
C GLY B 76 4.33 -51.52 -5.72
N VAL B 77 3.26 -50.74 -5.53
CA VAL B 77 3.39 -49.47 -4.86
C VAL B 77 2.57 -49.44 -3.58
N GLY B 78 3.06 -48.67 -2.62
CA GLY B 78 2.37 -48.51 -1.36
C GLY B 78 2.19 -47.01 -1.24
N MET B 79 1.05 -46.58 -0.74
CA MET B 79 0.81 -45.16 -0.63
C MET B 79 0.21 -44.68 0.68
N VAL B 80 0.59 -43.48 1.10
CA VAL B 80 0.03 -42.85 2.29
C VAL B 80 -0.19 -41.37 1.98
N PHE B 81 -1.24 -40.79 2.55
CA PHE B 81 -1.48 -39.38 2.31
C PHE B 81 -1.98 -38.59 3.50
N GLN B 82 -2.42 -37.37 3.21
CA GLN B 82 -2.95 -36.41 4.18
C GLN B 82 -3.35 -36.89 5.56
N SER B 83 -4.65 -37.01 5.80
CA SER B 83 -5.17 -37.44 7.09
C SER B 83 -5.79 -38.78 6.81
N TYR B 84 -4.94 -39.79 6.68
CA TYR B 84 -5.42 -41.12 6.36
C TYR B 84 -6.34 -41.70 7.43
N ALA B 85 -7.31 -42.49 6.98
CA ALA B 85 -8.29 -43.13 7.85
C ALA B 85 -7.94 -44.59 8.08
N LEU B 86 -8.03 -45.03 9.31
CA LEU B 86 -7.74 -46.42 9.60
C LEU B 86 -9.04 -47.22 9.57
N TYR B 87 -8.90 -48.54 9.64
CA TYR B 87 -10.04 -49.42 9.68
C TYR B 87 -10.40 -49.31 11.16
N PRO B 88 -11.49 -48.61 11.48
CA PRO B 88 -11.93 -48.42 12.88
C PRO B 88 -12.03 -49.67 13.74
N HIS B 89 -12.38 -50.80 13.14
CA HIS B 89 -12.52 -52.04 13.91
C HIS B 89 -11.19 -52.72 14.19
N LEU B 90 -10.15 -52.27 13.49
CA LEU B 90 -8.82 -52.83 13.64
C LEU B 90 -8.00 -52.02 14.63
N SER B 91 -7.11 -52.68 15.35
CA SER B 91 -6.26 -52.00 16.32
C SER B 91 -5.02 -51.40 15.65
N VAL B 92 -4.30 -50.56 16.37
CA VAL B 92 -3.10 -49.95 15.82
C VAL B 92 -2.19 -51.02 15.23
N ALA B 93 -1.86 -52.04 16.02
CA ALA B 93 -0.99 -53.08 15.50
C ALA B 93 -1.65 -53.69 14.25
N GLU B 94 -2.94 -54.00 14.36
CA GLU B 94 -3.67 -54.57 13.25
C GLU B 94 -3.67 -53.59 12.10
N ASN B 95 -3.94 -52.32 12.40
CA ASN B 95 -3.90 -51.25 11.40
C ASN B 95 -2.39 -50.96 11.29
N MET B 96 -1.63 -51.81 10.62
CA MET B 96 -0.19 -51.58 10.50
C MET B 96 0.39 -52.80 9.86
N SER B 97 -0.18 -53.96 10.20
CA SER B 97 0.26 -55.21 9.61
C SER B 97 -0.70 -55.51 8.47
N PHE B 98 -1.76 -54.70 8.40
CA PHE B 98 -2.80 -54.86 7.38
C PHE B 98 -2.36 -55.09 5.95
N GLY B 99 -1.58 -54.17 5.39
CA GLY B 99 -1.13 -54.30 4.02
C GLY B 99 -0.11 -55.40 3.77
N LEU B 100 0.73 -55.63 4.76
CA LEU B 100 1.76 -56.65 4.66
C LEU B 100 1.09 -58.02 4.72
N LYS B 101 -0.16 -58.04 5.17
CA LYS B 101 -0.92 -59.27 5.27
C LYS B 101 -1.53 -59.71 3.95
N LEU B 102 -2.17 -58.79 3.20
CA LEU B 102 -2.78 -59.13 1.92
C LEU B 102 -1.66 -59.55 1.01
N ALA B 103 -0.44 -59.17 1.39
CA ALA B 103 0.71 -59.52 0.59
C ALA B 103 1.22 -60.89 1.02
N GLY B 104 0.54 -61.51 1.98
CA GLY B 104 0.96 -62.82 2.47
C GLY B 104 2.35 -62.70 3.09
N ALA B 105 2.46 -62.90 4.40
CA ALA B 105 3.76 -62.78 5.05
C ALA B 105 3.84 -63.62 6.32
N LYS B 106 5.05 -64.11 6.60
CA LYS B 106 5.24 -64.92 7.78
C LYS B 106 5.06 -64.01 9.00
N LYS B 107 4.28 -64.46 9.96
CA LYS B 107 3.99 -63.68 11.15
C LYS B 107 5.26 -63.19 11.82
N GLU B 108 6.32 -63.99 11.69
CA GLU B 108 7.61 -63.66 12.26
C GLU B 108 7.99 -62.27 11.69
N VAL B 109 7.93 -62.16 10.36
CA VAL B 109 8.24 -60.93 9.66
C VAL B 109 7.26 -59.85 10.08
N ILE B 110 5.98 -60.18 9.96
CA ILE B 110 4.93 -59.27 10.30
C ILE B 110 5.24 -58.60 11.63
N ASN B 111 5.41 -59.40 12.68
CA ASN B 111 5.69 -58.84 14.00
C ASN B 111 6.98 -58.05 14.05
N GLN B 112 8.03 -58.62 13.46
CA GLN B 112 9.34 -57.99 13.41
C GLN B 112 9.19 -56.54 13.01
N ARG B 113 8.58 -56.35 11.85
CA ARG B 113 8.37 -55.03 11.29
C ARG B 113 7.48 -54.13 12.12
N VAL B 114 6.31 -54.62 12.50
CA VAL B 114 5.42 -53.79 13.31
C VAL B 114 6.19 -53.18 14.47
N ASN B 115 6.76 -54.03 15.31
CA ASN B 115 7.52 -53.56 16.46
C ASN B 115 8.66 -52.61 16.11
N GLN B 116 9.33 -52.88 15.00
CA GLN B 116 10.41 -52.01 14.60
C GLN B 116 9.83 -50.63 14.27
N VAL B 117 8.93 -50.60 13.30
CA VAL B 117 8.29 -49.39 12.87
C VAL B 117 7.59 -48.68 14.04
N ALA B 118 7.20 -49.46 15.04
CA ALA B 118 6.51 -48.93 16.21
C ALA B 118 7.46 -48.06 17.02
N GLU B 119 8.57 -48.66 17.43
CA GLU B 119 9.60 -47.98 18.21
C GLU B 119 10.43 -47.21 17.20
N VAL B 120 9.87 -46.13 16.69
CA VAL B 120 10.51 -45.29 15.68
C VAL B 120 9.48 -44.18 15.43
N LEU B 121 8.26 -44.60 15.15
CA LEU B 121 7.20 -43.65 14.92
C LEU B 121 6.61 -43.32 16.29
N GLN B 122 7.26 -43.82 17.34
CA GLN B 122 6.81 -43.58 18.71
C GLN B 122 5.41 -44.15 18.97
N LEU B 123 5.23 -45.46 18.90
CA LEU B 123 3.90 -46.02 19.13
C LEU B 123 3.87 -47.32 19.92
N ALA B 124 5.00 -47.98 20.06
CA ALA B 124 5.05 -49.25 20.79
C ALA B 124 4.13 -49.34 22.03
N HIS B 125 3.96 -48.24 22.74
CA HIS B 125 3.13 -48.27 23.94
C HIS B 125 1.62 -48.33 23.71
N LEU B 126 1.20 -48.22 22.44
CA LEU B 126 -0.24 -48.26 22.18
C LEU B 126 -0.69 -49.15 21.02
N LEU B 127 0.10 -50.19 20.74
CA LEU B 127 -0.22 -51.14 19.69
C LEU B 127 -1.62 -51.71 19.90
N ASP B 128 -1.92 -52.09 21.14
CA ASP B 128 -3.22 -52.63 21.54
C ASP B 128 -4.09 -51.44 21.82
N ARG B 129 -4.98 -51.08 20.91
CA ARG B 129 -5.85 -49.93 21.10
C ARG B 129 -6.51 -49.56 19.77
N LYS B 130 -7.75 -49.10 19.83
CA LYS B 130 -8.48 -48.73 18.62
C LYS B 130 -8.06 -47.36 18.09
N PRO B 131 -8.26 -47.12 16.77
CA PRO B 131 -7.88 -45.84 16.17
C PRO B 131 -8.46 -44.63 16.91
N LYS B 132 -9.34 -44.87 17.88
CA LYS B 132 -9.86 -43.77 18.68
C LYS B 132 -8.78 -43.51 19.74
N ALA B 133 -7.56 -43.28 19.23
CA ALA B 133 -6.35 -42.98 20.00
C ALA B 133 -6.07 -41.55 19.59
N LEU B 134 -7.16 -40.80 19.41
CA LEU B 134 -7.20 -39.38 19.08
C LEU B 134 -6.19 -38.88 18.10
N SER B 135 -5.92 -37.56 18.37
CA SER B 135 -4.43 -36.93 18.46
C SER B 135 -4.35 -36.84 16.98
N GLY B 136 -5.10 -37.64 16.31
CA GLY B 136 -4.97 -37.59 14.86
C GLY B 136 -3.51 -37.67 14.45
N GLY B 137 -2.60 -37.00 15.17
CA GLY B 137 -1.20 -37.05 14.85
C GLY B 137 -0.67 -38.45 15.07
N GLN B 138 -1.40 -39.23 15.87
CA GLN B 138 -0.99 -40.60 16.12
C GLN B 138 -1.60 -41.52 15.08
N ARG B 139 -2.85 -41.25 14.69
CA ARG B 139 -3.49 -42.08 13.69
C ARG B 139 -2.73 -41.95 12.38
N GLN B 140 -2.30 -40.73 12.09
CA GLN B 140 -1.54 -40.47 10.87
C GLN B 140 -0.24 -41.26 10.93
N ARG B 141 0.32 -41.35 12.12
CA ARG B 141 1.54 -42.09 12.28
C ARG B 141 1.26 -43.56 12.05
N VAL B 142 0.07 -43.98 12.44
CA VAL B 142 -0.37 -45.37 12.26
C VAL B 142 -0.50 -45.59 10.77
N ALA B 143 -1.11 -44.62 10.09
CA ALA B 143 -1.30 -44.72 8.64
C ALA B 143 0.01 -44.93 7.91
N ILE B 144 1.04 -44.17 8.30
CA ILE B 144 2.35 -44.27 7.67
C ILE B 144 3.00 -45.62 8.00
N GLY B 145 2.98 -46.01 9.27
CA GLY B 145 3.56 -47.29 9.65
C GLY B 145 3.13 -48.44 8.73
N ARG B 146 1.83 -48.45 8.41
CA ARG B 146 1.26 -49.47 7.54
C ARG B 146 2.12 -49.59 6.27
N THR B 147 2.19 -48.49 5.54
CA THR B 147 2.98 -48.43 4.33
C THR B 147 4.44 -48.77 4.64
N LEU B 148 4.95 -48.38 5.80
CA LEU B 148 6.33 -48.73 6.12
C LEU B 148 6.46 -50.23 6.42
N VAL B 149 5.60 -50.77 7.27
CA VAL B 149 5.66 -52.20 7.60
C VAL B 149 5.55 -53.06 6.33
N ALA B 150 4.62 -52.71 5.45
CA ALA B 150 4.48 -53.43 4.19
C ALA B 150 5.55 -52.69 3.43
N GLU B 151 6.58 -53.36 2.93
CA GLU B 151 7.64 -52.61 2.23
C GLU B 151 7.46 -52.63 0.72
N PRO B 152 6.52 -51.82 0.20
CA PRO B 152 6.27 -51.78 -1.23
C PRO B 152 7.54 -51.42 -2.01
N SER B 153 7.70 -52.02 -3.20
CA SER B 153 8.87 -51.78 -4.01
C SER B 153 9.03 -50.30 -4.33
N VAL B 154 7.98 -49.53 -4.08
CA VAL B 154 8.00 -48.10 -4.31
C VAL B 154 7.07 -47.46 -3.29
N PHE B 155 7.49 -46.34 -2.68
CA PHE B 155 6.65 -45.65 -1.71
C PHE B 155 6.07 -44.37 -2.33
N LEU B 156 4.78 -44.13 -2.13
CA LEU B 156 4.17 -42.93 -2.64
C LEU B 156 3.56 -42.25 -1.42
N LEU B 157 4.27 -41.24 -0.91
CA LEU B 157 3.74 -40.53 0.24
C LEU B 157 3.30 -39.14 -0.15
N ASP B 158 2.03 -38.87 0.10
CA ASP B 158 1.46 -37.57 -0.20
C ASP B 158 1.33 -36.75 1.07
N GLU B 159 2.24 -35.80 1.26
CA GLU B 159 2.23 -34.93 2.45
C GLU B 159 1.92 -35.67 3.75
N PRO B 160 2.65 -36.75 4.04
CA PRO B 160 2.43 -37.56 5.25
C PRO B 160 2.54 -36.86 6.59
N LEU B 161 3.38 -35.83 6.67
CA LEU B 161 3.59 -35.09 7.93
C LEU B 161 2.61 -33.93 8.16
N SER B 162 1.65 -33.77 7.26
CA SER B 162 0.69 -32.68 7.34
C SER B 162 -0.08 -32.50 8.66
N ASN B 163 -0.43 -33.60 9.30
CA ASN B 163 -1.21 -33.55 10.54
C ASN B 163 -0.41 -33.48 11.84
N LEU B 164 0.88 -33.20 11.75
CA LEU B 164 1.71 -33.19 12.96
C LEU B 164 2.14 -31.82 13.46
N ASP B 165 2.54 -31.77 14.73
CA ASP B 165 3.01 -30.51 15.29
C ASP B 165 4.39 -30.29 14.72
N ALA B 166 4.80 -29.04 14.61
CA ALA B 166 6.11 -28.72 14.08
C ALA B 166 7.20 -29.64 14.66
N ALA B 167 7.18 -29.80 15.98
CA ALA B 167 8.19 -30.62 16.66
C ALA B 167 8.20 -32.05 16.14
N LEU B 168 7.03 -32.64 16.02
CA LEU B 168 6.89 -34.00 15.51
C LEU B 168 7.30 -34.05 14.06
N ARG B 169 6.76 -33.11 13.28
CA ARG B 169 7.04 -33.01 11.86
C ARG B 169 8.56 -33.09 11.65
N VAL B 170 9.31 -32.42 12.53
CA VAL B 170 10.76 -32.38 12.45
C VAL B 170 11.40 -33.75 12.71
N GLN B 171 10.96 -34.43 13.76
CA GLN B 171 11.51 -35.74 14.11
C GLN B 171 11.16 -36.78 13.08
N MET B 172 9.96 -36.66 12.53
CA MET B 172 9.50 -37.60 11.53
C MET B 172 10.37 -37.58 10.28
N ARG B 173 10.80 -36.38 9.88
CA ARG B 173 11.67 -36.23 8.71
C ARG B 173 12.93 -37.05 8.90
N ILE B 174 13.59 -36.85 10.04
CA ILE B 174 14.81 -37.57 10.37
C ILE B 174 14.54 -39.09 10.33
N GLU B 175 13.40 -39.47 10.87
CA GLU B 175 12.98 -40.86 10.91
C GLU B 175 12.81 -41.42 9.51
N ILE B 176 12.11 -40.67 8.66
CA ILE B 176 11.89 -41.10 7.29
C ILE B 176 13.21 -41.17 6.53
N SER B 177 14.15 -40.29 6.88
CA SER B 177 15.44 -40.29 6.22
C SER B 177 16.17 -41.57 6.57
N ARG B 178 16.27 -41.84 7.87
CA ARG B 178 16.93 -43.04 8.36
C ARG B 178 16.29 -44.25 7.72
N LEU B 179 14.96 -44.30 7.80
CA LEU B 179 14.21 -45.41 7.21
C LEU B 179 14.64 -45.65 5.77
N HIS B 180 14.82 -44.57 5.02
CA HIS B 180 15.25 -44.66 3.62
C HIS B 180 16.69 -45.19 3.50
N LYS B 181 17.52 -44.88 4.49
CA LYS B 181 18.90 -45.35 4.45
C LYS B 181 18.91 -46.86 4.66
N ARG B 182 18.19 -47.35 5.65
CA ARG B 182 18.15 -48.79 5.90
C ARG B 182 17.68 -49.48 4.63
N LEU B 183 16.37 -49.56 4.43
CA LEU B 183 15.87 -50.17 3.21
C LEU B 183 16.14 -49.14 2.11
N GLY B 184 16.67 -49.60 0.98
CA GLY B 184 16.97 -48.67 -0.08
C GLY B 184 16.03 -48.77 -1.26
N ARG B 185 14.74 -48.61 -1.00
CA ARG B 185 13.75 -48.70 -2.05
C ARG B 185 13.47 -47.33 -2.67
N THR B 186 12.81 -47.32 -3.82
CA THR B 186 12.46 -46.08 -4.48
C THR B 186 11.30 -45.40 -3.76
N MET B 187 11.42 -44.10 -3.56
CA MET B 187 10.38 -43.35 -2.88
C MET B 187 10.09 -42.02 -3.55
N ILE B 188 8.82 -41.79 -3.83
CA ILE B 188 8.40 -40.53 -4.42
C ILE B 188 7.56 -39.85 -3.33
N TYR B 189 8.09 -38.74 -2.81
CA TYR B 189 7.47 -37.97 -1.73
C TYR B 189 6.94 -36.64 -2.25
N VAL B 190 5.81 -36.20 -1.71
CA VAL B 190 5.17 -34.94 -2.13
C VAL B 190 4.88 -33.96 -0.97
N THR B 191 5.30 -32.71 -1.14
CA THR B 191 5.08 -31.67 -0.12
C THR B 191 4.85 -30.34 -0.80
N HIS B 192 4.53 -29.34 0.00
CA HIS B 192 4.34 -28.00 -0.51
C HIS B 192 5.41 -27.20 0.22
N ASP B 193 6.09 -27.89 1.14
CA ASP B 193 7.12 -27.27 1.97
C ASP B 193 8.54 -27.50 1.45
N GLN B 194 9.14 -26.44 0.91
CA GLN B 194 10.49 -26.52 0.37
C GLN B 194 11.52 -27.10 1.36
N VAL B 195 11.36 -26.80 2.63
CA VAL B 195 12.27 -27.36 3.63
C VAL B 195 12.26 -28.89 3.68
N GLU B 196 11.07 -29.50 3.66
CA GLU B 196 10.99 -30.96 3.68
C GLU B 196 11.74 -31.50 2.46
N ALA B 197 11.54 -30.83 1.32
CA ALA B 197 12.16 -31.22 0.08
C ALA B 197 13.67 -31.22 0.25
N MET B 198 14.21 -30.07 0.61
CA MET B 198 15.65 -29.90 0.80
C MET B 198 16.24 -30.94 1.75
N THR B 199 15.47 -31.28 2.77
CA THR B 199 15.90 -32.20 3.81
C THR B 199 15.83 -33.67 3.47
N LEU B 200 14.84 -34.07 2.69
CA LEU B 200 14.67 -35.48 2.38
C LEU B 200 15.21 -36.04 1.06
N ALA B 201 15.07 -35.27 0.00
CA ALA B 201 15.42 -35.72 -1.34
C ALA B 201 16.84 -35.93 -1.80
N ASP B 202 16.96 -36.82 -2.78
CA ASP B 202 18.23 -37.09 -3.42
C ASP B 202 18.08 -36.22 -4.65
N LYS B 203 16.83 -36.13 -5.11
CA LYS B 203 16.47 -35.38 -6.28
C LYS B 203 15.12 -34.71 -6.06
N ILE B 204 15.05 -33.40 -6.34
CA ILE B 204 13.81 -32.66 -6.18
C ILE B 204 13.26 -32.25 -7.54
N VAL B 205 11.94 -32.33 -7.67
CA VAL B 205 11.33 -31.90 -8.91
C VAL B 205 10.31 -30.86 -8.50
N VAL B 206 10.54 -29.63 -8.98
CA VAL B 206 9.68 -28.49 -8.69
C VAL B 206 8.57 -28.35 -9.72
N LEU B 207 7.33 -28.34 -9.24
CA LEU B 207 6.18 -28.20 -10.14
C LEU B 207 5.53 -26.82 -10.05
N ASP B 208 5.19 -26.28 -11.21
CA ASP B 208 4.55 -24.99 -11.28
C ASP B 208 3.40 -25.09 -12.28
N ALA B 209 2.20 -24.90 -11.76
CA ALA B 209 0.99 -24.96 -12.57
C ALA B 209 0.99 -26.16 -13.50
N GLY B 210 1.45 -27.31 -13.02
CA GLY B 210 1.43 -28.51 -13.83
C GLY B 210 2.67 -28.79 -14.66
N ARG B 211 3.53 -27.79 -14.81
CA ARG B 211 4.75 -28.01 -15.58
C ARG B 211 5.94 -28.27 -14.65
N VAL B 212 6.96 -28.92 -15.17
CA VAL B 212 8.13 -29.19 -14.36
C VAL B 212 9.05 -28.00 -14.55
N ALA B 213 9.12 -27.14 -13.55
CA ALA B 213 9.98 -25.96 -13.61
C ALA B 213 11.46 -26.36 -13.62
N GLN B 214 11.81 -27.43 -12.90
CA GLN B 214 13.19 -27.89 -12.84
C GLN B 214 13.37 -29.18 -12.04
N VAL B 215 14.41 -29.92 -12.35
CA VAL B 215 14.70 -31.16 -11.62
C VAL B 215 16.17 -31.14 -11.26
N GLY B 216 16.50 -31.58 -10.04
CA GLY B 216 17.89 -31.59 -9.64
C GLY B 216 18.14 -31.74 -8.16
N LYS B 217 19.42 -31.89 -7.80
CA LYS B 217 19.79 -32.04 -6.41
C LYS B 217 19.45 -30.74 -5.67
N PRO B 218 19.15 -30.84 -4.37
CA PRO B 218 18.79 -29.66 -3.58
C PRO B 218 19.72 -28.48 -3.78
N LEU B 219 21.03 -28.70 -3.67
CA LEU B 219 21.95 -27.59 -3.86
C LEU B 219 21.94 -27.04 -5.28
N GLU B 220 21.58 -27.89 -6.25
CA GLU B 220 21.51 -27.45 -7.64
C GLU B 220 20.37 -26.44 -7.75
N LEU B 221 19.21 -26.82 -7.22
CA LEU B 221 18.06 -25.94 -7.22
C LEU B 221 18.30 -24.67 -6.41
N TYR B 222 19.09 -24.79 -5.35
CA TYR B 222 19.37 -23.65 -4.48
C TYR B 222 20.41 -22.66 -5.05
N HIS B 223 21.48 -23.19 -5.63
CA HIS B 223 22.52 -22.32 -6.17
C HIS B 223 22.17 -21.87 -7.58
N TYR B 224 21.49 -22.73 -8.31
CA TYR B 224 21.16 -22.46 -9.69
C TYR B 224 19.71 -22.68 -10.07
N PRO B 225 18.81 -21.83 -9.58
CA PRO B 225 17.42 -22.07 -9.99
C PRO B 225 17.32 -21.75 -11.50
N ALA B 226 16.55 -22.54 -12.24
CA ALA B 226 16.40 -22.33 -13.68
C ALA B 226 15.60 -21.07 -14.04
N ASP B 227 14.71 -20.65 -13.16
CA ASP B 227 13.92 -19.47 -13.43
C ASP B 227 13.46 -18.80 -12.14
N ARG B 228 12.80 -17.65 -12.29
CA ARG B 228 12.33 -16.90 -11.15
C ARG B 228 11.45 -17.74 -10.21
N PHE B 229 10.57 -18.57 -10.78
CA PHE B 229 9.69 -19.41 -9.96
C PHE B 229 10.48 -20.30 -9.00
N VAL B 230 11.41 -21.07 -9.53
CA VAL B 230 12.19 -21.94 -8.68
C VAL B 230 12.98 -21.11 -7.67
N ALA B 231 13.53 -19.99 -8.14
CA ALA B 231 14.33 -19.12 -7.30
C ALA B 231 13.58 -18.58 -6.11
N GLY B 232 12.27 -18.40 -6.25
CA GLY B 232 11.49 -17.86 -5.14
C GLY B 232 10.72 -18.92 -4.36
N PHE B 233 10.95 -20.18 -4.72
CA PHE B 233 10.26 -21.25 -4.04
C PHE B 233 11.19 -22.00 -3.09
N ILE B 234 12.45 -22.06 -3.45
CA ILE B 234 13.40 -22.74 -2.61
C ILE B 234 14.21 -21.70 -1.84
N GLY B 235 14.04 -21.70 -0.51
CA GLY B 235 14.76 -20.77 0.32
C GLY B 235 13.85 -20.28 1.40
N SER B 236 14.04 -20.81 2.61
CA SER B 236 13.23 -20.46 3.79
C SER B 236 12.65 -19.06 3.65
N PRO B 237 13.43 -18.00 3.96
CA PRO B 237 12.79 -16.67 3.75
C PRO B 237 13.08 -16.40 2.26
N LYS B 238 12.04 -16.11 1.49
CA LYS B 238 12.17 -15.88 0.05
C LYS B 238 13.31 -14.97 -0.45
N MET B 239 13.82 -15.29 -1.62
CA MET B 239 14.89 -14.53 -2.25
C MET B 239 14.42 -13.11 -2.60
N ASN B 240 15.32 -12.14 -2.47
CA ASN B 240 14.98 -10.77 -2.80
C ASN B 240 15.02 -10.60 -4.31
N PHE B 241 14.15 -9.73 -4.82
CA PHE B 241 14.08 -9.46 -6.25
C PHE B 241 14.07 -7.96 -6.53
N LEU B 242 15.10 -7.49 -7.21
CA LEU B 242 15.18 -6.08 -7.55
C LEU B 242 15.00 -5.92 -9.05
N PRO B 243 14.09 -5.03 -9.45
CA PRO B 243 13.85 -4.79 -10.87
C PRO B 243 15.03 -3.98 -11.39
N VAL B 244 15.74 -4.52 -12.38
CA VAL B 244 16.89 -3.82 -12.92
C VAL B 244 16.84 -3.68 -14.45
N LYS B 245 17.71 -2.84 -14.98
CA LYS B 245 17.77 -2.56 -16.41
C LYS B 245 19.18 -2.87 -16.88
N VAL B 246 19.30 -3.76 -17.86
CA VAL B 246 20.64 -4.11 -18.35
C VAL B 246 21.22 -2.98 -19.19
N THR B 247 22.43 -2.58 -18.82
CA THR B 247 23.12 -1.49 -19.47
C THR B 247 24.33 -1.91 -20.30
N ALA B 248 24.65 -3.19 -20.31
CA ALA B 248 25.81 -3.64 -21.07
C ALA B 248 26.02 -5.15 -20.95
N THR B 249 26.54 -5.77 -22.00
CA THR B 249 26.80 -7.20 -21.95
C THR B 249 28.21 -7.49 -22.40
N ALA B 250 28.61 -8.73 -22.22
CA ALA B 250 29.94 -9.19 -22.57
C ALA B 250 29.89 -10.71 -22.55
N ILE B 251 31.05 -11.33 -22.67
CA ILE B 251 31.06 -12.78 -22.63
C ILE B 251 31.16 -13.19 -21.18
N ASP B 252 30.23 -14.03 -20.77
CA ASP B 252 30.21 -14.51 -19.42
C ASP B 252 30.15 -13.34 -18.43
N GLN B 253 29.38 -12.31 -18.76
CA GLN B 253 29.25 -11.15 -17.90
C GLN B 253 28.17 -10.19 -18.41
N VAL B 254 27.30 -9.75 -17.50
CA VAL B 254 26.24 -8.81 -17.83
C VAL B 254 26.25 -7.65 -16.82
N GLN B 255 26.07 -6.44 -17.32
CA GLN B 255 26.05 -5.30 -16.42
C GLN B 255 24.65 -4.77 -16.38
N VAL B 256 24.19 -4.40 -15.19
CA VAL B 256 22.83 -3.87 -15.01
C VAL B 256 22.85 -2.68 -14.09
N GLU B 257 21.80 -1.87 -14.13
CA GLU B 257 21.75 -0.72 -13.24
C GLU B 257 20.63 -0.93 -12.22
N LEU B 258 20.97 -0.68 -10.96
CA LEU B 258 20.02 -0.84 -9.87
C LEU B 258 18.96 0.24 -9.93
N PRO B 259 17.71 -0.11 -9.59
CA PRO B 259 16.57 0.81 -9.60
C PRO B 259 16.80 2.03 -8.72
N MET B 260 17.94 2.04 -8.02
CA MET B 260 18.30 3.13 -7.14
C MET B 260 18.33 4.44 -7.91
N PRO B 261 17.75 5.51 -7.36
CA PRO B 261 17.81 6.75 -8.14
C PRO B 261 19.29 7.13 -8.25
N ASN B 262 20.13 6.24 -7.72
CA ASN B 262 21.58 6.36 -7.74
C ASN B 262 22.05 5.56 -8.96
N ARG B 263 21.12 4.75 -9.49
CA ARG B 263 21.32 3.92 -10.68
C ARG B 263 22.71 3.31 -10.80
N GLN B 264 23.27 2.85 -9.68
CA GLN B 264 24.60 2.26 -9.68
C GLN B 264 24.62 1.07 -10.63
N GLN B 265 25.68 0.96 -11.41
CA GLN B 265 25.80 -0.12 -12.36
C GLN B 265 26.74 -1.20 -11.84
N VAL B 266 26.33 -2.45 -11.97
CA VAL B 266 27.11 -3.58 -11.47
C VAL B 266 27.23 -4.72 -12.48
N TRP B 267 28.41 -5.30 -12.58
CA TRP B 267 28.61 -6.42 -13.47
C TRP B 267 28.27 -7.69 -12.73
N LEU B 268 27.53 -8.57 -13.38
CA LEU B 268 27.16 -9.83 -12.78
C LEU B 268 27.71 -10.99 -13.60
N PRO B 269 28.48 -11.90 -12.97
CA PRO B 269 29.04 -13.03 -13.70
C PRO B 269 27.95 -14.02 -14.15
N VAL B 270 27.03 -13.56 -14.99
CA VAL B 270 25.97 -14.41 -15.49
C VAL B 270 26.06 -14.66 -16.98
N GLU B 271 25.55 -15.82 -17.37
CA GLU B 271 25.50 -16.33 -18.74
C GLU B 271 25.61 -15.31 -19.86
N SER B 272 24.70 -14.33 -19.90
CA SER B 272 24.74 -13.32 -20.94
C SER B 272 24.16 -13.76 -22.29
N ARG B 273 23.59 -14.96 -22.32
CA ARG B 273 22.98 -15.50 -23.54
C ARG B 273 21.89 -14.54 -24.01
N ASP B 274 20.70 -15.05 -24.27
CA ASP B 274 19.59 -14.23 -24.74
C ASP B 274 19.35 -12.98 -23.85
N VAL B 275 20.21 -11.96 -23.99
CA VAL B 275 20.05 -10.75 -23.19
C VAL B 275 20.54 -9.49 -23.91
N GLN B 276 19.63 -8.55 -24.18
CA GLN B 276 19.98 -7.32 -24.87
C GLN B 276 19.95 -6.09 -23.98
N VAL B 277 20.83 -5.15 -24.30
CA VAL B 277 20.94 -3.91 -23.56
C VAL B 277 19.57 -3.20 -23.50
N GLY B 278 19.27 -2.60 -22.37
CA GLY B 278 18.02 -1.88 -22.23
C GLY B 278 16.88 -2.76 -21.75
N ALA B 279 17.08 -4.07 -21.78
CA ALA B 279 16.06 -5.02 -21.30
C ALA B 279 15.82 -4.87 -19.79
N ASN B 280 14.57 -5.09 -19.38
CA ASN B 280 14.23 -5.01 -17.98
C ASN B 280 14.33 -6.39 -17.41
N MET B 281 15.06 -6.51 -16.33
CA MET B 281 15.23 -7.82 -15.71
C MET B 281 15.05 -7.81 -14.20
N SER B 282 15.14 -9.01 -13.61
CA SER B 282 14.97 -9.16 -12.19
C SER B 282 16.27 -9.62 -11.54
N LEU B 283 16.79 -8.83 -10.63
CA LEU B 283 18.03 -9.21 -9.96
C LEU B 283 17.62 -9.95 -8.68
N GLY B 284 18.18 -11.14 -8.49
CA GLY B 284 17.85 -11.93 -7.32
C GLY B 284 19.00 -12.14 -6.36
N ILE B 285 18.74 -11.85 -5.08
CA ILE B 285 19.74 -12.03 -4.04
C ILE B 285 19.09 -12.59 -2.77
N ARG B 286 19.59 -13.72 -2.29
CA ARG B 286 19.06 -14.35 -1.08
C ARG B 286 19.43 -13.56 0.17
N PRO B 287 18.50 -13.49 1.15
CA PRO B 287 18.72 -12.78 2.40
C PRO B 287 20.05 -13.17 3.08
N GLU B 288 20.39 -14.48 3.08
CA GLU B 288 21.62 -14.97 3.70
C GLU B 288 22.86 -14.51 2.98
N HIS B 289 22.70 -14.10 1.74
CA HIS B 289 23.85 -13.71 0.97
C HIS B 289 24.17 -12.23 0.91
N LEU B 290 23.33 -11.41 1.50
CA LEU B 290 23.60 -9.99 1.54
C LEU B 290 24.74 -9.86 2.54
N LEU B 291 25.58 -8.85 2.36
CA LEU B 291 26.73 -8.67 3.23
C LEU B 291 26.56 -7.61 4.31
N PRO B 292 27.29 -7.74 5.43
CA PRO B 292 27.27 -6.83 6.57
C PRO B 292 27.40 -5.34 6.25
N SER B 293 28.07 -5.02 5.15
CA SER B 293 28.28 -3.63 4.71
C SER B 293 29.70 -3.17 4.93
N ASP B 294 30.37 -3.77 5.92
CA ASP B 294 31.77 -3.41 6.20
C ASP B 294 32.45 -3.63 4.86
N ILE B 295 31.85 -4.52 4.07
CA ILE B 295 32.33 -4.85 2.74
C ILE B 295 31.62 -3.90 1.78
N ALA B 296 32.31 -2.83 1.39
CA ALA B 296 31.76 -1.84 0.48
C ALA B 296 31.39 -2.48 -0.85
N ASP B 297 31.58 -1.72 -1.94
CA ASP B 297 31.26 -2.21 -3.27
C ASP B 297 29.76 -2.53 -3.36
N VAL B 298 28.99 -1.60 -3.90
CA VAL B 298 27.54 -1.80 -4.03
C VAL B 298 26.89 -1.93 -2.67
N ILE B 299 26.41 -0.80 -2.16
CA ILE B 299 25.77 -0.77 -0.86
C ILE B 299 24.34 -0.29 -0.98
N LEU B 300 23.48 -0.84 -0.15
CA LEU B 300 22.08 -0.45 -0.11
C LEU B 300 21.82 -0.06 1.33
N GLU B 301 21.28 1.13 1.53
CA GLU B 301 20.97 1.63 2.86
C GLU B 301 19.47 1.92 2.92
N GLY B 302 18.86 1.72 4.07
CA GLY B 302 17.43 1.95 4.18
C GLY B 302 16.92 2.00 5.61
N GLU B 303 15.59 2.02 5.75
CA GLU B 303 14.97 2.10 7.07
C GLU B 303 14.39 0.76 7.50
N VAL B 304 14.78 0.33 8.69
CA VAL B 304 14.31 -0.93 9.24
C VAL B 304 12.79 -0.93 9.47
N GLN B 305 12.09 -1.88 8.87
CA GLN B 305 10.65 -1.97 9.02
C GLN B 305 10.32 -3.02 10.06
N VAL B 306 11.06 -4.12 10.02
CA VAL B 306 10.82 -5.22 10.92
C VAL B 306 12.13 -5.89 11.33
N VAL B 307 12.17 -6.35 12.58
CA VAL B 307 13.35 -7.04 13.08
C VAL B 307 12.89 -8.30 13.80
N GLU B 308 13.32 -9.46 13.31
CA GLU B 308 12.94 -10.72 13.94
C GLU B 308 14.09 -11.40 14.67
N GLN B 309 14.09 -11.32 16.00
CA GLN B 309 15.12 -11.98 16.80
C GLN B 309 14.71 -13.44 16.92
N LEU B 310 15.55 -14.36 16.48
CA LEU B 310 15.21 -15.77 16.57
C LEU B 310 16.23 -16.57 17.37
N GLY B 311 17.11 -15.86 18.06
CA GLY B 311 18.11 -16.53 18.86
C GLY B 311 19.29 -17.03 18.05
N ASN B 312 19.02 -17.88 17.07
CA ASN B 312 20.11 -18.40 16.25
C ASN B 312 20.52 -17.40 15.17
N GLU B 313 19.56 -16.58 14.76
CA GLU B 313 19.82 -15.57 13.73
C GLU B 313 18.86 -14.40 13.90
N THR B 314 19.06 -13.36 13.09
CA THR B 314 18.20 -12.18 13.10
C THR B 314 17.78 -11.85 11.68
N GLN B 315 16.49 -11.75 11.44
CA GLN B 315 15.99 -11.39 10.12
C GLN B 315 15.54 -9.93 10.18
N ILE B 316 16.16 -9.10 9.36
CA ILE B 316 15.87 -7.67 9.31
C ILE B 316 15.21 -7.25 8.01
N HIS B 317 14.04 -6.64 8.09
CA HIS B 317 13.34 -6.17 6.89
C HIS B 317 13.69 -4.69 6.70
N ILE B 318 14.20 -4.34 5.53
CA ILE B 318 14.58 -2.96 5.27
C ILE B 318 13.87 -2.31 4.10
N GLN B 319 13.62 -1.01 4.26
CA GLN B 319 12.98 -0.21 3.23
C GLN B 319 14.07 0.57 2.55
N ILE B 320 14.41 0.18 1.32
CA ILE B 320 15.45 0.88 0.59
C ILE B 320 14.78 1.99 -0.23
N PRO B 321 15.13 3.26 0.05
CA PRO B 321 14.59 4.43 -0.63
C PRO B 321 14.33 4.15 -2.10
N SER B 322 15.35 3.62 -2.76
CA SER B 322 15.26 3.29 -4.17
C SER B 322 14.18 2.24 -4.44
N ILE B 323 12.93 2.69 -4.50
CA ILE B 323 11.80 1.81 -4.74
C ILE B 323 11.55 0.86 -3.58
N ARG B 324 10.36 0.97 -3.01
CA ARG B 324 9.92 0.15 -1.88
C ARG B 324 10.53 -1.24 -1.88
N GLN B 325 9.73 -2.21 -2.33
CA GLN B 325 10.13 -3.61 -2.40
C GLN B 325 10.11 -4.26 -1.02
N ASN B 326 9.87 -3.43 0.00
CA ASN B 326 11.43 -4.16 1.14
C ASN B 326 12.40 -5.34 1.08
N LEU B 327 13.67 -5.05 1.31
CA LEU B 327 14.74 -6.04 1.28
C LEU B 327 14.89 -6.84 2.59
N VAL B 328 14.77 -8.15 2.52
CA VAL B 328 14.91 -8.99 3.72
C VAL B 328 16.35 -9.46 3.90
N TYR B 329 16.92 -9.20 5.07
CA TYR B 329 18.31 -9.58 5.35
C TYR B 329 18.45 -10.57 6.52
N ARG B 330 19.36 -11.53 6.39
CA ARG B 330 19.59 -12.53 7.46
C ARG B 330 21.03 -12.53 7.92
N GLN B 331 21.25 -12.21 9.18
CA GLN B 331 22.59 -12.22 9.73
C GLN B 331 22.57 -13.23 10.86
N ASN B 332 23.67 -13.95 11.05
CA ASN B 332 23.72 -14.95 12.09
C ASN B 332 23.81 -14.40 13.51
N ASP B 333 23.24 -15.17 14.43
CA ASP B 333 23.20 -14.81 15.85
C ASP B 333 22.29 -13.59 16.06
N VAL B 334 22.43 -12.93 17.20
CA VAL B 334 21.63 -11.76 17.52
C VAL B 334 22.22 -10.48 16.97
N VAL B 335 21.37 -9.65 16.38
CA VAL B 335 21.80 -8.37 15.83
C VAL B 335 20.91 -7.32 16.45
N LEU B 336 21.52 -6.37 17.15
CA LEU B 336 20.74 -5.34 17.81
C LEU B 336 20.42 -4.08 17.01
N VAL B 337 19.26 -4.08 16.36
CA VAL B 337 18.81 -2.93 15.60
C VAL B 337 17.34 -2.73 15.91
N GLU B 338 16.93 -1.47 15.97
CA GLU B 338 15.54 -1.12 16.26
C GLU B 338 14.84 -0.69 14.97
N GLU B 339 13.54 -0.97 14.89
CA GLU B 339 12.78 -0.58 13.72
C GLU B 339 12.92 0.94 13.59
N GLY B 340 12.94 1.46 12.37
CA GLY B 340 13.08 2.88 12.18
C GLY B 340 14.53 3.27 12.03
N ALA B 341 15.43 2.40 12.45
CA ALA B 341 16.86 2.67 12.34
C ALA B 341 17.29 2.62 10.88
N THR B 342 18.41 3.24 10.55
CA THR B 342 18.91 3.21 9.18
C THR B 342 19.99 2.14 9.15
N PHE B 343 19.75 1.11 8.36
CA PHE B 343 20.66 -0.02 8.24
C PHE B 343 21.16 -0.13 6.81
N ALA B 344 22.41 -0.57 6.64
CA ALA B 344 22.99 -0.73 5.31
C ALA B 344 23.52 -2.15 5.12
N ILE B 345 23.51 -2.61 3.88
CA ILE B 345 24.00 -3.94 3.57
C ILE B 345 24.75 -3.95 2.24
N GLY B 346 25.56 -4.98 2.02
CA GLY B 346 26.32 -5.07 0.79
C GLY B 346 25.71 -6.04 -0.22
N LEU B 347 25.83 -5.70 -1.50
CA LEU B 347 25.31 -6.54 -2.56
C LEU B 347 26.45 -7.22 -3.26
N PRO B 348 26.62 -8.53 -3.02
CA PRO B 348 27.71 -9.30 -3.64
C PRO B 348 27.36 -9.82 -5.04
N PRO B 349 28.04 -9.29 -6.06
CA PRO B 349 27.81 -9.70 -7.44
C PRO B 349 27.86 -11.20 -7.68
N GLU B 350 28.88 -11.87 -7.18
CA GLU B 350 29.02 -13.31 -7.40
C GLU B 350 27.84 -14.09 -6.86
N ARG B 351 27.03 -13.45 -6.02
CA ARG B 351 25.92 -14.13 -5.43
C ARG B 351 24.56 -13.81 -6.05
N CYS B 352 24.52 -12.85 -6.97
CA CYS B 352 23.26 -12.47 -7.61
C CYS B 352 22.73 -13.41 -8.72
N HIS B 353 21.42 -13.35 -8.92
CA HIS B 353 20.74 -14.11 -9.97
C HIS B 353 20.12 -13.06 -10.89
N LEU B 354 19.90 -13.43 -12.14
CA LEU B 354 19.31 -12.50 -13.09
C LEU B 354 18.28 -13.20 -13.95
N PHE B 355 17.07 -12.66 -13.95
CA PHE B 355 16.03 -13.26 -14.75
C PHE B 355 15.51 -12.33 -15.84
N ARG B 356 15.34 -12.90 -17.03
CA ARG B 356 14.84 -12.20 -18.19
C ARG B 356 13.36 -11.97 -17.93
N GLU B 357 12.75 -11.09 -18.72
CA GLU B 357 11.34 -10.77 -18.54
C GLU B 357 10.46 -12.00 -18.60
N ASP B 358 10.89 -12.99 -19.37
CA ASP B 358 10.11 -14.22 -19.49
C ASP B 358 10.32 -15.09 -18.26
N GLY B 359 11.06 -14.57 -17.29
CA GLY B 359 11.30 -15.30 -16.06
C GLY B 359 12.43 -16.30 -16.05
N THR B 360 13.00 -16.60 -17.20
CA THR B 360 14.10 -17.57 -17.24
C THR B 360 15.38 -16.96 -16.69
N ALA B 361 16.26 -17.81 -16.19
CA ALA B 361 17.50 -17.34 -15.58
C ALA B 361 18.72 -17.33 -16.48
N CYS B 362 19.58 -16.35 -16.23
CA CYS B 362 20.83 -16.24 -16.98
C CYS B 362 21.81 -17.06 -16.15
N ARG B 363 22.07 -18.31 -16.55
CA ARG B 363 22.96 -19.19 -15.82
C ARG B 363 24.11 -18.50 -15.10
N ARG B 364 24.20 -18.72 -13.79
CA ARG B 364 25.27 -18.12 -13.01
C ARG B 364 26.59 -18.80 -13.35
N LEU B 365 27.65 -18.01 -13.49
CA LEU B 365 28.96 -18.56 -13.82
C LEU B 365 29.85 -18.75 -12.60
N HIS B 366 29.49 -18.08 -11.52
CA HIS B 366 30.25 -18.23 -10.30
C HIS B 366 30.11 -19.65 -9.75
N LYS B 367 31.23 -20.34 -9.58
CA LYS B 367 31.22 -21.72 -9.07
C LYS B 367 30.81 -21.72 -7.59
N GLU B 368 29.83 -22.55 -7.24
CA GLU B 368 29.37 -22.68 -5.86
C GLU B 368 29.71 -24.08 -5.35
N PRO B 369 30.07 -24.19 -4.06
CA PRO B 369 30.43 -25.47 -3.43
C PRO B 369 29.29 -26.43 -3.26
N GLY B 370 29.54 -27.71 -3.51
CA GLY B 370 28.49 -28.70 -3.35
C GLY B 370 27.78 -29.09 -4.62
N VAL B 371 28.16 -28.46 -5.73
CA VAL B 371 27.55 -28.75 -7.02
C VAL B 371 28.63 -29.10 -8.04
N ALA B 372 28.50 -30.24 -8.68
CA ALA B 372 29.47 -30.64 -9.69
C ALA B 372 29.50 -29.57 -10.75
N SER B 373 30.69 -29.03 -10.99
CA SER B 373 30.93 -27.96 -11.97
C SER B 373 32.20 -28.09 -12.82
N ALA B 374 32.11 -27.64 -14.06
CA ALA B 374 33.22 -27.72 -14.97
C ALA B 374 34.44 -26.93 -14.58
N SER B 375 35.60 -27.55 -14.78
CA SER B 375 36.90 -26.95 -14.49
C SER B 375 37.87 -28.07 -14.15
N ALA C 2 -37.67 34.49 -6.45
CA ALA C 2 -39.04 34.84 -5.99
C ALA C 2 -39.47 33.92 -4.85
N SER C 3 -38.52 33.55 -4.00
CA SER C 3 -38.79 32.67 -2.87
C SER C 3 -39.15 31.24 -3.26
N VAL C 4 -38.29 30.30 -2.87
CA VAL C 4 -38.53 28.90 -3.17
C VAL C 4 -38.35 28.09 -1.90
N GLN C 5 -39.29 27.24 -1.64
CA GLN C 5 -39.19 26.46 -0.41
C GLN C 5 -39.47 24.99 -0.65
N LEU C 6 -38.59 24.15 -0.12
CA LEU C 6 -38.73 22.71 -0.25
C LEU C 6 -38.95 22.16 1.14
N GLN C 7 -40.05 21.48 1.39
CA GLN C 7 -40.36 20.92 2.70
C GLN C 7 -40.47 19.40 2.62
N ASN C 8 -39.48 18.73 3.19
CA ASN C 8 -39.44 17.27 3.19
C ASN C 8 -39.65 16.71 1.80
N VAL C 9 -39.09 17.40 0.81
CA VAL C 9 -39.20 16.94 -0.56
C VAL C 9 -38.38 15.66 -0.69
N THR C 10 -38.95 14.69 -1.39
CA THR C 10 -38.30 13.42 -1.59
C THR C 10 -38.61 12.88 -2.97
N VAL C 18 -33.04 9.15 -4.55
CA VAL C 18 -32.18 10.17 -5.15
C VAL C 18 -32.23 11.45 -4.32
N SER C 19 -33.38 11.77 -3.76
CA SER C 19 -33.54 12.96 -2.93
C SER C 19 -34.23 12.53 -1.66
N LYS C 20 -33.52 12.69 -0.54
CA LYS C 20 -34.06 12.27 0.76
C LYS C 20 -34.48 13.39 1.68
N ASP C 21 -35.78 13.48 1.94
CA ASP C 21 -36.32 14.46 2.86
C ASP C 21 -35.57 15.79 2.87
N ILE C 22 -35.43 16.43 1.72
CA ILE C 22 -34.71 17.70 1.70
C ILE C 22 -35.54 18.93 2.10
N ASN C 23 -34.96 19.74 2.97
CA ASN C 23 -35.60 20.97 3.46
C ASN C 23 -34.71 22.17 3.14
N LEU C 24 -35.21 23.05 2.28
CA LEU C 24 -34.45 24.23 1.87
C LEU C 24 -35.35 25.46 1.89
N ASP C 25 -34.80 26.58 2.35
CA ASP C 25 -35.56 27.82 2.39
C ASP C 25 -34.77 28.88 1.62
N ILE C 26 -35.13 29.09 0.36
CA ILE C 26 -34.45 30.06 -0.49
C ILE C 26 -35.21 31.38 -0.52
N HIS C 27 -34.57 32.45 -0.06
CA HIS C 27 -35.19 33.76 -0.01
C HIS C 27 -35.11 34.55 -1.31
N GLU C 28 -35.94 35.58 -1.41
CA GLU C 28 -35.99 36.46 -2.57
C GLU C 28 -34.62 37.05 -2.89
N GLY C 29 -34.26 37.03 -4.17
CA GLY C 29 -33.00 37.58 -4.61
C GLY C 29 -31.77 36.79 -4.22
N GLU C 30 -31.95 35.75 -3.43
CA GLU C 30 -30.84 34.93 -2.98
C GLU C 30 -30.23 34.16 -4.14
N PHE C 31 -28.90 34.04 -4.13
CA PHE C 31 -28.21 33.26 -5.15
C PHE C 31 -27.77 31.98 -4.42
N VAL C 32 -28.46 30.88 -4.71
CA VAL C 32 -28.16 29.61 -4.06
C VAL C 32 -27.51 28.59 -4.97
N VAL C 33 -26.51 27.89 -4.47
CA VAL C 33 -25.84 26.88 -5.26
C VAL C 33 -25.93 25.47 -4.64
N PHE C 34 -26.33 24.51 -5.45
CA PHE C 34 -26.39 23.13 -5.00
C PHE C 34 -25.07 22.54 -5.44
N VAL C 35 -24.29 22.04 -4.50
CA VAL C 35 -23.00 21.46 -4.83
C VAL C 35 -22.88 20.03 -4.38
N GLY C 36 -22.26 19.21 -5.20
CA GLY C 36 -22.09 17.82 -4.84
C GLY C 36 -21.41 17.08 -5.94
N PRO C 37 -20.89 15.87 -5.67
CA PRO C 37 -20.21 15.04 -6.66
C PRO C 37 -21.14 14.51 -7.75
N SER C 38 -20.53 13.97 -8.80
CA SER C 38 -21.24 13.42 -9.95
C SER C 38 -22.76 13.35 -9.79
N GLY C 39 -23.31 12.17 -9.58
CA GLY C 39 -24.74 12.01 -9.46
C GLY C 39 -25.31 12.11 -8.05
N CYS C 40 -25.01 13.21 -7.36
CA CYS C 40 -25.50 13.38 -5.99
C CYS C 40 -26.98 13.80 -5.97
N GLY C 41 -27.53 14.13 -7.14
CA GLY C 41 -28.92 14.52 -7.21
C GLY C 41 -29.22 15.99 -7.49
N LYS C 42 -28.21 16.72 -7.94
CA LYS C 42 -28.40 18.14 -8.23
C LYS C 42 -29.46 18.38 -9.32
N SER C 43 -29.31 17.72 -10.46
CA SER C 43 -30.24 17.89 -11.56
C SER C 43 -31.66 17.47 -11.18
N THR C 44 -31.81 16.36 -10.47
CA THR C 44 -33.13 15.91 -10.06
C THR C 44 -33.83 17.02 -9.27
N LEU C 45 -33.10 17.66 -8.36
CA LEU C 45 -33.69 18.74 -7.57
C LEU C 45 -34.20 19.86 -8.46
N LEU C 46 -33.34 20.37 -9.33
CA LEU C 46 -33.74 21.44 -10.23
C LEU C 46 -34.97 21.04 -11.01
N ARG C 47 -34.96 19.83 -11.56
CA ARG C 47 -36.08 19.34 -12.34
C ARG C 47 -37.37 19.31 -11.52
N MET C 48 -37.29 18.91 -10.26
CA MET C 48 -38.49 18.86 -9.43
C MET C 48 -39.02 20.27 -9.21
N ILE C 49 -38.12 21.22 -9.05
CA ILE C 49 -38.52 22.60 -8.84
C ILE C 49 -39.15 23.17 -10.11
N ALA C 50 -38.61 22.76 -11.25
CA ALA C 50 -39.11 23.23 -12.55
C ALA C 50 -40.40 22.53 -12.94
N GLY C 51 -40.61 21.32 -12.44
CA GLY C 51 -41.81 20.58 -12.76
C GLY C 51 -41.59 19.58 -13.87
N LEU C 52 -40.32 19.36 -14.23
CA LEU C 52 -39.97 18.41 -15.28
C LEU C 52 -39.81 17.03 -14.67
N GLU C 53 -40.13 16.93 -13.38
CA GLU C 53 -40.05 15.69 -12.63
C GLU C 53 -41.04 15.84 -11.48
N THR C 54 -41.61 14.72 -11.04
CA THR C 54 -42.57 14.76 -9.95
C THR C 54 -41.93 14.58 -8.58
N ILE C 55 -42.56 15.19 -7.60
CA ILE C 55 -42.11 15.12 -6.22
C ILE C 55 -42.88 14.00 -5.56
N THR C 56 -42.24 12.84 -5.38
CA THR C 56 -42.92 11.69 -4.79
C THR C 56 -43.47 11.97 -3.40
N SER C 57 -42.97 13.02 -2.75
CA SER C 57 -43.43 13.35 -1.40
C SER C 57 -42.88 14.68 -0.92
N GLY C 58 -43.65 15.37 -0.08
CA GLY C 58 -43.21 16.65 0.44
C GLY C 58 -43.82 17.78 -0.36
N ASP C 59 -43.59 19.01 0.07
CA ASP C 59 -44.17 20.15 -0.63
C ASP C 59 -43.15 21.13 -1.16
N LEU C 60 -43.47 21.75 -2.13
CA LEU C 60 -42.69 22.68 -2.93
C LEU C 60 -43.56 23.90 -3.03
N PHE C 61 -42.90 25.04 -2.94
CA PHE C 61 -43.57 26.27 -2.67
C PHE C 61 -42.80 27.45 -3.33
N ILE C 62 -43.28 27.86 -4.51
CA ILE C 62 -42.66 28.98 -5.26
C ILE C 62 -43.49 30.23 -5.02
N GLY C 63 -42.90 31.13 -4.26
CA GLY C 63 -43.58 32.37 -3.94
C GLY C 63 -44.41 32.21 -2.68
N GLU C 64 -45.55 31.57 -2.82
CA GLU C 64 -46.45 31.35 -1.69
C GLU C 64 -47.43 30.24 -2.02
N LYS C 65 -47.33 29.72 -3.25
CA LYS C 65 -48.21 28.66 -3.69
C LYS C 65 -47.51 27.33 -3.87
N ARG C 66 -48.24 26.26 -3.55
CA ARG C 66 -47.73 24.90 -3.67
C ARG C 66 -47.68 24.53 -5.15
N MET C 67 -46.47 24.41 -5.69
CA MET C 67 -46.29 24.12 -7.10
C MET C 67 -46.26 22.63 -7.47
N ASN C 68 -46.19 21.75 -6.46
CA ASN C 68 -46.13 20.32 -6.75
C ASN C 68 -46.94 19.99 -8.01
N ASP C 69 -48.24 20.24 -7.96
CA ASP C 69 -49.12 19.96 -9.09
C ASP C 69 -49.39 21.25 -9.86
N THR C 70 -48.45 21.64 -10.71
CA THR C 70 -48.56 22.85 -11.52
C THR C 70 -47.72 22.69 -12.77
N PRO C 71 -48.28 22.98 -13.96
CA PRO C 71 -47.49 22.82 -15.17
C PRO C 71 -46.24 23.71 -15.17
N PRO C 72 -45.11 23.14 -15.60
CA PRO C 72 -43.81 23.82 -15.67
C PRO C 72 -43.84 25.26 -16.16
N ALA C 73 -44.63 25.52 -17.20
CA ALA C 73 -44.73 26.85 -17.78
C ALA C 73 -45.48 27.86 -16.93
N GLU C 74 -46.17 27.40 -15.89
CA GLU C 74 -46.94 28.31 -15.04
C GLU C 74 -46.31 28.51 -13.67
N ARG C 75 -45.02 28.19 -13.54
CA ARG C 75 -44.36 28.33 -12.24
C ARG C 75 -43.55 29.60 -12.04
N GLY C 76 -43.25 30.30 -13.13
CA GLY C 76 -42.48 31.52 -13.01
C GLY C 76 -40.99 31.24 -12.94
N VAL C 77 -40.57 30.13 -13.53
CA VAL C 77 -39.18 29.76 -13.53
C VAL C 77 -38.61 29.69 -14.93
N GLY C 78 -37.33 29.99 -15.03
CA GLY C 78 -36.63 29.95 -16.30
C GLY C 78 -35.48 29.00 -16.06
N MET C 79 -35.18 28.13 -17.01
CA MET C 79 -34.10 27.20 -16.80
C MET C 79 -33.19 27.19 -17.96
N VAL C 80 -31.97 27.18 -17.69
CA VAL C 80 -31.05 27.10 -18.78
C VAL C 80 -30.68 25.66 -18.58
N ALA C 85 -27.39 24.97 -26.05
CA ALA C 85 -28.50 24.58 -26.86
C ALA C 85 -27.95 25.01 -28.21
N LEU C 86 -28.84 25.11 -29.14
CA LEU C 86 -29.31 27.15 -29.53
C LEU C 86 -29.75 26.55 -30.85
N TYR C 87 -31.06 26.57 -31.01
CA TYR C 87 -30.62 26.19 -32.90
C TYR C 87 -29.62 26.91 -33.81
N PRO C 88 -28.88 26.14 -34.61
CA PRO C 88 -27.86 26.61 -35.55
C PRO C 88 -28.30 27.57 -36.66
N HIS C 89 -29.54 27.43 -37.11
CA HIS C 89 -30.07 28.25 -38.19
C HIS C 89 -30.76 29.50 -37.68
N LEU C 90 -31.21 29.46 -36.43
CA LEU C 90 -31.86 30.62 -35.83
C LEU C 90 -30.80 31.64 -35.44
N SER C 91 -31.20 32.91 -35.40
CA SER C 91 -30.28 33.98 -35.05
C SER C 91 -30.36 34.24 -33.56
N VAL C 92 -29.29 34.80 -33.00
CA VAL C 92 -29.23 35.16 -31.59
C VAL C 92 -30.56 35.79 -31.17
N ALA C 93 -31.02 36.75 -31.95
CA ALA C 93 -32.29 37.41 -31.66
C ALA C 93 -33.38 36.36 -31.61
N GLU C 94 -33.66 35.75 -32.75
CA GLU C 94 -34.69 34.72 -32.87
C GLU C 94 -34.48 33.62 -31.84
N ASN C 95 -33.21 33.26 -31.65
CA ASN C 95 -32.85 32.22 -30.72
C ASN C 95 -33.15 32.63 -29.29
N MET C 96 -33.11 33.93 -29.02
CA MET C 96 -33.39 34.45 -27.69
C MET C 96 -34.89 34.65 -27.50
N SER C 97 -35.65 34.53 -28.58
CA SER C 97 -37.09 34.69 -28.51
C SER C 97 -37.79 33.37 -28.72
N PHE C 98 -38.99 33.34 -28.17
CA PHE C 98 -39.82 32.14 -28.36
C PHE C 98 -41.08 32.00 -27.50
N GLY C 99 -41.01 31.52 -26.29
CA GLY C 99 -42.24 31.27 -25.48
C GLY C 99 -43.59 31.31 -26.29
N LEU C 100 -44.31 30.18 -26.38
CA LEU C 100 -45.55 30.15 -27.11
C LEU C 100 -45.34 30.51 -28.58
N LYS C 101 -44.16 30.23 -29.04
CA LYS C 101 -43.74 30.57 -30.39
C LYS C 101 -43.66 32.07 -30.51
N LEU C 102 -42.47 32.66 -30.56
CA LEU C 102 -42.36 34.10 -30.98
C LEU C 102 -43.32 34.93 -30.06
N ALA C 103 -43.32 34.60 -28.76
CA ALA C 103 -44.13 35.28 -27.76
C ALA C 103 -45.65 35.18 -27.97
N GLY C 104 -46.09 34.12 -28.64
CA GLY C 104 -47.50 33.93 -28.90
C GLY C 104 -48.06 35.00 -29.84
N ALA C 105 -47.50 36.20 -29.72
CA ALA C 105 -47.89 37.34 -30.52
C ALA C 105 -47.14 38.53 -29.95
N LYS C 106 -47.60 39.73 -30.28
CA LYS C 106 -46.98 40.95 -29.76
C LYS C 106 -45.52 41.05 -30.23
N LYS C 107 -45.34 41.06 -31.54
CA LYS C 107 -44.00 41.16 -32.13
C LYS C 107 -43.37 42.48 -31.73
N GLU C 108 -44.08 43.23 -30.89
CA GLU C 108 -43.61 44.52 -30.42
C GLU C 108 -42.87 44.28 -29.11
N VAL C 109 -43.56 43.60 -28.21
CA VAL C 109 -43.03 43.26 -26.89
C VAL C 109 -41.80 42.39 -27.07
N ILE C 110 -42.01 41.26 -27.75
CA ILE C 110 -40.95 40.32 -28.01
C ILE C 110 -39.68 41.07 -28.39
N ASN C 111 -39.86 42.18 -29.08
CA ASN C 111 -38.73 42.99 -29.49
C ASN C 111 -38.13 43.69 -28.28
N GLN C 112 -38.97 44.41 -27.55
CA GLN C 112 -38.50 45.14 -26.38
C GLN C 112 -37.67 44.25 -25.46
N ARG C 113 -38.20 43.08 -25.15
CA ARG C 113 -37.51 42.13 -24.29
C ARG C 113 -36.14 41.78 -24.87
N VAL C 114 -36.10 41.35 -26.13
CA VAL C 114 -34.83 41.01 -26.76
C VAL C 114 -33.95 42.24 -26.91
N ASN C 115 -34.58 43.42 -26.90
CA ASN C 115 -33.86 44.67 -27.00
C ASN C 115 -33.16 44.94 -25.68
N GLN C 116 -33.97 45.11 -24.64
CA GLN C 116 -33.48 45.38 -23.30
C GLN C 116 -32.33 44.43 -22.93
N VAL C 117 -32.62 43.13 -22.96
CA VAL C 117 -31.64 42.11 -22.62
C VAL C 117 -30.36 42.17 -23.45
N ALA C 118 -30.48 42.57 -24.70
CA ALA C 118 -29.31 42.65 -25.56
C ALA C 118 -28.19 43.42 -24.84
N GLU C 119 -28.50 44.65 -24.45
CA GLU C 119 -27.53 45.50 -23.76
C GLU C 119 -26.98 44.76 -22.55
N VAL C 120 -27.91 44.39 -21.68
CA VAL C 120 -27.61 43.66 -20.45
C VAL C 120 -26.38 42.75 -20.55
N LEU C 121 -26.45 41.75 -21.41
CA LEU C 121 -25.35 40.79 -21.55
C LEU C 121 -24.23 41.21 -22.51
N GLN C 122 -24.22 42.46 -22.94
CA GLN C 122 -23.20 42.93 -23.85
C GLN C 122 -23.38 42.36 -25.25
N LEU C 123 -24.63 41.99 -25.62
CA LEU C 123 -24.90 41.41 -26.94
C LEU C 123 -25.20 42.61 -27.82
N ALA C 124 -26.44 42.97 -28.06
CA ALA C 124 -26.64 44.31 -28.72
C ALA C 124 -26.30 44.39 -30.22
N HIS C 125 -25.58 43.44 -30.75
CA HIS C 125 -24.85 44.07 -32.01
C HIS C 125 -24.60 42.60 -32.39
N LEU C 126 -25.08 41.64 -31.57
CA LEU C 126 -24.87 40.22 -31.89
C LEU C 126 -26.17 39.49 -32.20
N LEU C 127 -27.29 40.24 -32.15
CA LEU C 127 -28.59 39.65 -32.42
C LEU C 127 -28.73 39.03 -33.81
N ASP C 128 -27.89 39.46 -34.74
CA ASP C 128 -27.91 38.94 -36.10
C ASP C 128 -26.90 37.83 -36.31
N ARG C 129 -26.28 37.40 -35.21
CA ARG C 129 -25.30 36.33 -35.29
C ARG C 129 -26.00 35.00 -35.15
N LYS C 130 -25.39 33.94 -35.66
CA LYS C 130 -25.93 32.59 -35.55
C LYS C 130 -24.97 31.83 -34.65
N PRO C 131 -25.50 31.05 -33.69
CA PRO C 131 -24.73 30.25 -32.74
C PRO C 131 -23.61 29.39 -33.33
N LYS C 132 -22.77 30.01 -34.13
CA LYS C 132 -21.65 29.33 -34.77
C LYS C 132 -20.64 30.43 -35.04
N ALA C 133 -21.12 31.66 -34.95
CA ALA C 133 -20.29 32.83 -35.17
C ALA C 133 -20.01 33.41 -33.80
N LEU C 134 -20.61 32.78 -32.78
CA LEU C 134 -20.44 33.20 -31.40
C LEU C 134 -19.16 32.67 -30.76
N SER C 135 -18.84 33.22 -29.60
CA SER C 135 -17.67 32.79 -28.84
C SER C 135 -18.24 32.02 -27.65
N GLY C 136 -17.51 31.00 -27.20
CA GLY C 136 -17.97 30.22 -26.06
C GLY C 136 -18.64 31.08 -25.02
N GLY C 137 -18.03 32.24 -24.75
CA GLY C 137 -18.59 33.15 -23.78
C GLY C 137 -19.93 33.66 -24.23
N GLN C 138 -19.94 34.34 -25.38
CA GLN C 138 -21.17 34.89 -25.95
C GLN C 138 -22.23 33.80 -25.93
N ARG C 139 -21.88 32.65 -26.52
CA ARG C 139 -22.77 31.50 -26.60
C ARG C 139 -23.60 31.42 -25.31
N GLN C 140 -22.92 31.04 -24.24
CA GLN C 140 -23.52 30.92 -22.91
C GLN C 140 -24.38 32.11 -22.55
N ARG C 141 -23.94 33.31 -22.90
CA ARG C 141 -24.71 34.52 -22.60
C ARG C 141 -26.01 34.56 -23.43
N VAL C 142 -25.92 34.14 -24.69
CA VAL C 142 -27.10 34.10 -25.53
C VAL C 142 -28.13 33.16 -24.92
N ALA C 143 -27.67 31.99 -24.50
CA ALA C 143 -28.52 31.00 -23.86
C ALA C 143 -29.15 31.62 -22.62
N ILE C 144 -28.33 32.24 -21.79
CA ILE C 144 -28.82 32.90 -20.59
C ILE C 144 -29.73 34.03 -21.04
N GLY C 145 -29.39 34.63 -22.18
CA GLY C 145 -30.18 35.72 -22.71
C GLY C 145 -31.61 35.32 -22.92
N ARG C 146 -31.81 34.24 -23.66
CA ARG C 146 -33.13 33.72 -23.95
C ARG C 146 -33.98 33.56 -22.69
N THR C 147 -33.53 32.66 -21.81
CA THR C 147 -34.24 32.37 -20.57
C THR C 147 -34.47 33.63 -19.72
N LEU C 148 -33.57 34.61 -19.85
CA LEU C 148 -33.69 35.86 -19.12
C LEU C 148 -34.88 36.66 -19.66
N VAL C 149 -34.94 36.77 -20.98
CA VAL C 149 -35.99 37.51 -21.68
C VAL C 149 -37.40 37.28 -21.13
N ALA C 150 -37.79 36.01 -21.00
CA ALA C 150 -39.12 35.68 -20.49
C ALA C 150 -39.43 36.24 -19.10
N GLU C 151 -38.54 37.09 -18.59
CA GLU C 151 -38.70 37.73 -17.28
C GLU C 151 -39.30 36.84 -16.19
N PRO C 152 -38.68 35.68 -15.91
CA PRO C 152 -39.24 34.81 -14.87
C PRO C 152 -39.07 35.40 -13.47
N SER C 153 -38.96 34.52 -12.48
CA SER C 153 -38.79 34.93 -11.10
C SER C 153 -37.66 34.11 -10.49
N VAL C 154 -37.49 32.90 -11.01
CA VAL C 154 -36.45 32.00 -10.56
C VAL C 154 -35.74 31.34 -11.74
N PHE C 155 -34.41 31.46 -11.76
CA PHE C 155 -33.59 30.88 -12.81
C PHE C 155 -33.02 29.57 -12.31
N LEU C 156 -32.89 28.60 -13.21
CA LEU C 156 -32.38 27.30 -12.84
C LEU C 156 -31.22 26.89 -13.74
N LEU C 157 -30.02 27.30 -13.37
CA LEU C 157 -28.82 27.02 -14.15
C LEU C 157 -28.12 25.73 -13.75
N ASP C 158 -28.20 24.71 -14.59
CA ASP C 158 -27.59 23.41 -14.31
C ASP C 158 -26.22 23.28 -14.96
N GLU C 159 -25.16 23.42 -14.18
CA GLU C 159 -23.79 23.31 -14.67
C GLU C 159 -23.58 23.99 -16.02
N PRO C 160 -23.96 25.27 -16.12
CA PRO C 160 -23.83 26.05 -17.36
C PRO C 160 -22.42 26.18 -17.94
N LEU C 161 -21.40 26.18 -17.10
CA LEU C 161 -20.02 26.35 -17.55
C LEU C 161 -19.30 25.05 -17.92
N SER C 162 -20.03 23.94 -17.87
CA SER C 162 -19.48 22.62 -18.16
C SER C 162 -18.72 22.43 -19.49
N ASN C 163 -19.19 23.08 -20.55
CA ASN C 163 -18.57 22.92 -21.86
C ASN C 163 -17.47 23.93 -22.21
N LEU C 164 -16.97 24.65 -21.22
CA LEU C 164 -15.95 25.67 -21.50
C LEU C 164 -14.54 25.33 -21.06
N ASP C 165 -13.58 26.04 -21.65
CA ASP C 165 -12.17 25.84 -21.29
C ASP C 165 -12.02 26.50 -19.93
N ALA C 166 -11.07 26.00 -19.15
CA ALA C 166 -10.81 26.56 -17.83
C ALA C 166 -10.77 28.08 -17.85
N ALA C 167 -10.05 28.65 -18.81
CA ALA C 167 -9.93 30.10 -18.93
C ALA C 167 -11.28 30.78 -19.08
N LEU C 168 -12.12 30.24 -19.97
CA LEU C 168 -13.45 30.78 -20.20
C LEU C 168 -14.32 30.57 -18.98
N ARG C 169 -14.27 29.36 -18.44
CA ARG C 169 -15.02 28.98 -17.26
C ARG C 169 -14.80 30.02 -16.16
N VAL C 170 -13.56 30.47 -16.03
CA VAL C 170 -13.18 31.47 -15.05
C VAL C 170 -13.80 32.85 -15.30
N GLN C 171 -13.74 33.33 -16.55
CA GLN C 171 -14.30 34.63 -16.89
C GLN C 171 -15.81 34.61 -16.78
N MET C 172 -16.42 33.49 -17.15
CA MET C 172 -17.86 33.36 -17.10
C MET C 172 -18.40 33.52 -15.69
N ARG C 173 -17.68 32.99 -14.71
CA ARG C 173 -18.07 33.09 -13.31
C ARG C 173 -18.19 34.56 -12.93
N ILE C 174 -17.14 35.31 -13.20
CA ILE C 174 -17.12 36.74 -12.89
C ILE C 174 -18.29 37.42 -13.58
N GLU C 175 -18.54 37.02 -14.83
CA GLU C 175 -19.62 37.58 -15.62
C GLU C 175 -20.97 37.29 -14.97
N ILE C 176 -21.17 36.05 -14.56
CA ILE C 176 -22.41 35.65 -13.93
C ILE C 176 -22.58 36.36 -12.58
N SER C 177 -21.47 36.63 -11.92
CA SER C 177 -21.54 37.32 -10.64
C SER C 177 -22.03 38.74 -10.87
N ARG C 178 -21.36 39.44 -11.79
CA ARG C 178 -21.72 40.81 -12.11
C ARG C 178 -23.18 40.83 -12.54
N LEU C 179 -23.54 39.95 -13.46
CA LEU C 179 -24.91 39.86 -13.95
C LEU C 179 -25.89 39.80 -12.77
N HIS C 180 -25.54 39.02 -11.75
CA HIS C 180 -26.37 38.87 -10.56
C HIS C 180 -26.44 40.16 -9.76
N LYS C 181 -25.35 40.94 -9.78
CA LYS C 181 -25.32 42.19 -9.04
C LYS C 181 -26.27 43.17 -9.70
N ARG C 182 -26.19 43.31 -11.02
CA ARG C 182 -27.08 44.23 -11.74
C ARG C 182 -28.50 43.85 -11.42
N LEU C 183 -29.05 42.88 -12.15
CA LEU C 183 -30.40 42.45 -11.86
C LEU C 183 -30.31 41.63 -10.58
N GLY C 184 -31.20 41.89 -9.63
CA GLY C 184 -31.15 41.17 -8.38
C GLY C 184 -32.23 40.13 -8.22
N ARG C 185 -32.32 39.21 -9.17
CA ARG C 185 -33.33 38.17 -9.11
C ARG C 185 -32.82 36.93 -8.39
N THR C 186 -33.73 36.03 -8.04
CA THR C 186 -33.36 34.80 -7.36
C THR C 186 -32.74 33.82 -8.34
N MET C 187 -31.65 33.20 -7.94
CA MET C 187 -30.97 32.25 -8.80
C MET C 187 -30.51 31.01 -8.06
N ILE C 188 -30.88 29.86 -8.60
CA ILE C 188 -30.47 28.60 -8.02
C ILE C 188 -29.52 27.98 -9.04
N TYR C 189 -28.25 27.88 -8.67
CA TYR C 189 -27.18 27.37 -9.51
C TYR C 189 -26.71 25.99 -9.05
N VAL C 190 -26.35 25.12 -9.99
CA VAL C 190 -25.91 23.78 -9.67
C VAL C 190 -24.55 23.40 -10.28
N THR C 191 -23.65 22.87 -9.46
CA THR C 191 -22.31 22.46 -9.91
C THR C 191 -21.86 21.26 -9.13
N HIS C 192 -20.71 20.71 -9.52
CA HIS C 192 -20.11 19.59 -8.83
C HIS C 192 -18.77 20.14 -8.36
N ASP C 193 -18.49 21.36 -8.80
CA ASP C 193 -17.24 22.05 -8.46
C ASP C 193 -17.35 23.00 -7.28
N GLN C 194 -16.77 22.59 -6.15
CA GLN C 194 -16.80 23.41 -4.95
C GLN C 194 -16.31 24.84 -5.17
N VAL C 195 -15.33 25.02 -6.05
CA VAL C 195 -14.81 26.36 -6.34
C VAL C 195 -15.89 27.29 -6.92
N GLU C 196 -16.67 26.79 -7.87
CA GLU C 196 -17.72 27.62 -8.46
C GLU C 196 -18.69 28.05 -7.35
N ALA C 197 -18.99 27.10 -6.46
CA ALA C 197 -19.89 27.34 -5.35
C ALA C 197 -19.35 28.48 -4.50
N MET C 198 -18.15 28.30 -3.97
CA MET C 198 -17.50 29.28 -3.14
C MET C 198 -17.47 30.66 -3.77
N THR C 199 -17.28 30.68 -5.08
CA THR C 199 -17.16 31.92 -5.83
C THR C 199 -18.44 32.65 -6.16
N LEU C 200 -19.50 31.90 -6.42
CA LEU C 200 -20.77 32.49 -6.82
C LEU C 200 -21.85 32.74 -5.79
N ALA C 201 -22.03 31.79 -4.89
CA ALA C 201 -23.10 31.83 -3.91
C ALA C 201 -23.15 32.82 -2.76
N ASP C 202 -24.38 33.08 -2.32
CA ASP C 202 -24.63 33.92 -1.16
C ASP C 202 -24.85 32.85 -0.11
N LYS C 203 -25.41 31.75 -0.58
CA LYS C 203 -25.72 30.61 0.26
C LYS C 203 -25.48 29.31 -0.51
N ILE C 204 -24.73 28.39 0.09
CA ILE C 204 -24.46 27.12 -0.56
C ILE C 204 -25.19 26.00 0.16
N VAL C 205 -25.70 25.05 -0.62
CA VAL C 205 -26.35 23.90 -0.02
C VAL C 205 -25.62 22.69 -0.58
N VAL C 206 -24.99 21.94 0.33
CA VAL C 206 -24.22 20.76 -0.01
C VAL C 206 -25.09 19.52 0.03
N LEU C 207 -25.11 18.77 -1.07
CA LEU C 207 -25.89 17.56 -1.17
C LEU C 207 -25.05 16.30 -1.15
N ASP C 208 -25.49 15.32 -0.39
CA ASP C 208 -24.78 14.06 -0.30
C ASP C 208 -25.80 12.93 -0.40
N ALA C 209 -25.68 12.16 -1.46
CA ALA C 209 -26.58 11.04 -1.69
C ALA C 209 -28.05 11.41 -1.50
N GLY C 210 -28.42 12.61 -1.94
CA GLY C 210 -29.81 13.03 -1.82
C GLY C 210 -30.19 13.76 -0.56
N ARG C 211 -29.33 13.75 0.45
CA ARG C 211 -29.65 14.46 1.68
C ARG C 211 -28.92 15.81 1.71
N VAL C 212 -29.43 16.74 2.49
CA VAL C 212 -28.78 18.02 2.60
C VAL C 212 -27.80 17.90 3.75
N ALA C 213 -26.51 17.81 3.41
CA ALA C 213 -25.47 17.69 4.42
C ALA C 213 -25.35 18.98 5.24
N GLN C 214 -25.57 20.12 4.59
CA GLN C 214 -25.47 21.41 5.27
C GLN C 214 -25.83 22.59 4.37
N VAL C 215 -26.28 23.68 4.98
CA VAL C 215 -26.62 24.90 4.25
C VAL C 215 -25.95 26.08 4.96
N GLY C 216 -25.40 27.00 4.18
CA GLY C 216 -24.76 28.15 4.80
C GLY C 216 -23.85 28.94 3.90
N LYS C 217 -23.38 30.07 4.41
CA LYS C 217 -22.48 30.94 3.66
C LYS C 217 -21.18 30.18 3.40
N PRO C 218 -20.50 30.49 2.29
CA PRO C 218 -19.24 29.83 1.94
C PRO C 218 -18.26 29.71 3.08
N LEU C 219 -17.99 30.81 3.77
CA LEU C 219 -17.07 30.74 4.89
C LEU C 219 -17.57 29.89 6.05
N GLU C 220 -18.90 29.77 6.18
CA GLU C 220 -19.50 28.96 7.24
C GLU C 220 -19.17 27.51 6.93
N LEU C 221 -19.39 27.11 5.70
CA LEU C 221 -19.10 25.75 5.28
C LEU C 221 -17.61 25.46 5.32
N TYR C 222 -16.80 26.49 5.11
CA TYR C 222 -15.35 26.33 5.10
C TYR C 222 -14.71 26.26 6.48
N HIS C 223 -15.18 27.12 7.37
CA HIS C 223 -14.64 27.16 8.72
C HIS C 223 -15.30 26.14 9.61
N TYR C 224 -16.58 25.91 9.36
CA TYR C 224 -17.34 24.99 10.19
C TYR C 224 -18.14 23.95 9.45
N PRO C 225 -17.47 22.97 8.84
CA PRO C 225 -18.29 21.97 8.14
C PRO C 225 -19.05 21.16 9.21
N ALA C 226 -20.31 20.83 8.93
CA ALA C 226 -21.12 20.07 9.88
C ALA C 226 -20.65 18.62 10.06
N ASP C 227 -20.08 18.05 9.02
CA ASP C 227 -19.60 16.68 9.13
C ASP C 227 -18.42 16.41 8.21
N ARG C 228 -17.88 15.21 8.30
CA ARG C 228 -16.74 14.82 7.49
C ARG C 228 -16.99 15.04 6.00
N PHE C 229 -18.20 14.72 5.53
CA PHE C 229 -18.50 14.87 4.12
C PHE C 229 -18.29 16.31 3.64
N VAL C 230 -18.94 17.25 4.31
CA VAL C 230 -18.80 18.64 3.92
C VAL C 230 -17.34 19.08 4.05
N ALA C 231 -16.69 18.63 5.12
CA ALA C 231 -15.31 18.98 5.38
C ALA C 231 -14.36 18.55 4.27
N GLY C 232 -14.69 17.46 3.58
CA GLY C 232 -13.81 16.99 2.53
C GLY C 232 -14.27 17.35 1.14
N PHE C 233 -15.35 18.12 1.07
CA PHE C 233 -15.89 18.51 -0.22
C PHE C 233 -15.56 19.94 -0.54
N ILE C 234 -15.47 20.78 0.48
CA ILE C 234 -15.15 22.17 0.27
C ILE C 234 -13.69 22.40 0.65
N GLY C 235 -12.90 22.77 -0.34
CA GLY C 235 -11.49 23.02 -0.13
C GLY C 235 -10.66 22.47 -1.28
N SER C 236 -10.08 23.36 -2.10
CA SER C 236 -9.27 23.02 -3.28
C SER C 236 -8.52 21.71 -3.04
N PRO C 237 -7.36 21.73 -2.37
CA PRO C 237 -6.74 20.41 -2.16
C PRO C 237 -7.44 19.91 -0.87
N LYS C 238 -8.03 18.72 -0.92
CA LYS C 238 -8.77 18.16 0.21
C LYS C 238 -8.15 18.24 1.60
N MET C 239 -9.00 18.36 2.61
CA MET C 239 -8.58 18.45 4.00
C MET C 239 -7.94 17.14 4.46
N ASN C 240 -6.91 17.25 5.30
CA ASN C 240 -6.27 16.04 5.80
C ASN C 240 -7.13 15.43 6.89
N PHE C 241 -7.07 14.11 6.98
CA PHE C 241 -7.83 13.38 8.00
C PHE C 241 -6.96 12.36 8.74
N LEU C 242 -6.80 12.58 10.04
CA LEU C 242 -5.99 11.66 10.83
C LEU C 242 -6.89 10.90 11.78
N PRO C 243 -6.79 9.57 11.79
CA PRO C 243 -7.61 8.75 12.66
C PRO C 243 -7.04 8.91 14.06
N VAL C 244 -7.87 9.39 14.99
CA VAL C 244 -7.42 9.59 16.36
C VAL C 244 -8.33 8.92 17.39
N LYS C 245 -7.85 8.84 18.62
CA LYS C 245 -8.57 8.21 19.71
C LYS C 245 -8.73 9.23 20.84
N VAL C 246 -9.97 9.50 21.25
CA VAL C 246 -10.16 10.48 22.32
C VAL C 246 -9.74 9.92 23.66
N THR C 247 -8.91 10.68 24.35
CA THR C 247 -8.37 10.26 25.63
C THR C 247 -8.86 11.09 26.81
N ALA C 248 -9.68 12.09 26.55
CA ALA C 248 -10.18 12.92 27.65
C ALA C 248 -11.09 14.02 27.15
N THR C 249 -12.08 14.41 27.96
CA THR C 249 -12.98 15.48 27.57
C THR C 249 -13.08 16.48 28.67
N ALA C 250 -13.74 17.59 28.36
CA ALA C 250 -13.95 18.69 29.29
C ALA C 250 -15.02 19.58 28.70
N ILE C 251 -15.21 20.74 29.30
CA ILE C 251 -16.20 21.64 28.75
C ILE C 251 -15.52 22.46 27.68
N ASP C 252 -16.11 22.47 26.49
CA ASP C 252 -15.57 23.22 25.39
C ASP C 252 -14.12 22.82 25.12
N GLN C 253 -13.83 21.53 25.23
CA GLN C 253 -12.48 21.05 25.00
C GLN C 253 -12.43 19.52 24.98
N VAL C 254 -11.76 18.96 23.98
CA VAL C 254 -11.59 17.51 23.84
C VAL C 254 -10.13 17.19 23.60
N GLN C 255 -9.63 16.15 24.26
CA GLN C 255 -8.25 15.76 24.07
C GLN C 255 -8.24 14.43 23.33
N VAL C 256 -7.32 14.30 22.38
CA VAL C 256 -7.21 13.09 21.58
C VAL C 256 -5.76 12.71 21.43
N GLU C 257 -5.49 11.47 21.05
CA GLU C 257 -4.12 11.05 20.85
C GLU C 257 -3.91 10.74 19.38
N LEU C 258 -2.82 11.27 18.84
CA LEU C 258 -2.48 11.09 17.45
C LEU C 258 -2.04 9.67 17.19
N PRO C 259 -2.42 9.12 16.02
CA PRO C 259 -2.08 7.74 15.62
C PRO C 259 -0.59 7.48 15.63
N MET C 260 0.18 8.52 15.91
CA MET C 260 1.63 8.42 15.95
C MET C 260 2.05 7.38 16.97
N PRO C 261 3.01 6.52 16.62
CA PRO C 261 3.40 5.54 17.63
C PRO C 261 4.00 6.32 18.80
N ASN C 262 3.94 7.65 18.66
CA ASN C 262 4.42 8.60 19.67
C ASN C 262 3.19 8.98 20.49
N ARG C 263 2.02 8.60 19.95
CA ARG C 263 0.72 8.84 20.57
C ARG C 263 0.59 10.15 21.33
N GLN C 264 1.15 11.21 20.76
CA GLN C 264 1.09 12.53 21.40
C GLN C 264 -0.37 12.93 21.62
N GLN C 265 -0.66 13.47 22.80
CA GLN C 265 -2.02 13.88 23.12
C GLN C 265 -2.16 15.38 22.98
N VAL C 266 -3.26 15.81 22.33
CA VAL C 266 -3.51 17.23 22.09
C VAL C 266 -4.93 17.64 22.41
N TRP C 267 -5.08 18.79 23.05
CA TRP C 267 -6.41 19.29 23.37
C TRP C 267 -6.91 20.11 22.19
N LEU C 268 -8.16 19.89 21.80
CA LEU C 268 -8.77 20.59 20.69
C LEU C 268 -9.96 21.39 21.19
N PRO C 269 -9.98 22.71 20.92
CA PRO C 269 -11.10 23.53 21.36
C PRO C 269 -12.39 23.21 20.59
N VAL C 270 -12.86 21.98 20.73
CA VAL C 270 -14.09 21.55 20.07
C VAL C 270 -15.21 21.23 21.03
N GLU C 271 -16.42 21.44 20.53
CA GLU C 271 -17.69 21.22 21.23
C GLU C 271 -17.68 20.29 22.43
N SER C 272 -17.26 19.04 22.23
CA SER C 272 -17.22 18.07 23.33
C SER C 272 -18.57 17.46 23.68
N ARG C 273 -19.59 17.75 22.88
CA ARG C 273 -20.93 17.21 23.11
C ARG C 273 -20.87 15.69 23.07
N ASP C 274 -21.73 15.06 22.29
CA ASP C 274 -21.76 13.61 22.19
C ASP C 274 -20.38 13.00 21.90
N VAL C 275 -19.50 12.94 22.90
CA VAL C 275 -18.16 12.38 22.72
C VAL C 275 -17.62 11.71 23.99
N GLN C 276 -17.37 10.40 23.91
CA GLN C 276 -16.86 9.66 25.06
C GLN C 276 -15.42 9.21 24.90
N VAL C 277 -14.71 9.16 26.02
CA VAL C 277 -13.33 8.74 26.04
C VAL C 277 -13.18 7.36 25.41
N GLY C 278 -12.10 7.17 24.66
CA GLY C 278 -11.86 5.89 24.03
C GLY C 278 -12.46 5.79 22.64
N ALA C 279 -13.34 6.74 22.30
CA ALA C 279 -13.97 6.74 20.99
C ALA C 279 -12.96 7.04 19.88
N ASN C 280 -13.17 6.42 18.72
CA ASN C 280 -12.31 6.61 17.58
C ASN C 280 -12.89 7.74 16.76
N MET C 281 -12.06 8.72 16.45
CA MET C 281 -12.53 9.86 15.68
C MET C 281 -11.60 10.25 14.55
N SER C 282 -12.03 11.24 13.78
CA SER C 282 -11.25 11.73 12.65
C SER C 282 -10.82 13.17 12.89
N LEU C 283 -9.51 13.40 12.95
CA LEU C 283 -8.99 14.74 13.14
C LEU C 283 -8.79 15.33 11.76
N GLY C 284 -9.36 16.52 11.56
CA GLY C 284 -9.25 17.19 10.27
C GLY C 284 -8.44 18.48 10.28
N ILE C 285 -7.48 18.58 9.36
CA ILE C 285 -6.65 19.77 9.26
C ILE C 285 -6.41 20.09 7.78
N ARG C 286 -6.75 21.31 7.38
CA ARG C 286 -6.54 21.74 5.99
C ARG C 286 -5.07 21.96 5.67
N PRO C 287 -4.64 21.62 4.44
CA PRO C 287 -3.25 21.80 4.01
C PRO C 287 -2.73 23.21 4.27
N GLU C 288 -3.55 24.24 4.02
CA GLU C 288 -3.14 25.63 4.23
C GLU C 288 -2.96 25.97 5.66
N HIS C 289 -3.54 25.17 6.54
CA HIS C 289 -3.44 25.47 7.94
C HIS C 289 -2.36 24.78 8.74
N LEU C 290 -1.61 23.90 8.09
CA LEU C 290 -0.50 23.25 8.78
C LEU C 290 0.55 24.35 8.90
N LEU C 291 1.39 24.27 9.92
CA LEU C 291 2.40 25.29 10.14
C LEU C 291 3.81 24.90 9.71
N PRO C 292 4.64 25.89 9.39
CA PRO C 292 6.02 25.73 8.95
C PRO C 292 6.90 24.79 9.79
N SER C 293 6.60 24.69 11.08
CA SER C 293 7.34 23.84 12.01
C SER C 293 8.21 24.65 12.96
N ASP C 294 8.62 25.84 12.52
CA ASP C 294 9.42 26.72 13.36
C ASP C 294 8.59 26.86 14.63
N ILE C 295 7.28 26.69 14.43
CA ILE C 295 6.32 26.77 15.51
C ILE C 295 6.17 25.34 16.04
N ALA C 296 6.86 25.04 17.14
CA ALA C 296 6.81 23.72 17.76
C ALA C 296 5.39 23.36 18.17
N ASP C 297 5.25 22.67 19.29
CA ASP C 297 3.94 22.26 19.80
C ASP C 297 3.25 21.37 18.77
N VAL C 298 3.34 20.06 18.97
CA VAL C 298 2.72 19.10 18.06
C VAL C 298 3.35 19.20 16.68
N ILE C 299 4.33 18.35 16.43
CA ILE C 299 5.03 18.34 15.17
C ILE C 299 4.90 17.00 14.49
N LEU C 300 4.82 17.03 13.16
CA LEU C 300 4.73 15.81 12.39
C LEU C 300 5.87 15.88 11.39
N GLU C 301 6.68 14.84 11.35
CA GLU C 301 7.83 14.79 10.45
C GLU C 301 7.66 13.58 9.55
N GLY C 302 8.11 13.67 8.30
CA GLY C 302 7.95 12.56 7.39
C GLY C 302 8.78 12.67 6.12
N GLU C 303 8.53 11.76 5.18
CA GLU C 303 9.27 11.74 3.92
C GLU C 303 8.45 12.30 2.76
N VAL C 304 9.04 13.25 2.06
CA VAL C 304 8.37 13.87 0.93
C VAL C 304 8.11 12.88 -0.20
N GLN C 305 6.85 12.74 -0.59
CA GLN C 305 6.48 11.84 -1.67
C GLN C 305 6.31 12.60 -2.96
N VAL C 306 5.72 13.78 -2.85
CA VAL C 306 5.47 14.61 -4.01
C VAL C 306 5.64 16.09 -3.69
N VAL C 307 6.15 16.84 -4.66
CA VAL C 307 6.32 18.28 -4.50
C VAL C 307 5.76 18.97 -5.73
N GLU C 308 4.76 19.83 -5.56
CA GLU C 308 4.17 20.53 -6.68
C GLU C 308 4.50 22.02 -6.65
N GLN C 309 5.41 22.45 -7.52
CA GLN C 309 5.75 23.86 -7.62
C GLN C 309 4.69 24.50 -8.52
N LEU C 310 3.99 25.50 -8.02
CA LEU C 310 2.95 26.14 -8.81
C LEU C 310 3.19 27.64 -8.96
N GLY C 311 4.38 28.08 -8.62
CA GLY C 311 4.71 29.48 -8.75
C GLY C 311 4.16 30.33 -7.62
N ASN C 312 2.84 30.33 -7.46
CA ASN C 312 2.24 31.12 -6.39
C ASN C 312 2.35 30.42 -5.05
N GLU C 313 2.41 29.09 -5.07
CA GLU C 313 2.51 28.30 -3.85
C GLU C 313 3.17 26.95 -4.17
N THR C 314 3.43 26.18 -3.12
CA THR C 314 4.03 24.85 -3.25
C THR C 314 3.23 23.85 -2.45
N GLN C 315 2.78 22.79 -3.10
CA GLN C 315 2.04 21.74 -2.41
C GLN C 315 2.98 20.55 -2.20
N ILE C 316 3.21 20.20 -0.93
CA ILE C 316 4.10 19.11 -0.56
C ILE C 316 3.36 17.93 0.05
N HIS C 317 3.49 16.75 -0.56
CA HIS C 317 2.86 15.54 -0.03
C HIS C 317 3.86 14.82 0.85
N ILE C 318 3.49 14.57 2.11
CA ILE C 318 4.42 13.91 3.02
C ILE C 318 3.92 12.58 3.58
N GLN C 319 4.86 11.67 3.79
CA GLN C 319 4.58 10.36 4.34
C GLN C 319 4.98 10.44 5.81
N ILE C 320 4.00 10.48 6.70
CA ILE C 320 4.31 10.52 8.12
C ILE C 320 4.36 9.09 8.63
N PRO C 321 5.54 8.67 9.14
CA PRO C 321 5.77 7.32 9.68
C PRO C 321 4.55 6.77 10.39
N SER C 322 4.02 7.59 11.29
CA SER C 322 2.84 7.23 12.06
C SER C 322 1.63 7.00 11.16
N ILE C 323 1.56 5.82 10.56
CA ILE C 323 0.46 5.47 9.66
C ILE C 323 0.49 6.28 8.38
N ARG C 324 0.60 5.57 7.27
CA ARG C 324 0.65 6.15 5.93
C ARG C 324 -0.16 7.43 5.80
N GLN C 325 -1.33 7.37 5.17
CA GLN C 325 -2.19 8.58 5.06
C GLN C 325 -1.66 9.72 4.24
N ASN C 326 -0.38 9.87 4.11
CA ASN C 326 0.08 10.95 3.26
C ASN C 326 -0.61 12.30 3.53
N LEU C 327 0.11 13.12 4.30
CA LEU C 327 -0.32 14.46 4.66
C LEU C 327 0.01 15.51 3.59
N VAL C 328 -1.00 16.21 3.08
CA VAL C 328 -0.77 17.25 2.06
C VAL C 328 -0.60 18.61 2.69
N TYR C 329 0.51 19.28 2.36
CA TYR C 329 0.82 20.59 2.94
C TYR C 329 0.93 21.72 1.90
N ARG C 330 0.42 22.91 2.23
CA ARG C 330 0.47 24.05 1.30
C ARG C 330 1.17 25.23 1.93
N GLN C 331 2.28 25.64 1.34
CA GLN C 331 2.99 26.81 1.85
C GLN C 331 3.02 27.81 0.70
N ASN C 332 2.93 29.08 1.02
CA ASN C 332 2.92 30.10 -0.02
C ASN C 332 4.26 30.32 -0.70
N ASP C 333 4.18 30.71 -1.97
CA ASP C 333 5.35 30.96 -2.80
C ASP C 333 6.09 29.66 -3.08
N VAL C 334 7.35 29.77 -3.50
CA VAL C 334 8.16 28.61 -3.81
C VAL C 334 8.87 28.07 -2.58
N VAL C 335 8.83 26.74 -2.45
CA VAL C 335 9.48 26.07 -1.33
C VAL C 335 10.39 25.01 -1.94
N LEU C 336 11.69 25.12 -1.67
CA LEU C 336 12.63 24.17 -2.24
C LEU C 336 12.91 22.90 -1.46
N VAL C 337 12.16 21.85 -1.77
CA VAL C 337 12.35 20.56 -1.12
C VAL C 337 12.29 19.50 -2.19
N GLU C 338 13.11 18.46 -2.04
CA GLU C 338 13.16 17.37 -3.01
C GLU C 338 12.43 16.15 -2.47
N GLU C 339 11.82 15.37 -3.35
CA GLU C 339 11.12 14.17 -2.92
C GLU C 339 12.15 13.31 -2.19
N GLY C 340 11.72 12.57 -1.17
CA GLY C 340 12.65 11.75 -0.43
C GLY C 340 13.22 12.48 0.76
N ALA C 341 13.13 13.81 0.75
CA ALA C 341 13.64 14.61 1.84
C ALA C 341 12.75 14.41 3.07
N THR C 342 13.29 14.73 4.25
CA THR C 342 12.51 14.62 5.48
C THR C 342 12.04 16.03 5.79
N PHE C 343 10.73 16.21 5.79
CA PHE C 343 10.12 17.50 6.04
C PHE C 343 9.24 17.41 7.29
N ALA C 344 9.16 18.50 8.05
CA ALA C 344 8.34 18.53 9.27
C ALA C 344 7.36 19.69 9.21
N ILE C 345 6.21 19.54 9.86
CA ILE C 345 5.20 20.58 9.91
C ILE C 345 4.54 20.65 11.26
N GLY C 346 3.89 21.77 11.56
CA GLY C 346 3.23 21.94 12.84
C GLY C 346 1.72 21.72 12.77
N LEU C 347 1.15 21.15 13.83
CA LEU C 347 -0.28 20.89 13.88
C LEU C 347 -0.90 21.89 14.84
N PRO C 348 -1.63 22.88 14.31
CA PRO C 348 -2.27 23.91 15.16
C PRO C 348 -3.65 23.48 15.67
N PRO C 349 -3.75 23.29 16.98
CA PRO C 349 -5.00 22.87 17.63
C PRO C 349 -6.21 23.72 17.26
N GLU C 350 -6.07 25.04 17.34
CA GLU C 350 -7.19 25.92 17.04
C GLU C 350 -7.71 25.77 15.63
N ARG C 351 -6.94 25.10 14.78
CA ARG C 351 -7.35 24.94 13.41
C ARG C 351 -7.90 23.56 13.07
N CYS C 352 -7.83 22.62 14.01
CA CYS C 352 -8.32 21.26 13.77
C CYS C 352 -9.84 21.06 13.82
N HIS C 353 -10.30 20.02 13.14
CA HIS C 353 -11.70 19.64 13.12
C HIS C 353 -11.73 18.23 13.72
N LEU C 354 -12.88 17.85 14.27
CA LEU C 354 -13.01 16.53 14.87
C LEU C 354 -14.35 15.92 14.52
N PHE C 355 -14.31 14.72 13.94
CA PHE C 355 -15.55 14.06 13.55
C PHE C 355 -15.74 12.72 14.29
N ARG C 356 -16.96 12.53 14.78
CA ARG C 356 -17.33 11.33 15.49
C ARG C 356 -17.39 10.25 14.43
N GLU C 357 -17.46 8.99 14.87
CA GLU C 357 -17.52 7.86 13.97
C GLU C 357 -18.68 7.96 12.98
N ASP C 358 -19.77 8.59 13.41
CA ASP C 358 -20.93 8.74 12.55
C ASP C 358 -20.68 9.84 11.53
N GLY C 359 -19.47 10.41 11.55
CA GLY C 359 -19.11 11.45 10.61
C GLY C 359 -19.50 12.87 10.98
N THR C 360 -20.32 13.05 12.02
CA THR C 360 -20.72 14.40 12.41
C THR C 360 -19.58 15.14 13.10
N ALA C 361 -19.61 16.46 13.00
CA ALA C 361 -18.56 17.28 13.57
C ALA C 361 -18.79 17.81 14.99
N CYS C 362 -17.70 17.93 15.73
CA CYS C 362 -17.78 18.48 17.07
C CYS C 362 -17.53 19.97 16.86
N ARG C 363 -18.60 20.75 16.82
CA ARG C 363 -18.51 22.19 16.59
C ARG C 363 -17.23 22.85 17.11
N ARG C 364 -16.50 23.50 16.22
CA ARG C 364 -15.27 24.19 16.61
C ARG C 364 -15.63 25.42 17.43
N LEU C 365 -14.87 25.65 18.49
CA LEU C 365 -15.12 26.79 19.36
C LEU C 365 -14.21 27.97 19.04
N HIS C 366 -13.14 27.70 18.32
CA HIS C 366 -12.23 28.76 17.95
C HIS C 366 -12.92 29.72 16.99
N LYS C 367 -12.98 31.00 17.36
CA LYS C 367 -13.61 32.00 16.50
C LYS C 367 -12.77 32.22 15.25
N GLU C 368 -13.40 32.18 14.08
CA GLU C 368 -12.71 32.42 12.81
C GLU C 368 -13.26 33.71 12.19
N PRO C 369 -12.39 34.49 11.52
CA PRO C 369 -12.78 35.74 10.87
C PRO C 369 -13.66 35.56 9.63
N GLY C 370 -14.66 36.42 9.49
CA GLY C 370 -15.54 36.33 8.34
C GLY C 370 -16.85 35.60 8.59
N VAL C 371 -17.03 35.11 9.81
CA VAL C 371 -18.24 34.39 10.17
C VAL C 371 -18.84 35.01 11.42
N ALA C 372 -20.11 35.39 11.35
CA ALA C 372 -20.76 35.96 12.51
C ALA C 372 -20.78 34.93 13.63
N SER C 373 -20.38 35.33 14.83
CA SER C 373 -20.36 34.40 15.96
C SER C 373 -20.79 35.12 17.23
N ALA C 374 -21.10 34.34 18.26
CA ALA C 374 -21.54 34.91 19.51
C ALA C 374 -20.53 34.89 20.63
N SER C 375 -20.82 35.70 21.66
CA SER C 375 -20.02 35.86 22.86
C SER C 375 -19.09 37.06 22.69
N ALA D 2 11.41 8.20 -25.49
CA ALA D 2 12.56 7.64 -26.21
C ALA D 2 13.20 8.68 -27.10
N SER D 3 13.21 9.93 -26.63
CA SER D 3 13.80 11.03 -27.37
C SER D 3 13.02 11.43 -28.62
N VAL D 4 12.47 12.63 -28.62
CA VAL D 4 11.71 13.12 -29.77
C VAL D 4 12.22 14.51 -30.11
N GLN D 5 12.49 14.73 -31.39
CA GLN D 5 12.99 16.02 -31.80
C GLN D 5 12.28 16.56 -33.02
N LEU D 6 11.88 17.81 -32.93
CA LEU D 6 11.20 18.48 -34.02
C LEU D 6 12.10 19.60 -34.46
N GLN D 7 12.49 19.60 -35.74
CA GLN D 7 13.36 20.62 -36.29
C GLN D 7 12.65 21.38 -37.40
N ASN D 8 12.29 22.63 -37.12
CA ASN D 8 11.61 23.48 -38.09
C ASN D 8 10.41 22.78 -38.68
N VAL D 9 9.70 22.01 -37.85
CA VAL D 9 8.52 21.31 -38.31
C VAL D 9 7.45 22.36 -38.59
N THR D 10 6.75 22.18 -39.70
CA THR D 10 5.71 23.09 -40.10
C THR D 10 4.56 22.33 -40.76
N LYS D 11 3.34 22.76 -40.46
CA LYS D 11 2.16 22.13 -41.04
C LYS D 11 1.29 23.19 -41.68
N ALA D 12 0.88 22.93 -42.91
CA ALA D 12 0.04 23.84 -43.67
C ALA D 12 -1.14 23.14 -44.33
N TRP D 13 -2.33 23.70 -44.16
CA TRP D 13 -3.55 23.17 -44.76
C TRP D 13 -3.98 24.21 -45.79
N GLY D 14 -3.50 24.03 -47.00
CA GLY D 14 -3.80 24.98 -48.05
C GLY D 14 -2.80 26.10 -47.93
N GLU D 15 -3.27 27.27 -47.49
CA GLU D 15 -2.39 28.42 -47.34
C GLU D 15 -2.27 28.86 -45.89
N VAL D 16 -3.00 28.20 -45.00
CA VAL D 16 -2.93 28.54 -43.57
C VAL D 16 -1.84 27.71 -42.90
N VAL D 17 -1.25 28.26 -41.85
CA VAL D 17 -0.21 27.55 -41.12
C VAL D 17 -0.66 27.28 -39.69
N VAL D 18 -0.88 26.02 -39.37
CA VAL D 18 -1.33 25.63 -38.04
C VAL D 18 -0.13 25.41 -37.14
N SER D 19 0.98 25.02 -37.74
CA SER D 19 2.22 24.81 -37.00
C SER D 19 3.31 25.57 -37.75
N LYS D 20 3.90 26.56 -37.08
CA LYS D 20 4.92 27.39 -37.70
C LYS D 20 6.34 27.15 -37.21
N ASP D 21 7.19 26.63 -38.08
CA ASP D 21 8.59 26.40 -37.76
C ASP D 21 8.86 26.01 -36.30
N ILE D 22 8.23 24.95 -35.82
CA ILE D 22 8.44 24.59 -34.43
C ILE D 22 9.69 23.74 -34.18
N ASN D 23 10.43 24.12 -33.16
CA ASN D 23 11.67 23.45 -32.75
C ASN D 23 11.54 22.99 -31.31
N LEU D 24 11.53 21.67 -31.10
CA LEU D 24 11.43 21.12 -29.76
C LEU D 24 12.43 19.99 -29.58
N ASP D 25 13.03 19.92 -28.40
CA ASP D 25 13.98 18.86 -28.09
C ASP D 25 13.52 18.15 -26.82
N ILE D 26 12.84 17.02 -27.00
CA ILE D 26 12.32 16.24 -25.89
C ILE D 26 13.28 15.09 -25.54
N HIS D 27 13.81 15.11 -24.32
CA HIS D 27 14.74 14.08 -23.88
C HIS D 27 14.08 12.82 -23.33
N GLU D 28 14.87 11.75 -23.26
CA GLU D 28 14.41 10.47 -22.74
C GLU D 28 13.80 10.60 -21.35
N GLY D 29 12.65 9.95 -21.17
CA GLY D 29 11.98 9.97 -19.89
C GLY D 29 11.32 11.27 -19.51
N GLU D 30 11.53 12.30 -20.32
CA GLU D 30 10.96 13.61 -20.03
C GLU D 30 9.45 13.58 -20.17
N PHE D 31 8.78 14.31 -19.30
CA PHE D 31 7.33 14.42 -19.37
C PHE D 31 7.08 15.85 -19.88
N VAL D 32 6.69 15.94 -21.14
CA VAL D 32 6.45 17.23 -21.77
C VAL D 32 4.98 17.53 -22.03
N VAL D 33 4.58 18.76 -21.75
CA VAL D 33 3.19 19.16 -21.99
C VAL D 33 3.06 20.33 -22.98
N PHE D 34 2.21 20.15 -23.98
CA PHE D 34 1.94 21.19 -24.95
C PHE D 34 0.70 21.88 -24.38
N VAL D 35 0.81 23.18 -24.12
CA VAL D 35 -0.32 23.92 -23.58
C VAL D 35 -0.69 25.09 -24.45
N GLY D 36 -1.97 25.33 -24.59
CA GLY D 36 -2.42 26.43 -25.40
C GLY D 36 -3.92 26.46 -25.46
N PRO D 37 -4.50 27.59 -25.90
CA PRO D 37 -5.95 27.75 -26.02
C PRO D 37 -6.56 26.88 -27.11
N SER D 38 -7.90 26.79 -27.08
CA SER D 38 -8.68 26.01 -28.03
C SER D 38 -7.86 25.40 -29.17
N GLY D 39 -8.00 25.94 -30.38
CA GLY D 39 -7.29 25.39 -31.51
C GLY D 39 -5.92 25.99 -31.81
N CYS D 40 -5.03 25.97 -30.81
CA CYS D 40 -3.69 26.52 -30.99
C CYS D 40 -2.79 25.56 -31.77
N GLY D 41 -3.25 24.34 -31.98
CA GLY D 41 -2.47 23.39 -32.75
C GLY D 41 -1.87 22.22 -31.98
N LYS D 42 -2.34 22.00 -30.76
CA LYS D 42 -1.83 20.91 -29.95
C LYS D 42 -2.03 19.54 -30.61
N SER D 43 -3.27 19.24 -30.99
CA SER D 43 -3.57 17.96 -31.61
C SER D 43 -2.80 17.75 -32.91
N THR D 44 -2.71 18.79 -33.75
CA THR D 44 -1.97 18.65 -34.99
C THR D 44 -0.54 18.20 -34.73
N LEU D 45 0.10 18.79 -33.71
CA LEU D 45 1.46 18.41 -33.38
C LEU D 45 1.54 16.93 -33.02
N LEU D 46 0.71 16.50 -32.07
CA LEU D 46 0.71 15.09 -31.68
C LEU D 46 0.53 14.21 -32.89
N ARG D 47 -0.44 14.55 -33.74
CA ARG D 47 -0.70 13.76 -34.92
C ARG D 47 0.50 13.67 -35.84
N MET D 48 1.22 14.77 -36.00
CA MET D 48 2.39 14.74 -36.87
C MET D 48 3.46 13.82 -36.29
N ILE D 49 3.59 13.84 -34.97
CA ILE D 49 4.56 12.99 -34.32
C ILE D 49 4.16 11.52 -34.46
N ALA D 50 2.86 11.27 -34.38
CA ALA D 50 2.35 9.90 -34.48
C ALA D 50 2.35 9.39 -35.92
N GLY D 51 2.27 10.33 -36.87
CA GLY D 51 2.26 9.95 -38.27
C GLY D 51 0.85 9.89 -38.83
N LEU D 52 -0.12 10.40 -38.08
CA LEU D 52 -1.51 10.42 -38.52
C LEU D 52 -1.76 11.70 -39.32
N GLU D 53 -0.69 12.44 -39.56
CA GLU D 53 -0.72 13.67 -40.32
C GLU D 53 0.66 13.87 -40.89
N THR D 54 0.75 14.51 -42.05
CA THR D 54 2.06 14.72 -42.67
C THR D 54 2.70 16.04 -42.26
N ILE D 55 4.03 16.04 -42.25
CA ILE D 55 4.81 17.21 -41.91
C ILE D 55 5.16 17.89 -43.21
N THR D 56 4.46 18.99 -43.53
CA THR D 56 4.70 19.69 -44.78
C THR D 56 6.14 20.18 -44.93
N SER D 57 6.87 20.27 -43.83
CA SER D 57 8.25 20.73 -43.88
C SER D 57 8.96 20.57 -42.55
N GLY D 58 10.27 20.35 -42.61
CA GLY D 58 11.04 20.17 -41.39
C GLY D 58 11.24 18.70 -41.10
N ASP D 59 12.03 18.41 -40.07
CA ASP D 59 12.30 17.01 -39.75
C ASP D 59 11.86 16.61 -38.36
N LEU D 60 11.40 15.36 -38.29
CA LEU D 60 10.92 14.73 -37.07
C LEU D 60 11.91 13.62 -36.83
N PHE D 61 12.21 13.40 -35.57
CA PHE D 61 13.27 12.50 -35.21
C PHE D 61 12.94 11.76 -33.90
N ILE D 62 12.48 10.51 -34.01
CA ILE D 62 12.14 9.71 -32.84
C ILE D 62 13.29 8.75 -32.56
N GLY D 63 14.01 9.01 -31.48
CA GLY D 63 15.12 8.16 -31.12
C GLY D 63 16.38 8.67 -31.77
N GLU D 64 16.53 8.38 -33.07
CA GLU D 64 17.70 8.80 -33.81
C GLU D 64 17.41 8.74 -35.30
N LYS D 65 16.21 8.27 -35.62
CA LYS D 65 15.81 8.13 -37.01
C LYS D 65 14.73 9.13 -37.42
N ARG D 66 14.82 9.60 -38.66
CA ARG D 66 13.87 10.54 -39.23
C ARG D 66 12.56 9.80 -39.52
N MET D 67 11.53 10.11 -38.74
CA MET D 67 10.24 9.44 -38.88
C MET D 67 9.28 10.06 -39.88
N ASN D 68 9.59 11.25 -40.38
CA ASN D 68 8.70 11.91 -41.33
C ASN D 68 7.99 10.87 -42.21
N ASP D 69 8.76 10.13 -42.98
CA ASP D 69 8.21 9.11 -43.86
C ASP D 69 8.35 7.73 -43.21
N THR D 70 7.43 7.42 -42.30
CA THR D 70 7.43 6.13 -41.59
C THR D 70 6.00 5.82 -41.14
N PRO D 71 5.52 4.60 -41.41
CA PRO D 71 4.16 4.27 -40.99
C PRO D 71 3.97 4.38 -39.47
N PRO D 72 2.85 4.98 -39.05
CA PRO D 72 2.49 5.19 -37.65
C PRO D 72 2.80 4.04 -36.70
N ALA D 73 2.51 2.82 -37.15
CA ALA D 73 2.73 1.62 -36.33
C ALA D 73 4.20 1.23 -36.16
N GLU D 74 5.09 1.84 -36.93
CA GLU D 74 6.51 1.51 -36.82
C GLU D 74 7.33 2.60 -36.17
N ARG D 75 6.67 3.51 -35.45
CA ARG D 75 7.40 4.62 -34.82
C ARG D 75 7.75 4.42 -33.35
N GLY D 76 7.10 3.46 -32.70
CA GLY D 76 7.39 3.22 -31.30
C GLY D 76 6.60 4.15 -30.39
N VAL D 77 5.46 4.60 -30.89
CA VAL D 77 4.63 5.51 -30.12
C VAL D 77 3.28 4.91 -29.81
N GLY D 78 2.73 5.29 -28.67
CA GLY D 78 1.43 4.82 -28.26
C GLY D 78 0.62 6.09 -28.05
N MET D 79 -0.64 6.10 -28.47
CA MET D 79 -1.42 7.30 -28.30
C MET D 79 -2.79 7.05 -27.70
N VAL D 80 -3.18 7.92 -26.77
CA VAL D 80 -4.46 7.78 -26.11
C VAL D 80 -5.09 9.14 -25.80
N GLU D 151 3.73 -1.06 -23.46
CA GLU D 151 5.05 -0.48 -23.21
C GLU D 151 5.84 -0.27 -24.51
N PRO D 152 5.81 0.95 -25.06
CA PRO D 152 6.50 1.31 -26.30
C PRO D 152 7.83 2.01 -26.01
N SER D 153 7.76 3.32 -25.84
CA SER D 153 8.94 4.14 -25.55
C SER D 153 8.63 5.62 -25.42
N VAL D 154 7.48 6.02 -25.95
CA VAL D 154 7.04 7.41 -25.93
C VAL D 154 5.52 7.44 -25.94
N PHE D 155 4.93 8.25 -25.07
CA PHE D 155 3.49 8.35 -24.96
C PHE D 155 2.85 9.66 -25.44
N LEU D 156 1.72 9.54 -26.13
CA LEU D 156 1.00 10.68 -26.64
C LEU D 156 -0.44 10.67 -26.12
N LEU D 157 -0.83 11.72 -25.41
CA LEU D 157 -2.19 11.83 -24.85
C LEU D 157 -2.84 13.17 -25.21
N ASP D 158 -4.17 13.24 -25.18
CA ASP D 158 -4.85 14.48 -25.53
C ASP D 158 -6.00 14.79 -24.58
N GLU D 159 -5.78 15.76 -23.69
CA GLU D 159 -6.79 16.16 -22.71
C GLU D 159 -7.57 14.98 -22.11
N PRO D 160 -6.85 13.98 -21.57
CA PRO D 160 -7.47 12.80 -20.97
C PRO D 160 -8.43 13.06 -19.82
N LEU D 164 -14.01 14.53 -16.66
CA LEU D 164 -14.13 14.20 -15.24
C LEU D 164 -14.57 15.38 -14.38
N ASP D 165 -15.08 15.08 -13.19
CA ASP D 165 -15.50 16.12 -12.27
C ASP D 165 -14.21 16.71 -11.71
N ALA D 166 -14.27 17.97 -11.30
CA ALA D 166 -13.11 18.64 -10.74
C ALA D 166 -12.38 17.76 -9.72
N ALA D 167 -13.12 17.16 -8.81
CA ALA D 167 -12.55 16.30 -7.77
C ALA D 167 -11.76 15.14 -8.37
N LEU D 168 -12.34 14.47 -9.35
CA LEU D 168 -11.69 13.34 -10.01
C LEU D 168 -10.49 13.83 -10.81
N ARG D 169 -10.71 14.90 -11.56
CA ARG D 169 -9.68 15.52 -12.37
C ARG D 169 -8.43 15.74 -11.52
N VAL D 170 -8.64 16.18 -10.28
CA VAL D 170 -7.55 16.43 -9.35
C VAL D 170 -6.80 15.16 -8.92
N GLN D 171 -7.53 14.11 -8.56
CA GLN D 171 -6.92 12.86 -8.15
C GLN D 171 -6.20 12.19 -9.31
N MET D 172 -6.77 12.30 -10.50
CA MET D 172 -6.21 11.69 -11.68
C MET D 172 -4.81 12.26 -11.98
N ARG D 173 -4.65 13.56 -11.78
CA ARG D 173 -3.36 14.22 -12.01
C ARG D 173 -2.29 13.57 -11.15
N ILE D 174 -2.56 13.47 -9.85
CA ILE D 174 -1.64 12.85 -8.90
C ILE D 174 -1.34 11.43 -9.35
N GLU D 175 -2.37 10.72 -9.80
CA GLU D 175 -2.24 9.35 -10.26
C GLU D 175 -1.31 9.28 -11.47
N ILE D 176 -1.54 10.16 -12.44
CA ILE D 176 -0.73 10.19 -13.65
C ILE D 176 0.71 10.57 -13.31
N SER D 177 0.90 11.40 -12.29
CA SER D 177 2.24 11.79 -11.88
C SER D 177 2.96 10.59 -11.33
N ARG D 178 2.33 9.92 -10.38
CA ARG D 178 2.91 8.73 -9.77
C ARG D 178 3.22 7.72 -10.86
N LEU D 179 2.24 7.46 -11.71
CA LEU D 179 2.40 6.52 -12.80
C LEU D 179 3.68 6.83 -13.58
N HIS D 180 3.92 8.12 -13.82
CA HIS D 180 5.10 8.57 -14.55
C HIS D 180 6.39 8.32 -13.76
N LYS D 181 6.28 8.40 -12.43
CA LYS D 181 7.45 8.16 -11.59
C LYS D 181 7.84 6.69 -11.67
N ARG D 182 6.87 5.80 -11.52
CA ARG D 182 7.15 4.37 -11.61
C ARG D 182 7.82 4.09 -12.94
N LEU D 183 7.02 3.90 -13.98
CA LEU D 183 7.59 3.67 -15.29
C LEU D 183 8.12 5.02 -15.75
N GLY D 184 9.34 5.05 -16.25
CA GLY D 184 9.92 6.31 -16.69
C GLY D 184 9.99 6.48 -18.18
N ARG D 185 8.85 6.35 -18.85
CA ARG D 185 8.81 6.48 -20.29
C ARG D 185 8.53 7.93 -20.70
N THR D 186 8.74 8.22 -21.98
CA THR D 186 8.50 9.57 -22.50
C THR D 186 7.00 9.79 -22.67
N MET D 187 6.53 10.95 -22.24
CA MET D 187 5.12 11.27 -22.33
C MET D 187 4.88 12.70 -22.81
N ILE D 188 4.07 12.84 -23.84
CA ILE D 188 3.71 14.15 -24.36
C ILE D 188 2.22 14.30 -24.04
N TYR D 189 1.92 15.23 -23.14
CA TYR D 189 0.56 15.49 -22.65
C TYR D 189 0.05 16.82 -23.18
N VAL D 190 -1.25 16.88 -23.49
CA VAL D 190 -1.87 18.09 -24.02
C VAL D 190 -3.09 18.58 -23.22
N THR D 191 -3.12 19.87 -22.89
CA THR D 191 -4.24 20.46 -22.14
C THR D 191 -4.43 21.91 -22.59
N HIS D 192 -5.48 22.53 -22.05
CA HIS D 192 -5.76 23.93 -22.34
C HIS D 192 -5.70 24.57 -20.97
N ASP D 193 -5.54 23.72 -19.95
CA ASP D 193 -5.48 24.15 -18.55
C ASP D 193 -4.06 24.33 -18.00
N GLN D 194 -3.64 25.58 -17.84
CA GLN D 194 -2.33 25.88 -17.32
C GLN D 194 -2.00 25.14 -16.01
N VAL D 195 -3.00 24.94 -15.16
CA VAL D 195 -2.78 24.24 -13.90
C VAL D 195 -2.31 22.80 -14.11
N GLU D 196 -2.93 22.08 -15.04
CA GLU D 196 -2.52 20.71 -15.30
C GLU D 196 -1.07 20.70 -15.75
N ALA D 197 -0.74 21.69 -16.58
CA ALA D 197 0.61 21.82 -17.10
C ALA D 197 1.59 21.99 -15.95
N MET D 198 1.38 23.04 -15.17
CA MET D 198 2.24 23.32 -14.03
C MET D 198 2.44 22.12 -13.11
N THR D 199 1.38 21.34 -12.95
CA THR D 199 1.36 20.20 -12.06
C THR D 199 2.02 18.94 -12.57
N LEU D 200 1.90 18.67 -13.87
CA LEU D 200 2.43 17.45 -14.43
C LEU D 200 3.79 17.43 -15.08
N ALA D 201 4.08 18.48 -15.83
CA ALA D 201 5.30 18.57 -16.64
C ALA D 201 6.68 18.73 -16.02
N ASP D 202 7.66 18.26 -16.79
CA ASP D 202 9.05 18.41 -16.43
C ASP D 202 9.41 19.60 -17.28
N LYS D 203 8.76 19.64 -18.44
CA LYS D 203 8.96 20.69 -19.41
C LYS D 203 7.63 21.06 -20.06
N ILE D 204 7.32 22.36 -20.09
CA ILE D 204 6.08 22.81 -20.72
C ILE D 204 6.39 23.55 -22.01
N VAL D 205 5.55 23.34 -23.01
CA VAL D 205 5.72 24.08 -24.25
C VAL D 205 4.38 24.78 -24.49
N VAL D 206 4.44 26.11 -24.48
CA VAL D 206 3.26 26.95 -24.67
C VAL D 206 3.05 27.26 -26.16
N LEU D 207 1.85 26.96 -26.65
CA LEU D 207 1.54 27.22 -28.05
C LEU D 207 0.57 28.37 -28.22
N ASP D 208 0.85 29.23 -29.18
CA ASP D 208 -0.01 30.37 -29.46
C ASP D 208 -0.21 30.45 -30.96
N ALA D 209 -1.45 30.27 -31.38
CA ALA D 209 -1.79 30.33 -32.80
C ALA D 209 -0.84 29.51 -33.67
N GLY D 210 -0.42 28.35 -33.18
CA GLY D 210 0.46 27.51 -33.98
C GLY D 210 1.95 27.72 -33.78
N ARG D 211 2.33 28.81 -33.13
CA ARG D 211 3.75 29.03 -32.90
C ARG D 211 4.13 28.62 -31.46
N VAL D 212 5.40 28.34 -31.25
CA VAL D 212 5.83 28.00 -29.91
C VAL D 212 6.22 29.29 -29.24
N ALA D 213 5.38 29.76 -28.32
CA ALA D 213 5.65 31.00 -27.61
C ALA D 213 6.84 30.86 -26.68
N GLN D 214 7.01 29.66 -26.10
CA GLN D 214 8.12 29.40 -25.18
C GLN D 214 8.19 27.94 -24.70
N VAL D 215 9.39 27.49 -24.33
CA VAL D 215 9.56 26.15 -23.81
C VAL D 215 10.39 26.26 -22.53
N GLY D 216 10.04 25.47 -21.52
CA GLY D 216 10.80 25.53 -20.28
C GLY D 216 10.11 24.95 -19.07
N LYS D 217 10.86 24.86 -17.98
CA LYS D 217 10.33 24.32 -16.74
C LYS D 217 9.21 25.24 -16.24
N PRO D 218 8.24 24.67 -15.51
CA PRO D 218 7.11 25.45 -15.00
C PRO D 218 7.52 26.75 -14.33
N LEU D 219 8.46 26.68 -13.41
CA LEU D 219 8.89 27.90 -12.74
C LEU D 219 9.57 28.89 -13.70
N GLU D 220 10.16 28.38 -14.77
CA GLU D 220 10.80 29.24 -15.75
C GLU D 220 9.73 30.07 -16.45
N LEU D 221 8.68 29.38 -16.89
CA LEU D 221 7.56 30.02 -17.54
C LEU D 221 6.81 30.96 -16.59
N TYR D 222 6.81 30.62 -15.31
CA TYR D 222 6.13 31.42 -14.31
C TYR D 222 6.88 32.67 -13.87
N HIS D 223 8.18 32.52 -13.63
CA HIS D 223 8.98 33.65 -13.21
C HIS D 223 9.43 34.49 -14.40
N TYR D 224 9.66 33.83 -15.52
CA TYR D 224 10.17 34.52 -16.68
C TYR D 224 9.44 34.25 -17.96
N PRO D 225 8.21 34.76 -18.10
CA PRO D 225 7.53 34.48 -19.38
C PRO D 225 8.27 35.25 -20.46
N ALA D 226 8.42 34.66 -21.64
CA ALA D 226 9.12 35.31 -22.73
C ALA D 226 8.37 36.52 -23.33
N ASP D 227 7.04 36.48 -23.27
CA ASP D 227 6.24 37.57 -23.80
C ASP D 227 4.91 37.68 -23.08
N ARG D 228 4.15 38.70 -23.45
CA ARG D 228 2.87 38.95 -22.84
C ARG D 228 1.94 37.73 -22.90
N PHE D 229 1.94 37.03 -24.04
CA PHE D 229 1.08 35.86 -24.17
C PHE D 229 1.35 34.82 -23.07
N VAL D 230 2.60 34.41 -22.94
CA VAL D 230 2.94 33.43 -21.92
C VAL D 230 2.63 33.97 -20.54
N ALA D 231 2.92 35.24 -20.35
CA ALA D 231 2.70 35.89 -19.06
C ALA D 231 1.24 35.89 -18.61
N GLY D 232 0.32 35.91 -19.57
CA GLY D 232 -1.09 35.93 -19.21
C GLY D 232 -1.75 34.57 -19.33
N PHE D 233 -0.97 33.56 -19.66
CA PHE D 233 -1.54 32.24 -19.82
C PHE D 233 -1.22 31.36 -18.62
N ILE D 234 -0.07 31.59 -18.02
CA ILE D 234 0.33 30.82 -16.87
C ILE D 234 0.10 31.65 -15.62
N GLY D 235 -0.79 31.15 -14.76
CA GLY D 235 -1.12 31.84 -13.53
C GLY D 235 -2.64 31.85 -13.31
N SER D 236 -3.12 31.06 -12.35
CA SER D 236 -4.55 30.94 -12.01
C SER D 236 -5.31 32.25 -12.25
N PRO D 237 -5.26 33.23 -11.32
CA PRO D 237 -5.99 34.47 -11.67
C PRO D 237 -4.95 35.26 -12.48
N LYS D 238 -5.30 35.66 -13.69
CA LYS D 238 -4.39 36.37 -14.59
C LYS D 238 -3.53 37.51 -14.02
N MET D 239 -2.33 37.65 -14.57
CA MET D 239 -1.39 38.68 -14.15
C MET D 239 -1.94 40.09 -14.47
N ASN D 240 -1.66 41.04 -13.59
CA ASN D 240 -2.12 42.40 -13.84
C ASN D 240 -1.22 43.06 -14.85
N PHE D 241 -1.79 43.95 -15.65
CA PHE D 241 -1.04 44.67 -16.67
C PHE D 241 -1.30 46.17 -16.63
N LEU D 242 -0.27 46.95 -16.32
CA LEU D 242 -0.43 48.39 -16.25
C LEU D 242 0.32 49.02 -17.41
N PRO D 243 -0.37 49.89 -18.17
CA PRO D 243 0.28 50.56 -19.29
C PRO D 243 1.21 51.61 -18.70
N VAL D 244 2.49 51.52 -19.03
CA VAL D 244 3.46 52.48 -18.52
C VAL D 244 4.32 53.08 -19.63
N LYS D 245 5.03 54.15 -19.25
CA LYS D 245 5.88 54.89 -20.19
C LYS D 245 7.30 54.90 -19.62
N VAL D 246 8.26 54.39 -20.38
CA VAL D 246 9.64 54.39 -19.89
C VAL D 246 10.23 55.78 -19.90
N THR D 247 10.78 56.15 -18.75
CA THR D 247 11.35 57.46 -18.56
C THR D 247 12.87 57.48 -18.39
N ALA D 248 13.49 56.31 -18.40
CA ALA D 248 14.93 56.25 -18.22
C ALA D 248 15.45 54.81 -18.25
N THR D 249 16.67 54.64 -18.77
CA THR D 249 17.27 53.32 -18.82
C THR D 249 18.67 53.35 -18.23
N ALA D 250 19.21 52.16 -18.05
CA ALA D 250 20.54 51.97 -17.48
C ALA D 250 20.93 50.56 -17.77
N ILE D 251 22.03 50.11 -17.18
CA ILE D 251 22.45 48.75 -17.41
C ILE D 251 21.75 47.89 -16.37
N ASP D 252 21.08 46.87 -16.86
CA ASP D 252 20.35 45.98 -15.97
C ASP D 252 19.36 46.75 -15.09
N GLN D 253 18.67 47.72 -15.69
CA GLN D 253 17.70 48.51 -14.95
C GLN D 253 16.95 49.48 -15.87
N VAL D 254 15.62 49.50 -15.73
CA VAL D 254 14.78 50.37 -16.53
C VAL D 254 13.83 51.13 -15.62
N GLN D 255 13.64 52.41 -15.88
CA GLN D 255 12.73 53.20 -15.06
C GLN D 255 11.52 53.54 -15.88
N VAL D 256 10.34 53.43 -15.28
CA VAL D 256 9.10 53.72 -15.98
C VAL D 256 8.18 54.56 -15.10
N GLU D 257 7.20 55.22 -15.70
CA GLU D 257 6.28 55.99 -14.90
C GLU D 257 4.90 55.34 -14.98
N LEU D 258 4.28 55.19 -13.81
CA LEU D 258 2.97 54.58 -13.70
C LEU D 258 1.91 55.50 -14.27
N PRO D 259 0.91 54.92 -14.94
CA PRO D 259 -0.21 55.67 -15.56
C PRO D 259 -0.95 56.54 -14.56
N MET D 260 -0.55 56.44 -13.30
CA MET D 260 -1.17 57.22 -12.24
C MET D 260 -1.06 58.70 -12.54
N PRO D 261 -2.14 59.47 -12.35
CA PRO D 261 -1.98 60.90 -12.64
C PRO D 261 -0.95 61.45 -11.65
N ASN D 262 -0.41 60.52 -10.86
CA ASN D 262 0.63 60.80 -9.87
C ASN D 262 1.96 60.50 -10.57
N ARG D 263 1.86 59.84 -11.71
CA ARG D 263 2.98 59.46 -12.56
C ARG D 263 4.25 59.08 -11.80
N GLN D 264 4.09 58.35 -10.71
CA GLN D 264 5.24 57.92 -9.92
C GLN D 264 6.20 57.11 -10.78
N GLN D 265 7.49 57.40 -10.64
CA GLN D 265 8.50 56.69 -11.43
C GLN D 265 9.17 55.60 -10.60
N VAL D 266 9.33 54.43 -11.21
CA VAL D 266 9.92 53.28 -10.52
C VAL D 266 10.97 52.56 -11.34
N TRP D 267 12.07 52.19 -10.71
CA TRP D 267 13.10 51.45 -11.41
C TRP D 267 12.79 49.96 -11.32
N LEU D 268 12.90 49.27 -12.44
CA LEU D 268 12.63 47.84 -12.49
C LEU D 268 13.87 47.08 -12.91
N PRO D 269 14.30 46.11 -12.11
CA PRO D 269 15.50 45.35 -12.44
C PRO D 269 15.30 44.47 -13.66
N VAL D 270 15.02 45.09 -14.81
CA VAL D 270 14.82 44.35 -16.05
C VAL D 270 15.87 44.61 -17.10
N GLU D 271 16.07 43.59 -17.92
CA GLU D 271 17.02 43.56 -19.02
C GLU D 271 17.50 44.88 -19.56
N SER D 272 16.58 45.73 -20.02
CA SER D 272 16.95 47.04 -20.58
C SER D 272 17.50 46.99 -22.00
N ARG D 273 17.46 45.82 -22.63
CA ARG D 273 17.93 45.65 -24.00
C ARG D 273 17.15 46.59 -24.90
N ASP D 274 16.60 46.06 -25.99
CA ASP D 274 15.85 46.88 -26.93
C ASP D 274 14.75 47.73 -26.26
N VAL D 275 15.14 48.82 -25.61
CA VAL D 275 14.18 49.69 -24.92
C VAL D 275 14.61 51.16 -24.87
N GLN D 276 13.83 52.02 -25.52
CA GLN D 276 14.17 53.44 -25.56
C GLN D 276 13.23 54.29 -24.72
N VAL D 277 13.78 55.37 -24.17
CA VAL D 277 13.02 56.30 -23.37
C VAL D 277 11.79 56.81 -24.13
N GLY D 278 10.68 56.96 -23.43
CA GLY D 278 9.47 57.46 -24.06
C GLY D 278 8.60 56.35 -24.64
N ALA D 279 9.15 55.15 -24.75
CA ALA D 279 8.40 54.02 -25.27
C ALA D 279 7.25 53.64 -24.33
N ASN D 280 6.17 53.16 -24.91
CA ASN D 280 5.03 52.75 -24.14
C ASN D 280 5.17 51.26 -23.91
N MET D 281 5.06 50.85 -22.66
CA MET D 281 5.19 49.45 -22.33
C MET D 281 4.11 48.95 -21.37
N SER D 282 4.16 47.65 -21.12
CA SER D 282 3.20 47.01 -20.23
C SER D 282 3.90 46.49 -18.99
N LEU D 283 3.50 47.01 -17.82
CA LEU D 283 4.07 46.54 -16.56
C LEU D 283 3.21 45.39 -16.07
N GLY D 284 3.85 44.26 -15.78
CA GLY D 284 3.14 43.08 -15.31
C GLY D 284 3.42 42.68 -13.86
N ILE D 285 2.36 42.49 -13.09
CA ILE D 285 2.51 42.11 -11.69
C ILE D 285 1.41 41.11 -11.33
N ARG D 286 1.81 39.96 -10.82
CA ARG D 286 0.86 38.91 -10.45
C ARG D 286 0.12 39.28 -9.19
N PRO D 287 -1.17 38.87 -9.11
CA PRO D 287 -1.99 39.16 -7.93
C PRO D 287 -1.33 38.74 -6.63
N GLU D 288 -0.71 37.56 -6.61
CA GLU D 288 -0.05 37.02 -5.41
C GLU D 288 1.15 37.83 -5.01
N HIS D 289 1.70 38.58 -5.95
CA HIS D 289 2.87 39.32 -5.62
C HIS D 289 2.71 40.77 -5.21
N LEU D 290 1.48 41.26 -5.19
CA LEU D 290 1.25 42.61 -4.75
C LEU D 290 1.42 42.51 -3.24
N LEU D 291 1.81 43.61 -2.60
CA LEU D 291 2.06 43.60 -1.17
C LEU D 291 0.95 44.24 -0.33
N PRO D 292 0.85 43.81 0.94
CA PRO D 292 -0.15 44.31 1.88
C PRO D 292 -0.31 45.82 2.00
N SER D 293 0.77 46.56 1.73
CA SER D 293 0.78 48.03 1.80
C SER D 293 1.53 48.54 3.02
N ASP D 294 1.58 47.73 4.07
CA ASP D 294 2.32 48.10 5.27
C ASP D 294 3.70 48.42 4.75
N ILE D 295 4.03 47.78 3.63
CA ILE D 295 5.29 47.96 2.95
C ILE D 295 5.09 49.10 1.95
N ALA D 296 5.52 50.30 2.32
CA ALA D 296 5.38 51.46 1.47
C ALA D 296 6.12 51.27 0.15
N ASP D 297 6.71 52.35 -0.35
CA ASP D 297 7.44 52.30 -1.62
C ASP D 297 6.52 51.86 -2.74
N VAL D 298 6.00 52.82 -3.49
CA VAL D 298 5.11 52.54 -4.60
C VAL D 298 3.82 51.90 -4.09
N ILE D 299 2.82 52.73 -3.86
CA ILE D 299 1.54 52.27 -3.37
C ILE D 299 0.43 52.60 -4.35
N LEU D 300 -0.54 51.70 -4.43
CA LEU D 300 -1.70 51.92 -5.29
C LEU D 300 -2.91 51.78 -4.37
N GLU D 301 -3.78 52.79 -4.40
CA GLU D 301 -4.97 52.80 -3.56
C GLU D 301 -6.18 52.90 -4.50
N GLY D 302 -7.28 52.26 -4.13
CA GLY D 302 -8.46 52.28 -4.97
C GLY D 302 -9.74 51.82 -4.29
N GLU D 303 -10.79 51.65 -5.08
CA GLU D 303 -12.08 51.22 -4.55
C GLU D 303 -12.38 49.77 -4.88
N VAL D 304 -12.71 49.02 -3.83
CA VAL D 304 -13.00 47.60 -4.00
C VAL D 304 -14.25 47.38 -4.85
N GLN D 305 -14.09 46.61 -5.93
CA GLN D 305 -15.20 46.31 -6.81
C GLN D 305 -15.77 44.95 -6.48
N VAL D 306 -14.87 44.00 -6.20
CA VAL D 306 -15.27 42.64 -5.91
C VAL D 306 -14.40 42.02 -4.84
N VAL D 307 -15.00 41.20 -3.99
CA VAL D 307 -14.25 40.49 -2.95
C VAL D 307 -14.64 39.03 -2.98
N GLU D 308 -13.68 38.15 -3.23
CA GLU D 308 -13.97 36.73 -3.26
C GLU D 308 -13.39 35.98 -2.07
N GLN D 309 -14.24 35.60 -1.12
CA GLN D 309 -13.79 34.84 0.04
C GLN D 309 -13.72 33.36 -0.40
N LEU D 310 -12.55 32.74 -0.29
CA LEU D 310 -12.40 31.36 -0.71
C LEU D 310 -11.91 30.46 0.41
N GLY D 311 -11.92 30.99 1.62
CA GLY D 311 -11.51 30.20 2.75
C GLY D 311 -10.02 30.15 2.89
N ASN D 312 -9.33 29.60 1.89
CA ASN D 312 -7.87 29.51 1.95
C ASN D 312 -7.22 30.85 1.63
N GLU D 313 -7.90 31.68 0.84
CA GLU D 313 -7.38 32.98 0.44
C GLU D 313 -8.53 33.92 0.11
N THR D 314 -8.19 35.17 -0.17
CA THR D 314 -9.19 36.18 -0.54
C THR D 314 -8.72 36.92 -1.77
N GLN D 315 -9.53 36.94 -2.83
CA GLN D 315 -9.20 37.66 -4.03
C GLN D 315 -10.00 38.98 -4.05
N ILE D 316 -9.29 40.10 -4.06
CA ILE D 316 -9.88 41.43 -4.04
C ILE D 316 -9.67 42.17 -5.34
N HIS D 317 -10.76 42.58 -5.98
CA HIS D 317 -10.67 43.35 -7.22
C HIS D 317 -10.74 44.83 -6.88
N ILE D 318 -9.74 45.60 -7.30
CA ILE D 318 -9.72 47.03 -6.98
C ILE D 318 -9.72 47.94 -8.18
N GLN D 319 -10.38 49.08 -8.02
CA GLN D 319 -10.45 50.11 -9.06
C GLN D 319 -9.47 51.18 -8.66
N ILE D 320 -8.35 51.26 -9.38
CA ILE D 320 -7.35 52.27 -9.08
C ILE D 320 -7.66 53.50 -9.92
N PRO D 321 -7.95 54.63 -9.25
CA PRO D 321 -8.27 55.90 -9.90
C PRO D 321 -7.48 56.11 -11.17
N SER D 322 -6.17 55.93 -11.05
CA SER D 322 -5.26 56.08 -12.16
C SER D 322 -5.56 55.07 -13.26
N ILE D 323 -6.56 55.38 -14.08
CA ILE D 323 -6.97 54.51 -15.17
C ILE D 323 -7.59 53.20 -14.68
N ARG D 324 -8.84 53.00 -15.07
CA ARG D 324 -9.62 51.82 -14.71
C ARG D 324 -8.77 50.57 -14.54
N GLN D 325 -8.79 49.73 -15.57
CA GLN D 325 -8.03 48.48 -15.59
C GLN D 325 -8.66 47.45 -14.66
N ASN D 326 -9.66 47.88 -13.90
CA ASN D 326 -9.11 46.92 -12.28
C ASN D 326 -8.02 45.93 -11.87
N LEU D 327 -7.33 46.26 -10.78
CA LEU D 327 -6.23 45.46 -10.25
C LEU D 327 -6.70 44.30 -9.36
N VAL D 328 -6.35 43.08 -9.73
CA VAL D 328 -6.72 41.91 -8.93
C VAL D 328 -5.65 41.55 -7.89
N TYR D 329 -6.03 41.45 -6.63
CA TYR D 329 -5.11 41.16 -5.56
C TYR D 329 -5.42 39.87 -4.80
N ARG D 330 -4.39 39.10 -4.44
CA ARG D 330 -4.57 37.85 -3.70
C ARG D 330 -3.81 37.88 -2.39
N GLN D 331 -4.54 37.78 -1.28
CA GLN D 331 -3.89 37.73 0.03
C GLN D 331 -4.32 36.39 0.65
N ASN D 332 -3.42 35.78 1.40
CA ASN D 332 -3.72 34.50 2.00
C ASN D 332 -4.70 34.56 3.16
N ASP D 333 -5.46 33.49 3.31
CA ASP D 333 -6.47 33.36 4.36
C ASP D 333 -7.62 34.34 4.10
N VAL D 334 -8.41 34.60 5.13
CA VAL D 334 -9.56 35.48 5.02
C VAL D 334 -9.17 36.93 5.26
N VAL D 335 -9.67 37.81 4.40
CA VAL D 335 -9.41 39.24 4.51
C VAL D 335 -10.74 39.94 4.53
N LEU D 336 -11.02 40.66 5.60
CA LEU D 336 -12.31 41.33 5.73
C LEU D 336 -12.43 42.74 5.16
N VAL D 337 -12.86 42.82 3.90
CA VAL D 337 -13.05 44.11 3.26
C VAL D 337 -14.37 44.05 2.51
N GLU D 338 -15.08 45.16 2.50
CA GLU D 338 -16.37 45.24 1.83
C GLU D 338 -16.22 45.98 0.51
N GLU D 339 -17.03 45.62 -0.49
CA GLU D 339 -16.98 46.29 -1.77
C GLU D 339 -17.25 47.77 -1.50
N GLY D 340 -16.64 48.65 -2.27
CA GLY D 340 -16.85 50.07 -2.06
C GLY D 340 -15.82 50.65 -1.11
N ALA D 341 -15.15 49.78 -0.35
CA ALA D 341 -14.13 50.23 0.58
C ALA D 341 -12.90 50.71 -0.20
N THR D 342 -12.07 51.53 0.45
CA THR D 342 -10.86 52.00 -0.19
C THR D 342 -9.74 51.11 0.34
N PHE D 343 -9.11 50.37 -0.57
CA PHE D 343 -8.03 49.45 -0.23
C PHE D 343 -6.74 49.87 -0.93
N ALA D 344 -5.61 49.66 -0.27
CA ALA D 344 -4.32 50.00 -0.86
C ALA D 344 -3.40 48.78 -0.88
N ILE D 345 -2.49 48.75 -1.85
CA ILE D 345 -1.54 47.65 -1.97
C ILE D 345 -0.18 48.18 -2.40
N GLY D 346 0.86 47.37 -2.19
CA GLY D 346 2.21 47.76 -2.57
C GLY D 346 2.68 47.12 -3.86
N LEU D 347 3.46 47.87 -4.64
CA LEU D 347 3.98 47.37 -5.90
C LEU D 347 5.45 47.08 -5.73
N PRO D 348 5.82 45.80 -5.69
CA PRO D 348 7.22 45.40 -5.52
C PRO D 348 7.98 45.34 -6.84
N PRO D 349 8.96 46.24 -7.01
CA PRO D 349 9.77 46.31 -8.23
C PRO D 349 10.40 44.98 -8.63
N GLU D 350 11.03 44.28 -7.69
CA GLU D 350 11.69 43.01 -8.01
C GLU D 350 10.74 41.98 -8.55
N ARG D 351 9.45 42.22 -8.40
CA ARG D 351 8.46 41.26 -8.86
C ARG D 351 7.76 41.62 -10.16
N CYS D 352 8.00 42.82 -10.67
CA CYS D 352 7.38 43.26 -11.92
C CYS D 352 7.96 42.68 -13.23
N HIS D 353 7.14 42.69 -14.27
CA HIS D 353 7.53 42.24 -15.60
C HIS D 353 7.33 43.46 -16.48
N LEU D 354 8.05 43.50 -17.60
CA LEU D 354 7.94 44.62 -18.53
C LEU D 354 7.93 44.14 -19.96
N PHE D 355 6.89 44.52 -20.70
CA PHE D 355 6.81 44.09 -22.07
C PHE D 355 6.82 45.28 -23.04
N ARG D 356 7.61 45.13 -24.09
CA ARG D 356 7.74 46.14 -25.12
C ARG D 356 6.44 46.11 -25.90
N GLU D 357 6.20 47.12 -26.73
CA GLU D 357 4.99 47.21 -27.51
C GLU D 357 4.75 45.98 -28.38
N ASP D 358 5.84 45.35 -28.81
CA ASP D 358 5.72 44.16 -29.63
C ASP D 358 5.34 42.95 -28.77
N GLY D 359 5.15 43.20 -27.48
CA GLY D 359 4.77 42.15 -26.57
C GLY D 359 5.89 41.30 -25.97
N THR D 360 7.12 41.47 -26.45
CA THR D 360 8.22 40.69 -25.91
C THR D 360 8.60 41.20 -24.54
N ALA D 361 9.19 40.33 -23.72
CA ALA D 361 9.58 40.72 -22.37
C ALA D 361 11.02 41.17 -22.17
N CYS D 362 11.22 42.08 -21.24
CA CYS D 362 12.55 42.56 -20.92
C CYS D 362 13.01 41.64 -19.79
N ARG D 363 13.77 40.60 -20.13
CA ARG D 363 14.25 39.63 -19.15
C ARG D 363 14.45 40.14 -17.74
N ARG D 364 13.77 39.52 -16.79
CA ARG D 364 13.89 39.94 -15.40
C ARG D 364 15.27 39.56 -14.88
N LEU D 365 15.89 40.46 -14.12
CA LEU D 365 17.21 40.20 -13.56
C LEU D 365 17.16 39.72 -12.12
N HIS D 366 16.02 39.92 -11.46
CA HIS D 366 15.87 39.47 -10.09
C HIS D 366 15.87 37.93 -10.07
N LYS D 367 16.77 37.36 -9.29
CA LYS D 367 16.84 35.90 -9.18
C LYS D 367 15.64 35.37 -8.40
N GLU D 368 14.97 34.37 -8.95
CA GLU D 368 13.83 33.75 -8.30
C GLU D 368 14.17 32.30 -7.94
N PRO D 369 13.68 31.82 -6.78
CA PRO D 369 13.93 30.46 -6.31
C PRO D 369 13.26 29.38 -7.15
N GLY D 370 13.98 28.27 -7.39
CA GLY D 370 13.41 27.19 -8.16
C GLY D 370 13.79 27.18 -9.61
N VAL D 371 14.57 28.16 -10.02
CA VAL D 371 15.01 28.25 -11.40
C VAL D 371 16.53 28.37 -11.46
N ALA D 372 17.16 27.50 -12.22
CA ALA D 372 18.60 27.56 -12.34
C ALA D 372 19.00 28.88 -12.94
N SER D 373 19.95 29.54 -12.30
CA SER D 373 20.46 30.82 -12.77
C SER D 373 20.85 30.67 -14.23
MG MG E . -6.39 -26.73 19.31
PB ADP F . -4.78 -28.29 22.59
O1B ADP F . -3.55 -27.82 23.29
O2B ADP F . -5.58 -27.12 21.92
O3B ADP F . -4.59 -29.40 21.63
PA ADP F . -7.13 -28.50 24.18
O1A ADP F . -8.21 -29.21 23.44
O2A ADP F . -7.18 -27.86 25.53
O3A ADP F . -5.69 -28.92 23.73
O5' ADP F . -7.16 -29.99 24.84
C5' ADP F . -6.28 -30.41 25.94
C4' ADP F . -6.72 -31.66 26.75
O4' ADP F . -7.95 -31.44 27.49
C3' ADP F . -6.94 -32.97 25.95
O3' ADP F . -5.79 -33.80 26.21
C2' ADP F . -8.26 -33.56 26.49
O2' ADP F . -8.06 -34.76 27.25
C1' ADP F . -8.87 -32.51 27.40
N9 ADP F . -10.21 -32.02 26.93
C8 ADP F . -10.47 -30.99 26.09
N7 ADP F . -11.78 -30.79 25.88
C5 ADP F . -12.37 -31.75 26.63
C6 ADP F . -13.77 -32.08 26.84
N6 ADP F . -14.78 -31.46 26.32
N1 ADP F . -13.98 -33.15 27.69
C2 ADP F . -12.95 -33.86 28.29
N3 ADP F . -11.65 -33.57 28.12
C4 ADP F . -11.41 -32.53 27.28
MG MG G . -2.68 -32.25 -2.83
PB ADP H . -1.66 -30.43 -5.52
O1B ADP H . -0.47 -29.85 -6.20
O2B ADP H . -1.39 -31.84 -4.90
O3B ADP H . -2.27 -29.56 -4.51
PA ADP H . -3.54 -31.88 -7.09
O1A ADP H . -4.83 -32.04 -6.38
O2A ADP H . -3.09 -32.44 -8.40
O3A ADP H . -2.78 -30.58 -6.64
O5' ADP H . -4.53 -30.88 -7.91
C5' ADP H . -4.12 -30.10 -9.08
C4' ADP H . -5.22 -29.29 -9.77
O4' ADP H . -6.08 -30.07 -10.65
C3' ADP H . -6.18 -28.49 -8.89
O3' ADP H . -6.19 -27.14 -9.36
C2' ADP H . -7.53 -29.24 -9.00
O2' ADP H . -8.68 -28.39 -9.04
C1' ADP H . -7.45 -30.03 -10.29
N9 ADP H . -8.08 -31.42 -10.15
C8 ADP H . -7.66 -32.46 -9.38
N7 ADP H . -8.46 -33.55 -9.49
C5 ADP H . -9.42 -33.17 -10.37
C6 ADP H . -10.57 -33.89 -10.90
N6 ADP H . -10.91 -35.09 -10.63
N1 ADP H . -11.33 -33.15 -11.79
C2 ADP H . -11.02 -31.84 -12.14
N3 ADP H . -9.97 -31.17 -11.66
C4 ADP H . -9.20 -31.86 -10.79
MG MG I . -26.28 17.10 -14.00
PB ADP J . -26.63 14.99 -10.57
O1B ADP J . -26.13 15.10 -9.16
O2B ADP J . -27.31 16.32 -11.06
O3B ADP J . -25.61 14.51 -11.53
PA ADP J . -29.29 13.91 -10.90
O1A ADP J . -29.61 13.38 -12.27
O2A ADP J . -30.19 14.03 -9.73
O3A ADP J . -27.75 13.85 -10.53
O5' ADP J . -29.21 12.30 -10.72
C5' ADP J . -28.90 11.64 -9.44
C4' ADP J . -29.00 10.10 -9.46
O4' ADP J . -30.40 9.70 -9.48
C3' ADP J . -28.41 9.36 -10.69
O3' ADP J . -27.00 9.18 -10.46
C2' ADP J . -29.25 8.07 -10.73
O2' ADP J . -28.73 7.01 -9.93
C1' ADP J . -30.62 8.50 -10.20
N9 ADP J . -31.62 8.72 -11.33
C8 ADP J . -31.86 9.87 -12.02
N7 ADP J . -32.81 9.74 -12.96
C5 ADP J . -33.20 8.44 -12.86
C6 ADP J . -34.19 7.68 -13.59
N6 ADP J . -34.94 8.12 -14.53
N1 ADP J . -34.30 6.36 -13.18
C2 ADP J . -33.53 5.79 -12.17
N3 ADP J . -32.62 6.48 -11.49
C4 ADP J . -32.48 7.78 -11.86
MG MG K . -7.87 19.13 -29.92
PB ADP L . -6.16 22.03 -30.64
O1B ADP L . -5.12 22.95 -30.05
O2B ADP L . -5.92 20.53 -30.25
O3B ADP L . -7.58 22.43 -30.35
PA ADP L . -5.64 21.09 -33.33
O1A ADP L . -6.83 20.36 -33.89
O2A ADP L . -4.30 21.26 -34.00
O3A ADP L . -5.98 22.17 -32.23
O5' ADP L . -6.30 22.23 -34.31
C5' ADP L . -5.73 23.59 -34.48
C4' ADP L . -6.15 24.36 -35.76
O4' ADP L . -5.74 23.62 -36.94
C3' ADP L . -7.67 24.62 -35.96
O3' ADP L . -7.94 25.94 -35.43
C2' ADP L . -7.87 24.49 -37.49
O2' ADP L . -7.88 25.76 -38.17
C1' ADP L . -6.69 23.66 -37.99
N9 ADP L . -7.08 22.25 -38.38
C8 ADP L . -7.24 21.18 -37.55
N7 ADP L . -7.58 20.05 -38.22
C5 ADP L . -7.64 20.43 -39.52
C6 ADP L . -7.94 19.68 -40.72
N6 ADP L . -8.23 18.44 -40.78
N1 ADP L . -7.90 20.43 -41.88
C2 ADP L . -7.58 21.79 -41.90
N3 ADP L . -7.29 22.50 -40.81
C4 ADP L . -7.33 21.79 -39.65
#